data_6A3E
#
_entry.id   6A3E
#
_cell.length_a   105.688
_cell.length_b   105.688
_cell.length_c   303.049
_cell.angle_alpha   90.000
_cell.angle_beta   90.000
_cell.angle_gamma   90.000
#
_symmetry.space_group_name_H-M   'P 43 21 2'
#
loop_
_entity.id
_entity.type
_entity.pdbx_description
1 polymer 'GTP-binding nuclear protein Ran'
2 polymer 'Ran-specific GTPase-activating protein 1'
3 polymer Exportin-1
4 polymer 'MVM NES mutant Nm15'
5 non-polymer "GUANOSINE-5'-TRIPHOSPHATE"
6 non-polymer 'MAGNESIUM ION'
7 water water
#
loop_
_entity_poly.entity_id
_entity_poly.type
_entity_poly.pdbx_seq_one_letter_code
_entity_poly.pdbx_strand_id
1 'polypeptide(L)'
;GSSHHHHHHSSGLVPRGSHMAAQGEPQVQFKLVLVGDGGTGKTTFVKRHLTGEFEKKYVATLGVEVHPLVFHTNRGPIKF
NVWDTAGQEKFGGLRDGYYIQAQCAIIMFDVTSRVTYKNVPNWHRDLVRVCENIPIVLCGNKVDIKDRKVKAKSIVFHRK
KNLQYYDISAKSNYNFEKPFLWLARKLIGDPNLEFVAMPALAPPEVVMDPALAAQAEHDLEVAQTTALPDEDDDL
;
A
2 'polypeptide(L)'
;GGSDIHFEPVVHLEKVDVKTMEEDEEVLYKVRAKLFRFDADAKEWKERGTGDCKFLKNKKTNKVRILMRRDKTLKICANH
IIAPEYTLKPNVGSDRSWVYACTADIAEGEAEAFTFAIRFGSKENADKFKEEFEKAQEINKKA
;
B
3 'polypeptide(L)'
;GGSMEGILDFSNDLDIALLDQVVSTFYQGSGVQQKQAQEILTKFQDNPDAWQKADQILQFSTNPQSKFIALSILDKLITR
KWKLLPNDHRIGIRNFVVGMIISMCQDDEVFKTQKNLINKSDLTLVQILKQEWPQNWPEFIPELIGSSSSSVNVCENNMI
VLKLLSEEVFDFSAEQMTQAKALHLKNSMSKEFEQIFKLCFQVLEQGSSSSLIVATLESLLRYLHWIPYRYIYETNILEL
LSTKFMTSPDTRAITLKCLTEVSNLKIPQDNDLIKRQTVLFFQNTLQQIATSVMPVTADLKATYANANGNDQSFLQDLAM
FLTTYLARNRALLESDESLRELLLNAHQYLIQLSKIEERELFKTTLDYWHNLVADLFYEPLKKHIYEEICSQLRLVIIEN
MVRPEEIQLYKSEREVLVYLTHLNVIDTEEIMISKLARQIDGSEWSWHNINTLSWAIGSISGTMSEDTEKRFVVTVIKDL
LGLCEQKRGKDNKAVVASDIMYVVGQYPRFLKAHWNFLRTVILKLFEFMHETHEGVQDMACDTFIKIVQKCKYHFVIQQP
RESEPFIQTIIRDIQKTTADLQPQQVHTFYKACGIIISEERSVAERNRLLSDLMQLPNMAWDTIVEQSTANPTLLLDSET
VKIIANIIKTNVAVCTSMGADFYPQLGHIYYNMLQLYRAVSSMISAQVAAEGLIATKTPKVRGLRTIKKEILKLVETYIS
KARNLDDVVKVLVEPLLNAVLEDYMNNVPDARDAEVLNCMTTVVEKVGHMIPQGVILILQSVFECTLDMINKDFTEYPEH
RVEFYKLLKVINEKSFAAFLELPPAAFKLFVDAICWAFKHNNRDVEVNGLQIALDLVKNIERMGNVPFANEFHKNYFFIF
VSETFFVLTDSDHKSGFSKQALLLMKLISLVYDNKISVPLYQEAEVPQGTSNQVYLSQYLANMLSNAFPHLTSEQIASFL
SALTKQCKDLVVFKGTLRDFLVQIKEVGGDPTDYLFAEDKENA
;
C
4 'polypeptide(L)' GGSDDTVDELTKKFGTLTIHDDD D
#
# COMPACT_ATOMS: atom_id res chain seq x y z
N PRO A 26 -16.32 -23.68 15.20
CA PRO A 26 -17.24 -24.37 14.27
C PRO A 26 -16.54 -25.48 13.46
N GLN A 27 -17.33 -26.34 12.79
CA GLN A 27 -16.79 -27.39 11.88
C GLN A 27 -16.86 -26.92 10.42
N VAL A 28 -17.46 -25.75 10.18
CA VAL A 28 -17.45 -25.09 8.87
C VAL A 28 -16.14 -24.31 8.74
N GLN A 29 -15.03 -25.02 8.47
CA GLN A 29 -13.68 -24.44 8.55
C GLN A 29 -12.92 -24.62 7.23
N PHE A 30 -12.24 -23.54 6.82
CA PHE A 30 -11.51 -23.46 5.56
C PHE A 30 -10.05 -23.08 5.84
N LYS A 31 -9.11 -23.76 5.20
CA LYS A 31 -7.68 -23.44 5.30
C LYS A 31 -7.39 -22.23 4.40
N LEU A 32 -6.69 -21.25 4.95
CA LEU A 32 -6.29 -20.03 4.26
C LEU A 32 -4.77 -19.92 4.37
N VAL A 33 -4.07 -19.77 3.22
CA VAL A 33 -2.63 -19.51 3.24
C VAL A 33 -2.40 -18.03 2.94
N LEU A 34 -1.60 -17.41 3.80
CA LEU A 34 -1.27 -16.01 3.75
C LEU A 34 0.20 -15.90 3.36
N VAL A 35 0.46 -15.38 2.16
CA VAL A 35 1.81 -15.32 1.58
C VAL A 35 2.11 -13.88 1.14
N GLY A 36 3.41 -13.60 0.98
CA GLY A 36 3.90 -12.26 0.68
C GLY A 36 5.23 -11.99 1.34
N ASP A 37 5.94 -10.97 0.84
CA ASP A 37 7.29 -10.61 1.31
C ASP A 37 7.27 -10.32 2.82
N GLY A 38 8.43 -10.52 3.46
CA GLY A 38 8.60 -10.18 4.85
C GLY A 38 8.39 -8.68 5.05
N GLY A 39 7.71 -8.33 6.14
CA GLY A 39 7.55 -6.93 6.54
C GLY A 39 6.31 -6.26 5.97
N THR A 40 5.50 -7.02 5.20
CA THR A 40 4.33 -6.48 4.50
C THR A 40 3.14 -6.33 5.45
N GLY A 41 3.16 -7.06 6.57
CA GLY A 41 2.18 -6.89 7.64
C GLY A 41 1.18 -8.03 7.70
N LYS A 42 1.61 -9.22 7.27
CA LYS A 42 0.76 -10.41 7.24
C LYS A 42 0.32 -10.78 8.65
N THR A 43 1.29 -10.94 9.55
CA THR A 43 1.09 -11.30 10.95
C THR A 43 0.31 -10.21 11.68
N THR A 44 0.73 -8.96 11.51
CA THR A 44 0.04 -7.80 12.06
C THR A 44 -1.45 -7.84 11.68
N PHE A 45 -1.73 -8.14 10.42
CA PHE A 45 -3.10 -8.17 9.91
C PHE A 45 -3.89 -9.25 10.65
N VAL A 46 -3.28 -10.43 10.79
CA VAL A 46 -3.94 -11.57 11.41
C VAL A 46 -4.22 -11.26 12.89
N LYS A 47 -3.21 -10.72 13.58
CA LYS A 47 -3.31 -10.43 15.02
C LYS A 47 -4.42 -9.40 15.24
N ARG A 48 -4.53 -8.41 14.35
CA ARG A 48 -5.59 -7.43 14.46
C ARG A 48 -6.96 -8.13 14.43
N HIS A 49 -7.08 -9.19 13.61
CA HIS A 49 -8.35 -9.93 13.44
C HIS A 49 -8.61 -10.87 14.64
N LEU A 50 -7.54 -11.33 15.30
CA LEU A 50 -7.62 -12.27 16.45
C LEU A 50 -7.99 -11.53 17.74
N THR A 51 -7.15 -10.55 18.14
CA THR A 51 -7.20 -9.89 19.45
C THR A 51 -7.69 -8.44 19.35
N GLY A 52 -7.54 -7.80 18.18
CA GLY A 52 -7.88 -6.37 18.00
C GLY A 52 -6.67 -5.46 18.14
N GLU A 53 -5.50 -6.03 18.49
CA GLU A 53 -4.29 -5.28 18.79
C GLU A 53 -3.59 -4.87 17.49
N PHE A 54 -2.78 -3.82 17.57
CA PHE A 54 -1.91 -3.42 16.50
C PHE A 54 -0.45 -3.54 16.96
N GLU A 55 0.22 -4.62 16.55
CA GLU A 55 1.61 -4.90 16.86
C GLU A 55 2.49 -3.93 16.05
N LYS A 56 3.24 -3.08 16.77
CA LYS A 56 4.12 -2.10 16.16
C LYS A 56 5.47 -2.73 15.83
N LYS A 57 5.88 -3.74 16.60
CA LYS A 57 7.18 -4.41 16.41
C LYS A 57 7.09 -5.33 15.19
N TYR A 58 8.21 -5.54 14.49
CA TYR A 58 8.34 -6.56 13.43
C TYR A 58 9.14 -7.75 13.97
N VAL A 59 8.42 -8.77 14.42
CA VAL A 59 9.01 -10.05 14.81
C VAL A 59 8.72 -11.01 13.66
N ALA A 60 9.75 -11.32 12.87
CA ALA A 60 9.61 -12.15 11.69
C ALA A 60 9.12 -13.55 12.10
N THR A 61 8.13 -14.07 11.36
CA THR A 61 7.59 -15.41 11.51
C THR A 61 8.64 -16.42 11.03
N LEU A 62 8.92 -17.42 11.87
CA LEU A 62 9.77 -18.55 11.50
C LEU A 62 8.88 -19.67 10.97
N GLY A 63 8.92 -19.91 9.65
CA GLY A 63 8.17 -20.98 9.03
C GLY A 63 6.71 -20.58 8.82
N VAL A 64 5.85 -20.94 9.77
CA VAL A 64 4.40 -20.70 9.69
C VAL A 64 3.80 -20.74 11.11
N GLU A 65 2.74 -19.97 11.32
CA GLU A 65 1.89 -20.07 12.49
C GLU A 65 0.42 -20.22 12.05
N VAL A 66 -0.30 -21.15 12.68
CA VAL A 66 -1.72 -21.43 12.38
C VAL A 66 -2.58 -20.76 13.45
N HIS A 67 -3.53 -19.92 13.01
CA HIS A 67 -4.41 -19.17 13.89
C HIS A 67 -5.86 -19.42 13.49
N PRO A 68 -6.70 -20.05 14.35
CA PRO A 68 -8.12 -20.18 14.07
C PRO A 68 -8.83 -18.82 14.25
N LEU A 69 -9.64 -18.45 13.26
CA LEU A 69 -10.24 -17.13 13.16
C LEU A 69 -11.70 -17.26 12.67
N VAL A 70 -12.65 -17.07 13.59
CA VAL A 70 -14.07 -17.29 13.32
C VAL A 70 -14.76 -15.96 13.02
N PHE A 71 -15.68 -15.99 12.05
CA PHE A 71 -16.53 -14.86 11.70
C PHE A 71 -18.00 -15.28 11.85
N HIS A 72 -18.84 -14.31 12.22
CA HIS A 72 -20.27 -14.53 12.42
C HIS A 72 -21.05 -13.89 11.25
N THR A 73 -21.61 -14.74 10.39
CA THR A 73 -22.36 -14.33 9.22
C THR A 73 -23.83 -14.67 9.42
N ASN A 74 -24.67 -14.20 8.49
CA ASN A 74 -26.13 -14.43 8.52
C ASN A 74 -26.44 -15.87 8.09
N ARG A 75 -25.47 -16.55 7.46
CA ARG A 75 -25.59 -17.95 7.07
C ARG A 75 -24.76 -18.80 8.05
N GLY A 76 -24.73 -18.41 9.33
CA GLY A 76 -24.04 -19.15 10.37
C GLY A 76 -22.56 -18.81 10.43
N PRO A 77 -21.81 -19.39 11.39
CA PRO A 77 -20.42 -19.01 11.60
C PRO A 77 -19.50 -19.71 10.59
N ILE A 78 -18.37 -19.05 10.31
CA ILE A 78 -17.39 -19.53 9.36
C ILE A 78 -15.99 -19.38 9.98
N LYS A 79 -15.30 -20.50 10.19
CA LYS A 79 -13.94 -20.52 10.75
C LYS A 79 -12.93 -20.54 9.60
N PHE A 80 -11.78 -19.89 9.83
CA PHE A 80 -10.63 -19.97 8.97
C PHE A 80 -9.45 -20.51 9.78
N ASN A 81 -8.77 -21.53 9.25
CA ASN A 81 -7.45 -21.90 9.68
C ASN A 81 -6.47 -21.07 8.86
N VAL A 82 -6.01 -19.95 9.44
CA VAL A 82 -5.12 -19.00 8.79
C VAL A 82 -3.67 -19.43 8.99
N TRP A 83 -3.05 -19.91 7.92
CA TRP A 83 -1.64 -20.24 7.89
C TRP A 83 -0.83 -18.99 7.52
N ASP A 84 -0.39 -18.25 8.56
CA ASP A 84 0.42 -17.06 8.42
C ASP A 84 1.88 -17.49 8.16
N THR A 85 2.33 -17.42 6.89
CA THR A 85 3.63 -17.98 6.44
C THR A 85 4.74 -16.92 6.42
N ALA A 86 5.99 -17.39 6.32
CA ALA A 86 7.18 -16.55 6.46
C ALA A 86 7.52 -15.98 5.09
N GLY A 87 7.67 -14.65 5.03
CA GLY A 87 8.01 -13.93 3.83
C GLY A 87 9.50 -13.88 3.58
N GLN A 88 10.30 -13.89 4.65
CA GLN A 88 11.77 -13.84 4.56
C GLN A 88 12.28 -15.20 4.04
N GLU A 89 13.26 -15.15 3.13
CA GLU A 89 13.84 -16.33 2.50
C GLU A 89 14.37 -17.29 3.57
N LYS A 90 15.29 -16.82 4.40
CA LYS A 90 15.99 -17.64 5.41
C LYS A 90 15.00 -18.33 6.35
N PHE A 91 13.90 -17.66 6.70
CA PHE A 91 12.89 -18.18 7.63
C PHE A 91 11.74 -18.85 6.89
N GLY A 92 11.97 -19.22 5.63
CA GLY A 92 10.95 -19.76 4.74
C GLY A 92 10.33 -21.04 5.25
N GLY A 93 11.14 -21.91 5.87
CA GLY A 93 10.71 -23.24 6.30
C GLY A 93 10.29 -24.11 5.13
N LEU A 94 9.08 -24.68 5.24
CA LEU A 94 8.54 -25.66 4.28
C LEU A 94 8.23 -25.00 2.93
N ARG A 95 7.97 -23.68 2.93
CA ARG A 95 7.67 -22.90 1.73
C ARG A 95 6.37 -23.42 1.09
N ASP A 96 6.44 -24.06 -0.09
CA ASP A 96 5.20 -24.40 -0.84
C ASP A 96 4.51 -25.62 -0.22
N GLY A 97 5.18 -26.31 0.70
CA GLY A 97 4.57 -27.37 1.51
C GLY A 97 3.34 -26.89 2.28
N TYR A 98 3.40 -25.64 2.77
CA TYR A 98 2.34 -25.02 3.57
C TYR A 98 1.03 -24.89 2.78
N TYR A 99 1.14 -24.76 1.46
CA TYR A 99 -0.01 -24.42 0.62
C TYR A 99 -0.90 -25.64 0.36
N ILE A 100 -0.43 -26.86 0.70
CA ILE A 100 -1.12 -28.11 0.32
C ILE A 100 -2.54 -28.13 0.90
N GLN A 101 -3.51 -28.48 0.04
CA GLN A 101 -4.93 -28.59 0.35
C GLN A 101 -5.49 -27.31 0.99
N ALA A 102 -4.95 -26.15 0.61
CA ALA A 102 -5.48 -24.88 1.03
C ALA A 102 -6.69 -24.56 0.14
N GLN A 103 -7.73 -24.00 0.76
CA GLN A 103 -9.01 -23.77 0.09
C GLN A 103 -9.14 -22.30 -0.33
N CYS A 104 -8.26 -21.43 0.18
CA CYS A 104 -8.24 -20.00 -0.19
C CYS A 104 -6.91 -19.37 0.22
N ALA A 105 -6.67 -18.13 -0.20
CA ALA A 105 -5.39 -17.46 0.07
C ALA A 105 -5.53 -15.93 0.03
N ILE A 106 -4.56 -15.28 0.68
CA ILE A 106 -4.35 -13.85 0.63
C ILE A 106 -2.89 -13.63 0.25
N ILE A 107 -2.66 -12.84 -0.79
CA ILE A 107 -1.33 -12.41 -1.17
C ILE A 107 -1.16 -10.95 -0.73
N MET A 108 -0.14 -10.70 0.09
CA MET A 108 0.07 -9.39 0.73
C MET A 108 1.34 -8.74 0.15
N PHE A 109 1.26 -7.44 -0.10
CA PHE A 109 2.44 -6.62 -0.36
C PHE A 109 2.28 -5.29 0.38
N ASP A 110 3.24 -4.39 0.18
CA ASP A 110 3.35 -3.14 0.93
C ASP A 110 3.39 -1.99 -0.07
N VAL A 111 2.42 -1.07 -0.03
CA VAL A 111 2.34 -0.02 -1.05
C VAL A 111 3.41 1.06 -0.83
N THR A 112 4.20 0.95 0.26
CA THR A 112 5.37 1.82 0.52
C THR A 112 6.66 1.17 -0.02
N SER A 113 6.55 -0.06 -0.54
CA SER A 113 7.72 -0.85 -0.98
C SER A 113 7.49 -1.41 -2.38
N ARG A 114 8.20 -0.86 -3.37
CA ARG A 114 8.02 -1.20 -4.78
C ARG A 114 8.29 -2.70 -4.99
N VAL A 115 9.34 -3.22 -4.34
CA VAL A 115 9.84 -4.57 -4.53
C VAL A 115 8.82 -5.61 -4.07
N THR A 116 8.00 -5.29 -3.07
CA THR A 116 7.03 -6.25 -2.54
C THR A 116 5.95 -6.53 -3.59
N TYR A 117 5.66 -5.55 -4.46
CA TYR A 117 4.70 -5.73 -5.53
C TYR A 117 5.38 -6.42 -6.72
N LYS A 118 6.70 -6.25 -6.85
CA LYS A 118 7.48 -6.93 -7.90
C LYS A 118 7.48 -8.44 -7.65
N ASN A 119 7.41 -8.84 -6.37
CA ASN A 119 7.50 -10.23 -5.97
C ASN A 119 6.12 -10.91 -5.91
N VAL A 120 5.04 -10.15 -6.16
CA VAL A 120 3.68 -10.71 -6.14
C VAL A 120 3.55 -11.80 -7.20
N PRO A 121 3.96 -11.57 -8.47
CA PRO A 121 3.95 -12.63 -9.48
C PRO A 121 4.60 -13.97 -9.04
N ASN A 122 5.66 -13.88 -8.22
CA ASN A 122 6.41 -15.04 -7.72
C ASN A 122 5.58 -15.79 -6.67
N TRP A 123 5.07 -15.08 -5.67
CA TRP A 123 4.18 -15.66 -4.65
C TRP A 123 2.98 -16.35 -5.31
N HIS A 124 2.38 -15.72 -6.32
CA HIS A 124 1.23 -16.25 -7.03
C HIS A 124 1.62 -17.53 -7.79
N ARG A 125 2.74 -17.47 -8.50
CA ARG A 125 3.26 -18.58 -9.29
C ARG A 125 3.35 -19.84 -8.42
N ASP A 126 3.99 -19.70 -7.25
CA ASP A 126 4.24 -20.82 -6.33
C ASP A 126 2.95 -21.26 -5.64
N LEU A 127 1.97 -20.36 -5.51
CA LEU A 127 0.70 -20.65 -4.86
C LEU A 127 -0.16 -21.51 -5.78
N VAL A 128 -0.34 -21.09 -7.04
CA VAL A 128 -1.34 -21.71 -7.97
C VAL A 128 -0.84 -23.08 -8.45
N ARG A 129 0.48 -23.28 -8.42
CA ARG A 129 1.06 -24.55 -8.84
C ARG A 129 0.57 -25.68 -7.92
N VAL A 130 0.40 -25.36 -6.62
CA VAL A 130 -0.03 -26.30 -5.57
C VAL A 130 -1.56 -26.22 -5.41
N CYS A 131 -2.13 -25.01 -5.50
CA CYS A 131 -3.57 -24.79 -5.37
C CYS A 131 -4.14 -24.29 -6.70
N GLU A 132 -4.58 -25.21 -7.58
CA GLU A 132 -4.86 -24.88 -8.98
C GLU A 132 -6.09 -23.97 -9.11
N ASN A 133 -7.10 -24.18 -8.26
CA ASN A 133 -8.38 -23.49 -8.40
C ASN A 133 -8.93 -23.18 -7.01
N ILE A 134 -8.59 -21.97 -6.52
CA ILE A 134 -9.07 -21.46 -5.26
C ILE A 134 -9.26 -19.94 -5.35
N PRO A 135 -10.17 -19.34 -4.57
CA PRO A 135 -10.28 -17.88 -4.47
C PRO A 135 -9.08 -17.26 -3.75
N ILE A 136 -8.50 -16.22 -4.37
CA ILE A 136 -7.34 -15.52 -3.84
C ILE A 136 -7.65 -14.02 -3.80
N VAL A 137 -7.24 -13.36 -2.71
CA VAL A 137 -7.28 -11.90 -2.57
C VAL A 137 -5.84 -11.36 -2.62
N LEU A 138 -5.61 -10.35 -3.46
CA LEU A 138 -4.41 -9.55 -3.42
C LEU A 138 -4.67 -8.32 -2.56
N CYS A 139 -3.79 -8.05 -1.59
CA CYS A 139 -3.94 -6.97 -0.63
C CYS A 139 -2.69 -6.09 -0.63
N GLY A 140 -2.86 -4.82 -0.99
CA GLY A 140 -1.84 -3.79 -0.83
C GLY A 140 -1.98 -3.08 0.51
N ASN A 141 -1.14 -3.47 1.47
CA ASN A 141 -1.18 -3.02 2.87
C ASN A 141 -0.47 -1.66 3.01
N LYS A 142 -0.73 -0.99 4.14
CA LYS A 142 -0.02 0.19 4.64
C LYS A 142 -0.38 1.45 3.84
N VAL A 143 -1.60 1.50 3.30
CA VAL A 143 -2.09 2.67 2.55
C VAL A 143 -2.26 3.87 3.47
N ASP A 144 -2.16 3.66 4.79
CA ASP A 144 -2.24 4.77 5.77
C ASP A 144 -1.06 5.73 5.60
N ILE A 145 0.10 5.21 5.18
CA ILE A 145 1.29 6.04 4.97
C ILE A 145 1.08 6.92 3.73
N LYS A 146 1.48 8.20 3.84
CA LYS A 146 1.21 9.22 2.84
C LYS A 146 2.11 9.04 1.61
N ASP A 147 3.43 8.94 1.85
CA ASP A 147 4.42 8.80 0.76
C ASP A 147 4.31 7.36 0.19
N ARG A 148 3.29 7.16 -0.66
CA ARG A 148 2.94 5.86 -1.26
C ARG A 148 3.77 5.66 -2.54
N LYS A 149 4.37 4.48 -2.68
CA LYS A 149 5.38 4.20 -3.70
C LYS A 149 4.77 3.40 -4.84
N VAL A 150 3.98 2.35 -4.51
CA VAL A 150 3.23 1.54 -5.49
C VAL A 150 1.87 2.18 -5.72
N LYS A 151 1.73 2.87 -6.86
CA LYS A 151 0.57 3.72 -7.15
C LYS A 151 -0.59 2.83 -7.63
N ALA A 152 -1.81 3.29 -7.36
CA ALA A 152 -3.06 2.58 -7.66
C ALA A 152 -3.07 2.07 -9.12
N LYS A 153 -2.68 2.94 -10.05
CA LYS A 153 -2.72 2.66 -11.49
C LYS A 153 -1.70 1.58 -11.89
N SER A 154 -0.66 1.36 -11.08
CA SER A 154 0.38 0.34 -11.38
C SER A 154 -0.06 -1.06 -10.94
N ILE A 155 -1.09 -1.15 -10.10
CA ILE A 155 -1.57 -2.43 -9.59
C ILE A 155 -2.61 -2.99 -10.57
N VAL A 156 -2.16 -3.87 -11.46
CA VAL A 156 -3.00 -4.47 -12.49
C VAL A 156 -2.78 -5.98 -12.59
N PHE A 157 -1.99 -6.57 -11.69
CA PHE A 157 -1.57 -7.95 -11.84
C PHE A 157 -2.76 -8.91 -11.67
N HIS A 158 -3.68 -8.51 -10.80
CA HIS A 158 -4.78 -9.33 -10.37
C HIS A 158 -5.79 -9.60 -11.50
N ARG A 159 -5.77 -8.77 -12.54
CA ARG A 159 -6.80 -8.78 -13.59
C ARG A 159 -6.83 -10.11 -14.35
N LYS A 160 -5.70 -10.50 -14.94
CA LYS A 160 -5.65 -11.71 -15.77
C LYS A 160 -5.69 -12.97 -14.91
N LYS A 161 -5.32 -12.86 -13.63
CA LYS A 161 -5.22 -14.00 -12.72
C LYS A 161 -6.48 -14.16 -11.87
N ASN A 162 -7.45 -13.26 -12.09
CA ASN A 162 -8.78 -13.34 -11.49
C ASN A 162 -8.71 -13.23 -9.95
N LEU A 163 -7.77 -12.45 -9.42
CA LEU A 163 -7.69 -12.19 -7.98
C LEU A 163 -8.57 -10.98 -7.66
N GLN A 164 -9.19 -10.99 -6.47
CA GLN A 164 -9.84 -9.80 -5.92
C GLN A 164 -8.75 -8.92 -5.30
N TYR A 165 -8.81 -7.60 -5.53
CA TYR A 165 -7.81 -6.69 -4.99
C TYR A 165 -8.47 -5.73 -3.98
N TYR A 166 -7.72 -5.43 -2.91
CA TYR A 166 -8.12 -4.49 -1.89
C TYR A 166 -6.90 -3.69 -1.40
N ASP A 167 -7.00 -2.36 -1.50
CA ASP A 167 -6.16 -1.49 -0.68
C ASP A 167 -6.55 -1.74 0.78
N ILE A 168 -5.59 -2.09 1.64
CA ILE A 168 -5.90 -2.27 3.08
C ILE A 168 -4.86 -1.52 3.94
N SER A 169 -5.20 -1.39 5.22
CA SER A 169 -4.32 -0.90 6.26
C SER A 169 -4.65 -1.64 7.57
N ALA A 170 -3.68 -2.37 8.12
CA ALA A 170 -3.84 -2.96 9.42
C ALA A 170 -3.91 -1.87 10.51
N LYS A 171 -3.31 -0.69 10.27
CA LYS A 171 -3.23 0.36 11.29
C LYS A 171 -4.55 1.13 11.40
N SER A 172 -5.08 1.60 10.27
CA SER A 172 -6.33 2.39 10.25
C SER A 172 -7.56 1.49 10.12
N ASN A 173 -7.36 0.20 9.79
CA ASN A 173 -8.42 -0.79 9.58
C ASN A 173 -9.14 -0.53 8.25
N TYR A 174 -8.54 0.28 7.37
CA TYR A 174 -9.12 0.54 6.04
C TYR A 174 -9.27 -0.81 5.29
N ASN A 175 -10.53 -1.18 5.00
CA ASN A 175 -10.92 -2.37 4.21
C ASN A 175 -10.43 -3.67 4.87
N PHE A 176 -10.24 -3.67 6.19
CA PHE A 176 -9.55 -4.78 6.85
C PHE A 176 -10.46 -6.02 6.90
N GLU A 177 -11.78 -5.79 6.83
CA GLU A 177 -12.79 -6.87 6.83
C GLU A 177 -12.92 -7.49 5.43
N LYS A 178 -12.63 -6.70 4.39
CA LYS A 178 -13.01 -7.00 3.00
C LYS A 178 -12.42 -8.32 2.51
N PRO A 179 -11.11 -8.63 2.71
CA PRO A 179 -10.57 -9.91 2.26
C PRO A 179 -11.37 -11.12 2.75
N PHE A 180 -11.74 -11.13 4.05
CA PHE A 180 -12.43 -12.26 4.68
C PHE A 180 -13.91 -12.31 4.28
N LEU A 181 -14.51 -11.15 4.01
CA LEU A 181 -15.91 -11.08 3.54
C LEU A 181 -16.00 -11.66 2.11
N TRP A 182 -15.05 -11.29 1.25
CA TRP A 182 -15.02 -11.74 -0.13
C TRP A 182 -14.87 -13.26 -0.20
N LEU A 183 -13.88 -13.80 0.54
CA LEU A 183 -13.56 -15.22 0.55
C LEU A 183 -14.74 -16.01 1.11
N ALA A 184 -15.40 -15.45 2.13
CA ALA A 184 -16.52 -16.11 2.80
C ALA A 184 -17.67 -16.28 1.81
N ARG A 185 -17.85 -15.27 0.94
CA ARG A 185 -18.92 -15.30 -0.06
C ARG A 185 -18.60 -16.35 -1.13
N LYS A 186 -17.33 -16.46 -1.53
CA LYS A 186 -16.91 -17.36 -2.60
C LYS A 186 -16.87 -18.80 -2.09
N LEU A 187 -16.51 -19.00 -0.83
CA LEU A 187 -16.35 -20.33 -0.27
C LEU A 187 -17.72 -20.94 0.02
N ILE A 188 -18.62 -20.15 0.62
CA ILE A 188 -19.98 -20.59 1.00
C ILE A 188 -20.87 -20.62 -0.25
N GLY A 189 -20.54 -19.78 -1.25
CA GLY A 189 -21.26 -19.72 -2.51
C GLY A 189 -22.57 -18.96 -2.38
N ASP A 190 -22.48 -17.80 -1.71
CA ASP A 190 -23.59 -16.87 -1.52
C ASP A 190 -23.03 -15.46 -1.54
N PRO A 191 -23.33 -14.64 -2.57
CA PRO A 191 -22.81 -13.28 -2.65
C PRO A 191 -23.51 -12.27 -1.72
N ASN A 192 -24.60 -12.70 -1.07
CA ASN A 192 -25.38 -11.88 -0.15
C ASN A 192 -25.04 -12.18 1.31
N LEU A 193 -24.00 -13.00 1.53
CA LEU A 193 -23.52 -13.30 2.86
C LEU A 193 -22.86 -12.04 3.42
N GLU A 194 -23.36 -11.61 4.59
CA GLU A 194 -22.86 -10.44 5.32
C GLU A 194 -22.32 -10.90 6.69
N PHE A 195 -21.41 -10.12 7.26
CA PHE A 195 -21.07 -10.24 8.67
C PHE A 195 -22.24 -9.66 9.50
N VAL A 196 -22.48 -10.25 10.68
CA VAL A 196 -23.52 -9.76 11.57
C VAL A 196 -23.01 -9.82 13.02
N ALA A 197 -23.71 -9.07 13.88
CA ALA A 197 -23.37 -8.95 15.28
C ALA A 197 -23.58 -10.29 15.99
N MET A 198 -22.49 -10.84 16.49
CA MET A 198 -22.48 -12.03 17.35
C MET A 198 -23.39 -11.81 18.55
N PRO A 199 -23.92 -12.89 19.19
CA PRO A 199 -24.83 -12.73 20.33
C PRO A 199 -24.13 -12.25 21.61
N ALA A 200 -24.74 -11.24 22.27
CA ALA A 200 -24.17 -10.60 23.47
C ALA A 200 -24.92 -11.07 24.72
N LEU A 201 -24.36 -12.08 25.40
CA LEU A 201 -24.97 -12.69 26.59
C LEU A 201 -24.95 -11.65 27.72
N ALA A 202 -25.95 -11.73 28.62
CA ALA A 202 -25.96 -10.93 29.83
C ALA A 202 -24.74 -11.33 30.67
N PRO A 203 -23.83 -10.37 30.99
CA PRO A 203 -22.59 -10.69 31.70
C PRO A 203 -22.81 -10.97 33.19
N PRO A 204 -21.91 -11.73 33.86
CA PRO A 204 -22.13 -12.13 35.25
C PRO A 204 -22.05 -10.96 36.26
N GLU A 205 -22.38 -11.25 37.52
CA GLU A 205 -22.37 -10.28 38.62
C GLU A 205 -21.33 -10.69 39.66
N VAL A 206 -20.08 -10.90 39.21
CA VAL A 206 -19.01 -11.48 40.03
C VAL A 206 -18.59 -10.48 41.11
N VAL A 207 -18.79 -10.86 42.38
CA VAL A 207 -18.24 -10.14 43.53
C VAL A 207 -16.74 -10.45 43.59
N MET A 208 -15.95 -9.50 44.11
CA MET A 208 -14.50 -9.64 44.18
C MET A 208 -14.13 -10.10 45.60
N ASP A 209 -13.04 -10.89 45.68
CA ASP A 209 -12.50 -11.42 46.93
C ASP A 209 -11.20 -10.69 47.27
N PRO A 210 -10.82 -10.60 48.56
CA PRO A 210 -9.53 -10.03 48.95
C PRO A 210 -8.28 -10.75 48.41
N ALA A 211 -8.40 -12.05 48.07
CA ALA A 211 -7.26 -12.90 47.66
C ALA A 211 -6.77 -12.60 46.23
N LEU A 212 -7.57 -11.84 45.44
CA LEU A 212 -7.16 -11.39 44.10
C LEU A 212 -7.24 -9.86 43.96
N ALA A 213 -7.54 -9.14 45.07
CA ALA A 213 -7.64 -7.66 45.08
C ALA A 213 -6.24 -7.03 45.04
N ALA A 214 -5.27 -7.70 45.67
CA ALA A 214 -3.89 -7.22 45.78
C ALA A 214 -3.23 -7.16 44.39
N GLN A 215 -3.43 -8.20 43.58
CA GLN A 215 -2.81 -8.30 42.23
C GLN A 215 -3.51 -7.35 41.24
N ALA A 216 -4.81 -7.09 41.45
CA ALA A 216 -5.55 -6.12 40.64
C ALA A 216 -5.10 -4.69 40.98
N GLU A 217 -4.77 -4.45 42.26
CA GLU A 217 -4.28 -3.17 42.76
C GLU A 217 -2.85 -2.90 42.25
N HIS A 218 -2.02 -3.95 42.20
CA HIS A 218 -0.65 -3.88 41.70
C HIS A 218 -0.65 -3.63 40.18
N ASP A 219 -1.51 -4.37 39.46
CA ASP A 219 -1.62 -4.25 38.02
C ASP A 219 -2.20 -2.89 37.61
N LEU A 220 -3.05 -2.31 38.48
CA LEU A 220 -3.73 -1.04 38.18
C LEU A 220 -2.75 0.12 38.30
N GLU A 221 -1.92 0.15 39.35
CA GLU A 221 -0.92 1.21 39.57
C GLU A 221 0.11 1.21 38.42
N VAL A 222 0.46 0.03 37.91
CA VAL A 222 1.43 -0.14 36.80
C VAL A 222 0.77 0.30 35.49
N ALA A 223 -0.53 0.09 35.37
CA ALA A 223 -1.27 0.41 34.15
C ALA A 223 -1.41 1.94 34.02
N GLN A 224 -1.83 2.61 35.10
CA GLN A 224 -2.01 4.07 35.13
C GLN A 224 -0.74 4.83 34.70
N THR A 225 0.44 4.33 35.11
CA THR A 225 1.74 5.01 34.89
C THR A 225 2.49 4.47 33.65
N THR A 226 1.81 3.67 32.82
CA THR A 226 2.28 3.32 31.47
C THR A 226 1.39 4.05 30.47
N ALA A 227 1.97 4.97 29.68
CA ALA A 227 1.22 5.83 28.78
C ALA A 227 0.46 4.98 27.76
N LEU A 228 -0.75 5.40 27.39
CA LEU A 228 -1.49 4.74 26.30
C LEU A 228 -0.81 5.10 24.98
N PRO A 229 -0.62 4.15 24.04
CA PRO A 229 0.07 4.44 22.78
C PRO A 229 -0.78 5.28 21.80
N ASP A 230 -0.08 5.96 20.88
CA ASP A 230 -0.67 6.62 19.69
C ASP A 230 -1.70 7.69 20.14
N GLU A 231 -1.27 8.57 21.04
CA GLU A 231 -2.18 9.51 21.71
C GLU A 231 -2.57 10.67 20.80
N ASP A 232 -1.91 10.79 19.63
CA ASP A 232 -2.24 11.84 18.64
C ASP A 232 -3.26 11.35 17.61
N ASP A 233 -3.64 10.06 17.69
CA ASP A 233 -4.68 9.51 16.82
C ASP A 233 -6.04 10.03 17.29
N ASP A 234 -7.01 10.00 16.36
CA ASP A 234 -8.34 10.58 16.53
C ASP A 234 -9.08 9.84 17.62
N LEU A 235 -8.93 8.51 17.67
CA LEU A 235 -9.29 7.70 18.83
C LEU A 235 -8.07 6.89 19.27
N HIS B 6 -60.05 -13.92 -4.87
CA HIS B 6 -58.86 -13.85 -3.96
C HIS B 6 -57.60 -14.31 -4.71
N PHE B 7 -56.49 -13.60 -4.48
CA PHE B 7 -55.18 -13.91 -5.06
C PHE B 7 -54.15 -14.01 -3.94
N GLU B 8 -53.50 -15.18 -3.84
CA GLU B 8 -52.56 -15.51 -2.75
C GLU B 8 -51.28 -14.69 -2.92
N PRO B 9 -50.65 -14.20 -1.82
CA PRO B 9 -49.36 -13.51 -1.92
C PRO B 9 -48.21 -14.40 -2.44
N VAL B 10 -47.04 -13.79 -2.67
CA VAL B 10 -45.86 -14.48 -3.22
C VAL B 10 -45.19 -15.29 -2.10
N THR B 20 -28.26 -11.80 18.40
CA THR B 20 -27.55 -10.58 18.76
C THR B 20 -27.75 -10.28 20.27
N MET B 21 -28.96 -10.52 20.79
CA MET B 21 -29.32 -10.54 22.24
C MET B 21 -29.35 -9.12 22.85
N GLU B 22 -30.03 -8.17 22.20
CA GLU B 22 -30.20 -6.78 22.75
C GLU B 22 -31.64 -6.27 22.52
N GLU B 23 -32.62 -7.17 22.38
CA GLU B 23 -34.02 -6.80 22.18
C GLU B 23 -34.60 -6.24 23.50
N ASP B 24 -34.03 -6.68 24.64
CA ASP B 24 -34.58 -6.45 25.96
C ASP B 24 -33.99 -5.21 26.63
N GLU B 25 -33.15 -4.43 25.90
CA GLU B 25 -32.28 -3.41 26.54
C GLU B 25 -32.56 -2.01 25.97
N GLU B 26 -32.45 -1.01 26.85
CA GLU B 26 -32.58 0.41 26.54
C GLU B 26 -31.18 1.04 26.54
N VAL B 27 -30.94 1.96 25.60
CA VAL B 27 -29.62 2.57 25.41
C VAL B 27 -29.60 3.91 26.12
N LEU B 28 -28.89 3.97 27.26
CA LEU B 28 -28.79 5.17 28.10
C LEU B 28 -27.76 6.13 27.52
N TYR B 29 -26.62 5.58 27.10
CA TYR B 29 -25.52 6.34 26.54
C TYR B 29 -24.88 5.55 25.40
N LYS B 30 -24.50 6.29 24.35
CA LYS B 30 -23.83 5.78 23.14
C LYS B 30 -22.68 6.71 22.80
N VAL B 31 -21.44 6.24 22.94
CA VAL B 31 -20.25 7.04 22.63
C VAL B 31 -19.25 6.20 21.83
N ARG B 32 -18.55 6.92 20.94
CA ARG B 32 -17.48 6.37 20.06
C ARG B 32 -16.19 6.35 20.88
N ALA B 33 -15.49 5.22 20.89
CA ALA B 33 -14.29 5.07 21.74
C ALA B 33 -13.36 3.98 21.20
N LYS B 34 -12.20 3.85 21.87
CA LYS B 34 -11.16 2.86 21.61
C LYS B 34 -10.72 2.24 22.95
N LEU B 35 -10.86 0.92 23.05
CA LEU B 35 -10.62 0.19 24.30
C LEU B 35 -9.29 -0.57 24.19
N PHE B 36 -8.56 -0.56 25.31
CA PHE B 36 -7.31 -1.29 25.48
C PHE B 36 -7.42 -2.25 26.69
N ARG B 37 -6.60 -3.31 26.66
CA ARG B 37 -6.33 -4.17 27.82
C ARG B 37 -4.84 -4.03 28.16
N PHE B 38 -4.51 -4.11 29.46
CA PHE B 38 -3.13 -4.08 29.91
C PHE B 38 -2.59 -5.51 30.00
N ASP B 39 -1.50 -5.75 29.27
CA ASP B 39 -0.73 -6.98 29.36
C ASP B 39 0.34 -6.77 30.44
N ALA B 40 0.08 -7.31 31.63
CA ALA B 40 0.98 -7.19 32.79
C ALA B 40 2.33 -7.86 32.49
N ASP B 41 2.33 -8.93 31.67
CA ASP B 41 3.55 -9.68 31.29
C ASP B 41 4.44 -8.82 30.38
N ALA B 42 3.85 -8.30 29.30
CA ALA B 42 4.55 -7.46 28.29
C ALA B 42 4.83 -6.05 28.84
N LYS B 43 4.07 -5.65 29.88
CA LYS B 43 4.13 -4.32 30.48
C LYS B 43 3.86 -3.26 29.40
N GLU B 44 2.81 -3.49 28.59
CA GLU B 44 2.36 -2.55 27.57
C GLU B 44 0.86 -2.70 27.36
N TRP B 45 0.23 -1.61 26.92
CA TRP B 45 -1.17 -1.58 26.51
C TRP B 45 -1.31 -2.23 25.13
N LYS B 46 -2.46 -2.90 24.94
CA LYS B 46 -2.84 -3.53 23.69
C LYS B 46 -4.29 -3.16 23.38
N GLU B 47 -4.51 -2.56 22.21
CA GLU B 47 -5.85 -2.30 21.65
C GLU B 47 -6.67 -3.60 21.65
N ARG B 48 -7.95 -3.48 22.01
CA ARG B 48 -8.88 -4.60 21.96
C ARG B 48 -10.01 -4.32 20.97
N GLY B 49 -10.29 -3.04 20.71
CA GLY B 49 -11.30 -2.72 19.73
C GLY B 49 -11.63 -1.24 19.66
N THR B 50 -12.21 -0.86 18.52
CA THR B 50 -12.65 0.49 18.23
C THR B 50 -14.06 0.45 17.66
N GLY B 51 -14.98 1.16 18.31
CA GLY B 51 -16.35 1.26 17.85
C GLY B 51 -17.24 1.97 18.86
N ASP B 52 -18.54 1.70 18.77
CA ASP B 52 -19.53 2.32 19.62
C ASP B 52 -19.55 1.58 20.96
N CYS B 53 -19.40 2.34 22.04
CA CYS B 53 -19.52 1.86 23.40
C CYS B 53 -20.90 2.23 23.95
N LYS B 54 -21.69 1.21 24.29
CA LYS B 54 -23.09 1.39 24.68
C LYS B 54 -23.27 1.06 26.16
N PHE B 55 -24.14 1.83 26.83
CA PHE B 55 -24.58 1.55 28.19
C PHE B 55 -26.02 1.01 28.10
N LEU B 56 -26.19 -0.30 28.37
CA LEU B 56 -27.47 -0.99 28.08
C LEU B 56 -28.18 -1.41 29.38
N LYS B 57 -29.32 -0.78 29.66
CA LYS B 57 -30.22 -1.12 30.81
C LYS B 57 -31.21 -2.21 30.39
N ASN B 58 -31.09 -3.38 31.01
CA ASN B 58 -32.00 -4.51 30.85
C ASN B 58 -33.38 -4.15 31.43
N LYS B 59 -34.46 -4.44 30.69
CA LYS B 59 -35.83 -4.07 31.11
C LYS B 59 -36.30 -4.96 32.27
N LYS B 60 -35.72 -6.17 32.39
CA LYS B 60 -36.06 -7.12 33.46
C LYS B 60 -35.35 -6.72 34.75
N THR B 61 -34.00 -6.77 34.73
CA THR B 61 -33.15 -6.70 35.92
C THR B 61 -32.81 -5.24 36.26
N ASN B 62 -33.01 -4.33 35.31
CA ASN B 62 -32.61 -2.90 35.41
C ASN B 62 -31.09 -2.77 35.60
N LYS B 63 -30.33 -3.79 35.16
CA LYS B 63 -28.87 -3.83 35.27
C LYS B 63 -28.26 -3.20 34.02
N VAL B 64 -27.43 -2.18 34.23
CA VAL B 64 -26.74 -1.46 33.17
C VAL B 64 -25.37 -2.15 32.97
N ARG B 65 -25.11 -2.56 31.71
CA ARG B 65 -23.83 -3.13 31.31
C ARG B 65 -23.17 -2.25 30.26
N ILE B 66 -21.86 -2.47 30.08
CA ILE B 66 -21.14 -1.95 28.94
C ILE B 66 -21.12 -3.06 27.87
N LEU B 67 -21.55 -2.70 26.65
CA LEU B 67 -21.40 -3.52 25.47
C LEU B 67 -20.75 -2.70 24.36
N MET B 68 -19.57 -3.15 23.91
CA MET B 68 -18.81 -2.50 22.86
C MET B 68 -18.50 -3.51 21.76
N ARG B 69 -18.81 -3.13 20.51
CA ARG B 69 -18.57 -3.95 19.33
C ARG B 69 -17.56 -3.24 18.42
N ARG B 70 -16.61 -4.02 17.87
CA ARG B 70 -15.62 -3.54 16.88
C ARG B 70 -16.36 -3.10 15.60
N ASP B 71 -15.89 -2.04 14.95
CA ASP B 71 -16.45 -1.60 13.69
C ASP B 71 -16.26 -2.68 12.62
N LYS B 72 -17.22 -2.78 11.70
CA LYS B 72 -17.15 -3.62 10.48
C LYS B 72 -17.40 -5.10 10.82
N THR B 73 -16.52 -5.72 11.61
CA THR B 73 -16.67 -7.14 12.00
C THR B 73 -17.82 -7.31 13.01
N LEU B 74 -18.07 -6.26 13.81
CA LEU B 74 -19.15 -6.19 14.81
C LEU B 74 -18.96 -7.28 15.88
N LYS B 75 -17.70 -7.58 16.20
CA LYS B 75 -17.35 -8.57 17.23
C LYS B 75 -17.21 -7.86 18.57
N ILE B 76 -17.74 -8.48 19.63
CA ILE B 76 -17.77 -7.88 20.97
C ILE B 76 -16.35 -7.81 21.50
N CYS B 77 -15.98 -6.64 22.01
CA CYS B 77 -14.66 -6.41 22.59
C CYS B 77 -14.79 -5.90 24.04
N ALA B 78 -16.03 -5.79 24.54
CA ALA B 78 -16.29 -5.45 25.95
C ALA B 78 -17.74 -5.81 26.31
N ASN B 79 -17.89 -6.63 27.36
CA ASN B 79 -19.18 -7.09 27.83
C ASN B 79 -19.04 -7.40 29.32
N HIS B 80 -19.46 -6.44 30.16
CA HIS B 80 -19.38 -6.58 31.62
C HIS B 80 -20.36 -5.61 32.26
N ILE B 81 -20.75 -5.93 33.52
CA ILE B 81 -21.61 -5.06 34.33
C ILE B 81 -20.80 -3.86 34.81
N ILE B 82 -21.39 -2.65 34.69
CA ILE B 82 -20.86 -1.42 35.28
C ILE B 82 -21.04 -1.53 36.79
N ALA B 83 -20.12 -2.26 37.43
CA ALA B 83 -20.24 -2.62 38.84
C ALA B 83 -20.09 -1.35 39.67
N PRO B 84 -20.85 -1.20 40.78
CA PRO B 84 -20.65 -0.07 41.70
C PRO B 84 -19.28 -0.02 42.41
N GLU B 85 -18.56 -1.14 42.41
CA GLU B 85 -17.24 -1.27 43.06
C GLU B 85 -16.15 -0.55 42.26
N TYR B 86 -16.32 -0.47 40.93
CA TYR B 86 -15.26 0.03 40.03
C TYR B 86 -15.02 1.54 40.23
N THR B 87 -13.79 1.97 39.92
CA THR B 87 -13.39 3.37 40.02
C THR B 87 -12.60 3.75 38.77
N LEU B 88 -13.06 4.82 38.10
CA LEU B 88 -12.38 5.37 36.93
C LEU B 88 -11.18 6.21 37.39
N LYS B 89 -9.97 5.75 37.04
CA LYS B 89 -8.72 6.47 37.34
C LYS B 89 -8.20 7.10 36.05
N PRO B 90 -7.45 8.24 36.12
CA PRO B 90 -6.86 8.85 34.93
C PRO B 90 -5.56 8.13 34.53
N ASN B 91 -5.29 8.08 33.22
CA ASN B 91 -4.03 7.57 32.67
C ASN B 91 -3.06 8.73 32.50
N VAL B 92 -1.78 8.46 32.74
CA VAL B 92 -0.74 9.48 32.86
C VAL B 92 -0.62 10.31 31.56
N GLY B 93 -0.78 9.67 30.39
CA GLY B 93 -0.48 10.31 29.09
C GLY B 93 -1.71 10.74 28.30
N SER B 94 -2.82 11.10 28.98
CA SER B 94 -4.12 11.29 28.32
C SER B 94 -5.12 11.99 29.23
N ASP B 95 -5.69 13.11 28.76
CA ASP B 95 -6.75 13.86 29.47
C ASP B 95 -8.15 13.44 28.97
N ARG B 96 -8.19 12.41 28.11
CA ARG B 96 -9.42 11.92 27.46
C ARG B 96 -9.54 10.40 27.61
N SER B 97 -9.02 9.82 28.70
CA SER B 97 -9.06 8.37 28.90
C SER B 97 -9.35 8.05 30.37
N TRP B 98 -9.97 6.88 30.60
CA TRP B 98 -10.15 6.29 31.93
C TRP B 98 -9.57 4.87 31.95
N VAL B 99 -9.14 4.44 33.13
CA VAL B 99 -8.58 3.10 33.32
C VAL B 99 -9.14 2.53 34.64
N TYR B 100 -9.57 1.26 34.61
CA TYR B 100 -10.22 0.61 35.75
C TYR B 100 -10.11 -0.92 35.64
N ALA B 101 -10.14 -1.60 36.77
CA ALA B 101 -10.11 -3.06 36.84
C ALA B 101 -11.53 -3.58 36.64
N CYS B 102 -11.65 -4.61 35.79
CA CYS B 102 -12.90 -5.35 35.57
C CYS B 102 -12.69 -6.80 35.99
N THR B 103 -13.53 -7.28 36.91
CA THR B 103 -13.34 -8.59 37.56
C THR B 103 -13.84 -9.73 36.64
N ALA B 104 -14.74 -9.43 35.70
CA ALA B 104 -15.23 -10.44 34.75
C ALA B 104 -15.81 -9.79 33.49
N ASP B 105 -15.21 -10.13 32.34
CA ASP B 105 -15.67 -9.71 31.03
C ASP B 105 -15.81 -10.95 30.12
N ILE B 106 -16.89 -10.98 29.34
CA ILE B 106 -17.31 -12.15 28.54
C ILE B 106 -17.18 -11.88 27.02
N ALA B 107 -16.45 -10.82 26.66
CA ALA B 107 -16.24 -10.47 25.26
C ALA B 107 -15.57 -11.64 24.51
N GLU B 108 -14.50 -12.20 25.09
CA GLU B 108 -13.77 -13.34 24.49
C GLU B 108 -14.58 -14.62 24.66
N GLY B 109 -15.39 -14.69 25.73
CA GLY B 109 -16.35 -15.79 25.95
C GLY B 109 -16.36 -16.22 27.41
N GLU B 110 -15.31 -16.96 27.80
CA GLU B 110 -15.06 -17.38 29.18
C GLU B 110 -14.86 -16.14 30.06
N ALA B 111 -15.49 -16.13 31.25
CA ALA B 111 -15.39 -14.97 32.15
C ALA B 111 -13.95 -14.87 32.67
N GLU B 112 -13.43 -13.63 32.75
CA GLU B 112 -12.02 -13.38 32.97
C GLU B 112 -11.82 -11.89 33.26
N ALA B 113 -10.87 -11.59 34.15
CA ALA B 113 -10.60 -10.23 34.58
C ALA B 113 -9.57 -9.56 33.67
N PHE B 114 -9.62 -8.23 33.64
CA PHE B 114 -8.70 -7.37 32.87
C PHE B 114 -8.51 -6.05 33.61
N THR B 115 -7.44 -5.32 33.24
CA THR B 115 -7.29 -3.89 33.53
C THR B 115 -7.51 -3.10 32.23
N PHE B 116 -8.71 -2.55 32.06
CA PHE B 116 -9.12 -1.86 30.82
C PHE B 116 -8.72 -0.39 30.89
N ALA B 117 -8.47 0.19 29.70
CA ALA B 117 -8.42 1.64 29.50
C ALA B 117 -9.23 1.97 28.26
N ILE B 118 -9.89 3.12 28.25
CA ILE B 118 -10.82 3.49 27.18
C ILE B 118 -10.66 4.98 26.88
N ARG B 119 -10.45 5.31 25.60
CA ARG B 119 -10.08 6.64 25.14
C ARG B 119 -11.14 7.16 24.16
N PHE B 120 -11.39 8.48 24.18
CA PHE B 120 -12.52 9.08 23.44
C PHE B 120 -12.02 10.19 22.50
N GLY B 121 -12.93 10.71 21.68
CA GLY B 121 -12.62 11.72 20.66
C GLY B 121 -12.07 13.01 21.27
N SER B 122 -12.55 13.37 22.47
CA SER B 122 -12.19 14.61 23.14
C SER B 122 -12.27 14.42 24.66
N LYS B 123 -11.83 15.46 25.39
CA LYS B 123 -11.85 15.48 26.85
C LYS B 123 -13.29 15.53 27.34
N GLU B 124 -14.13 16.26 26.59
CA GLU B 124 -15.52 16.47 26.95
C GLU B 124 -16.29 15.14 26.87
N ASN B 125 -16.01 14.35 25.83
CA ASN B 125 -16.61 13.02 25.64
C ASN B 125 -16.27 12.12 26.83
N ALA B 126 -15.00 12.15 27.25
CA ALA B 126 -14.52 11.34 28.38
C ALA B 126 -15.23 11.72 29.68
N ASP B 127 -15.43 13.03 29.89
CA ASP B 127 -16.03 13.56 31.12
C ASP B 127 -17.53 13.22 31.19
N LYS B 128 -18.20 13.21 30.03
CA LYS B 128 -19.61 12.77 29.94
C LYS B 128 -19.69 11.26 30.25
N PHE B 129 -18.72 10.49 29.75
CA PHE B 129 -18.65 9.05 30.00
C PHE B 129 -18.61 8.79 31.51
N LYS B 130 -17.74 9.53 32.22
CA LYS B 130 -17.54 9.40 33.69
C LYS B 130 -18.84 9.77 34.44
N GLU B 131 -19.60 10.74 33.94
CA GLU B 131 -20.89 11.15 34.51
C GLU B 131 -21.93 10.04 34.33
N GLU B 132 -22.03 9.52 33.10
CA GLU B 132 -22.98 8.47 32.71
C GLU B 132 -22.62 7.14 33.38
N PHE B 133 -21.32 6.88 33.53
CA PHE B 133 -20.79 5.66 34.13
C PHE B 133 -21.19 5.60 35.62
N GLU B 134 -21.17 6.77 36.28
CA GLU B 134 -21.51 6.91 37.70
C GLU B 134 -23.04 6.83 37.87
N LYS B 135 -23.80 7.44 36.95
CA LYS B 135 -25.27 7.31 36.90
C LYS B 135 -25.66 5.83 36.86
N ALA B 136 -24.94 5.06 36.04
CA ALA B 136 -25.20 3.64 35.80
C ALA B 136 -24.83 2.81 37.04
N GLN B 137 -23.77 3.23 37.75
CA GLN B 137 -23.33 2.59 39.01
C GLN B 137 -24.45 2.72 40.06
N GLU B 138 -25.10 3.89 40.12
CA GLU B 138 -26.17 4.18 41.09
C GLU B 138 -27.40 3.30 40.79
N ILE B 139 -27.65 3.05 39.50
CA ILE B 139 -28.75 2.22 39.06
C ILE B 139 -28.50 0.75 39.47
N ASN B 140 -27.24 0.31 39.45
CA ASN B 140 -26.88 -1.10 39.69
C ASN B 140 -26.85 -1.43 41.19
N LYS B 141 -27.07 -0.43 42.06
CA LYS B 141 -27.12 -0.66 43.52
C LYS B 141 -28.48 -1.24 43.95
N LYS B 142 -29.47 -1.24 43.05
CA LYS B 142 -30.73 -1.97 43.26
C LYS B 142 -30.49 -3.48 43.09
N GLY C 2 8.71 -35.75 22.10
CA GLY C 2 8.59 -37.19 22.44
C GLY C 2 9.24 -38.07 21.38
N SER C 3 8.45 -39.01 20.84
CA SER C 3 8.90 -39.96 19.80
C SER C 3 9.05 -39.24 18.45
N MET C 4 8.42 -38.07 18.29
CA MET C 4 8.43 -37.29 17.04
C MET C 4 9.85 -36.85 16.66
N GLU C 5 10.69 -36.58 17.67
CA GLU C 5 12.06 -36.07 17.44
C GLU C 5 13.05 -37.21 17.15
N GLY C 6 12.54 -38.44 17.06
CA GLY C 6 13.32 -39.60 16.62
C GLY C 6 13.84 -39.42 15.21
N ILE C 7 13.08 -38.71 14.37
CA ILE C 7 13.42 -38.51 12.95
C ILE C 7 14.66 -37.62 12.77
N LEU C 8 14.95 -36.75 13.75
CA LEU C 8 16.12 -35.86 13.67
C LEU C 8 17.43 -36.64 13.89
N ASP C 9 17.34 -37.87 14.41
CA ASP C 9 18.52 -38.75 14.56
C ASP C 9 18.72 -39.56 13.27
N PHE C 10 19.69 -39.12 12.45
CA PHE C 10 19.95 -39.69 11.13
C PHE C 10 20.88 -40.92 11.23
N SER C 11 21.48 -41.16 12.42
CA SER C 11 22.43 -42.27 12.62
C SER C 11 21.73 -43.63 12.52
N ASN C 12 20.39 -43.64 12.67
CA ASN C 12 19.55 -44.80 12.43
C ASN C 12 18.84 -44.65 11.07
N ASP C 13 18.18 -45.73 10.63
CA ASP C 13 17.33 -45.71 9.44
C ASP C 13 16.13 -44.81 9.72
N LEU C 14 15.70 -44.06 8.69
CA LEU C 14 14.54 -43.18 8.82
C LEU C 14 13.28 -44.05 8.91
N ASP C 15 12.53 -43.87 10.01
CA ASP C 15 11.29 -44.58 10.30
C ASP C 15 10.13 -43.88 9.56
N ILE C 16 9.70 -44.48 8.45
CA ILE C 16 8.74 -43.87 7.51
C ILE C 16 7.39 -43.64 8.20
N ALA C 17 6.97 -44.59 9.04
CA ALA C 17 5.70 -44.53 9.78
C ALA C 17 5.73 -43.37 10.78
N LEU C 18 6.91 -43.10 11.34
CA LEU C 18 7.15 -41.99 12.27
C LEU C 18 7.02 -40.66 11.51
N LEU C 19 7.61 -40.60 10.30
CA LEU C 19 7.54 -39.42 9.43
C LEU C 19 6.10 -39.14 9.03
N ASP C 20 5.39 -40.18 8.57
CA ASP C 20 4.03 -40.05 8.03
C ASP C 20 3.06 -39.52 9.11
N GLN C 21 3.33 -39.84 10.38
CA GLN C 21 2.47 -39.38 11.48
C GLN C 21 2.91 -37.98 11.93
N VAL C 22 4.20 -37.67 11.86
CA VAL C 22 4.74 -36.31 12.12
C VAL C 22 4.18 -35.36 11.05
N VAL C 23 4.10 -35.84 9.81
CA VAL C 23 3.53 -35.10 8.68
C VAL C 23 2.02 -34.96 8.90
N SER C 24 1.35 -36.06 9.28
CA SER C 24 -0.08 -36.07 9.58
C SER C 24 -0.40 -35.06 10.68
N THR C 25 0.42 -35.06 11.75
CA THR C 25 0.27 -34.18 12.92
C THR C 25 0.29 -32.71 12.47
N PHE C 26 1.03 -32.41 11.40
CA PHE C 26 1.16 -31.05 10.90
C PHE C 26 -0.08 -30.64 10.08
N TYR C 27 -0.49 -31.48 9.14
CA TYR C 27 -1.49 -31.08 8.13
C TYR C 27 -2.92 -31.32 8.62
N GLN C 28 -3.12 -32.24 9.58
CA GLN C 28 -4.46 -32.56 10.13
C GLN C 28 -4.54 -32.26 11.65
N GLY C 29 -3.40 -32.06 12.31
CA GLY C 29 -3.37 -31.77 13.74
C GLY C 29 -3.58 -30.29 14.02
N SER C 30 -3.46 -29.91 15.29
CA SER C 30 -3.70 -28.54 15.73
C SER C 30 -3.05 -28.29 17.11
N GLY C 31 -2.87 -27.00 17.42
CA GLY C 31 -2.41 -26.52 18.72
C GLY C 31 -0.91 -26.69 18.90
N VAL C 32 -0.53 -27.33 20.01
CA VAL C 32 0.87 -27.58 20.37
C VAL C 32 1.40 -28.76 19.53
N GLN C 33 0.53 -29.76 19.29
CA GLN C 33 0.87 -30.95 18.51
C GLN C 33 1.41 -30.54 17.14
N GLN C 34 0.61 -29.72 16.44
CA GLN C 34 0.88 -29.21 15.08
C GLN C 34 2.19 -28.40 15.07
N LYS C 35 2.33 -27.48 16.04
CA LYS C 35 3.44 -26.53 16.13
C LYS C 35 4.78 -27.25 16.34
N GLN C 36 4.78 -28.32 17.14
CA GLN C 36 5.99 -29.11 17.43
C GLN C 36 6.38 -29.95 16.20
N ALA C 37 5.38 -30.49 15.50
CA ALA C 37 5.59 -31.26 14.27
C ALA C 37 6.20 -30.35 13.19
N GLN C 38 5.74 -29.09 13.13
CA GLN C 38 6.15 -28.11 12.12
C GLN C 38 7.65 -27.84 12.24
N GLU C 39 8.12 -27.68 13.48
CA GLU C 39 9.52 -27.32 13.80
C GLU C 39 10.46 -28.53 13.58
N ILE C 40 9.90 -29.74 13.59
CA ILE C 40 10.66 -30.97 13.35
C ILE C 40 10.83 -31.17 11.83
N LEU C 41 9.76 -30.92 11.06
CA LEU C 41 9.81 -30.99 9.58
C LEU C 41 10.76 -29.94 9.02
N THR C 42 10.75 -28.74 9.62
CA THR C 42 11.61 -27.63 9.21
C THR C 42 13.08 -27.96 9.50
N LYS C 43 13.36 -28.69 10.59
CA LYS C 43 14.74 -29.10 10.96
C LYS C 43 15.18 -30.33 10.14
N PHE C 44 14.20 -31.14 9.74
CA PHE C 44 14.41 -32.31 8.88
C PHE C 44 14.73 -31.85 7.46
N GLN C 45 13.92 -30.92 6.94
CA GLN C 45 14.01 -30.44 5.57
C GLN C 45 15.36 -29.71 5.38
N ASP C 46 15.76 -28.94 6.39
CA ASP C 46 16.95 -28.08 6.34
C ASP C 46 18.23 -28.88 6.67
N ASN C 47 18.08 -30.17 6.99
CA ASN C 47 19.24 -31.06 7.19
C ASN C 47 19.88 -31.32 5.84
N PRO C 48 21.19 -30.99 5.65
CA PRO C 48 21.82 -31.05 4.34
C PRO C 48 21.90 -32.47 3.75
N ASP C 49 21.77 -33.49 4.61
CA ASP C 49 21.88 -34.90 4.21
C ASP C 49 20.53 -35.45 3.73
N ALA C 50 19.43 -34.74 4.02
CA ALA C 50 18.06 -35.28 3.95
C ALA C 50 17.69 -35.86 2.58
N TRP C 51 18.20 -35.24 1.50
CA TRP C 51 17.89 -35.62 0.10
C TRP C 51 18.23 -37.09 -0.19
N GLN C 52 19.21 -37.64 0.53
CA GLN C 52 19.64 -39.05 0.40
C GLN C 52 18.50 -40.00 0.77
N LYS C 53 17.68 -39.58 1.74
CA LYS C 53 16.55 -40.34 2.25
C LYS C 53 15.26 -39.90 1.53
N ALA C 54 15.37 -39.54 0.25
CA ALA C 54 14.24 -39.09 -0.56
C ALA C 54 13.67 -40.28 -1.35
N ASP C 55 14.54 -41.02 -2.04
CA ASP C 55 14.13 -42.17 -2.88
C ASP C 55 13.50 -43.27 -1.99
N GLN C 56 13.87 -43.27 -0.70
CA GLN C 56 13.26 -44.16 0.30
C GLN C 56 11.78 -43.78 0.48
N ILE C 57 11.54 -42.47 0.64
CA ILE C 57 10.20 -41.92 0.93
C ILE C 57 9.29 -42.04 -0.31
N LEU C 58 9.84 -41.79 -1.51
CA LEU C 58 9.04 -41.80 -2.76
C LEU C 58 8.45 -43.20 -3.00
N GLN C 59 9.18 -44.25 -2.60
CA GLN C 59 8.81 -45.65 -2.82
C GLN C 59 7.98 -46.18 -1.64
N PHE C 60 8.51 -46.03 -0.42
CA PHE C 60 8.02 -46.77 0.76
C PHE C 60 6.85 -46.05 1.44
N SER C 61 6.88 -44.72 1.53
CA SER C 61 5.79 -43.96 2.16
C SER C 61 4.55 -44.00 1.26
N THR C 62 3.36 -44.00 1.89
CA THR C 62 2.08 -43.94 1.17
C THR C 62 1.50 -42.52 1.23
N ASN C 63 1.90 -41.73 2.24
CA ASN C 63 1.40 -40.35 2.45
C ASN C 63 1.86 -39.44 1.31
N PRO C 64 0.94 -38.80 0.53
CA PRO C 64 1.35 -37.83 -0.49
C PRO C 64 2.05 -36.56 0.03
N GLN C 65 1.74 -36.15 1.26
CA GLN C 65 2.35 -34.98 1.91
C GLN C 65 3.82 -35.29 2.25
N SER C 66 4.09 -36.50 2.74
CA SER C 66 5.47 -36.93 3.01
C SER C 66 6.30 -36.91 1.70
N LYS C 67 5.68 -37.37 0.60
CA LYS C 67 6.32 -37.43 -0.72
C LYS C 67 6.53 -36.02 -1.29
N PHE C 68 5.58 -35.11 -1.03
CA PHE C 68 5.69 -33.71 -1.46
C PHE C 68 6.94 -33.08 -0.82
N ILE C 69 7.08 -33.24 0.51
CA ILE C 69 8.20 -32.68 1.28
C ILE C 69 9.51 -33.33 0.81
N ALA C 70 9.45 -34.59 0.38
CA ALA C 70 10.63 -35.30 -0.13
C ALA C 70 11.15 -34.61 -1.40
N LEU C 71 10.22 -34.24 -2.29
CA LEU C 71 10.56 -33.58 -3.55
C LEU C 71 11.03 -32.15 -3.29
N SER C 72 10.49 -31.51 -2.25
CA SER C 72 10.93 -30.17 -1.82
C SER C 72 12.39 -30.21 -1.35
N ILE C 73 12.79 -31.30 -0.69
CA ILE C 73 14.19 -31.48 -0.27
C ILE C 73 15.06 -31.75 -1.52
N LEU C 74 14.52 -32.50 -2.49
CA LEU C 74 15.22 -32.72 -3.75
C LEU C 74 15.33 -31.42 -4.55
N ASP C 75 14.27 -30.59 -4.51
CA ASP C 75 14.23 -29.33 -5.26
C ASP C 75 15.39 -28.42 -4.81
N LYS C 76 15.67 -28.44 -3.51
CA LYS C 76 16.65 -27.55 -2.89
C LYS C 76 18.07 -28.00 -3.27
N LEU C 77 18.25 -29.32 -3.43
CA LEU C 77 19.52 -29.93 -3.84
C LEU C 77 19.82 -29.58 -5.31
N ILE C 78 18.79 -29.69 -6.16
CA ILE C 78 18.94 -29.59 -7.62
C ILE C 78 19.30 -28.16 -8.03
N THR C 79 18.69 -27.16 -7.37
CA THR C 79 18.89 -25.79 -7.77
C THR C 79 20.23 -25.27 -7.21
N ARG C 80 20.62 -25.74 -6.01
CA ARG C 80 21.69 -25.12 -5.22
C ARG C 80 22.99 -25.95 -5.24
N LYS C 81 22.93 -27.26 -4.95
CA LYS C 81 24.15 -28.07 -4.68
C LYS C 81 24.29 -29.21 -5.70
N TRP C 82 23.65 -29.06 -6.86
CA TRP C 82 23.51 -30.16 -7.84
C TRP C 82 24.86 -30.50 -8.47
N LYS C 83 25.57 -29.49 -8.99
CA LYS C 83 26.78 -29.72 -9.79
C LYS C 83 27.93 -30.27 -8.93
N LEU C 84 27.80 -30.18 -7.61
CA LEU C 84 28.80 -30.67 -6.65
C LEU C 84 28.73 -32.20 -6.50
N LEU C 85 27.63 -32.82 -6.93
CA LEU C 85 27.44 -34.27 -6.81
C LEU C 85 28.37 -35.00 -7.77
N PRO C 86 28.59 -36.32 -7.58
CA PRO C 86 29.17 -37.16 -8.63
C PRO C 86 28.23 -37.28 -9.83
N ASN C 87 28.77 -37.76 -10.96
CA ASN C 87 28.04 -37.85 -12.23
C ASN C 87 26.99 -38.96 -12.16
N ASP C 88 27.22 -39.98 -11.33
CA ASP C 88 26.34 -41.14 -11.23
C ASP C 88 25.07 -40.78 -10.45
N HIS C 89 25.23 -40.06 -9.34
CA HIS C 89 24.12 -39.61 -8.50
C HIS C 89 23.13 -38.78 -9.33
N ARG C 90 23.65 -37.96 -10.24
CA ARG C 90 22.85 -37.08 -11.09
C ARG C 90 21.94 -37.90 -12.02
N ILE C 91 22.48 -38.97 -12.61
CA ILE C 91 21.71 -39.84 -13.52
C ILE C 91 20.73 -40.68 -12.70
N GLY C 92 21.19 -41.15 -11.53
CA GLY C 92 20.37 -41.95 -10.62
C GLY C 92 19.12 -41.20 -10.18
N ILE C 93 19.25 -39.90 -9.89
CA ILE C 93 18.14 -39.06 -9.40
C ILE C 93 17.19 -38.73 -10.57
N ARG C 94 17.77 -38.39 -11.73
CA ARG C 94 17.01 -38.17 -12.97
C ARG C 94 16.09 -39.37 -13.24
N ASN C 95 16.62 -40.59 -13.09
CA ASN C 95 15.92 -41.79 -13.45
C ASN C 95 14.67 -42.00 -12.58
N PHE C 96 14.80 -41.93 -11.24
CA PHE C 96 13.68 -42.31 -10.34
C PHE C 96 12.70 -41.14 -10.17
N VAL C 97 13.04 -39.96 -10.69
CA VAL C 97 12.05 -38.87 -10.84
C VAL C 97 11.21 -39.12 -12.09
N VAL C 98 11.84 -39.58 -13.18
CA VAL C 98 11.13 -39.95 -14.42
C VAL C 98 10.29 -41.19 -14.14
N GLY C 99 10.87 -42.16 -13.43
CA GLY C 99 10.26 -43.46 -13.16
C GLY C 99 9.08 -43.37 -12.21
N MET C 100 9.11 -42.38 -11.31
CA MET C 100 8.01 -42.09 -10.41
C MET C 100 6.84 -41.50 -11.21
N ILE C 101 7.13 -40.50 -12.06
CA ILE C 101 6.12 -39.77 -12.84
C ILE C 101 5.39 -40.73 -13.79
N ILE C 102 6.14 -41.61 -14.46
CA ILE C 102 5.55 -42.53 -15.44
C ILE C 102 4.60 -43.51 -14.73
N SER C 103 5.04 -44.05 -13.58
CA SER C 103 4.32 -45.09 -12.85
C SER C 103 3.03 -44.54 -12.20
N MET C 104 3.09 -43.29 -11.74
CA MET C 104 1.92 -42.59 -11.15
C MET C 104 0.88 -42.26 -12.23
N CYS C 105 1.33 -42.01 -13.47
CA CYS C 105 0.46 -41.60 -14.58
C CYS C 105 -0.28 -42.82 -15.17
N GLN C 106 0.37 -43.98 -15.13
CA GLN C 106 -0.21 -45.23 -15.63
C GLN C 106 -1.31 -45.71 -14.68
N ASP C 107 -1.06 -45.65 -13.37
CA ASP C 107 -2.05 -45.95 -12.34
C ASP C 107 -3.13 -44.86 -12.35
N ASP C 108 -4.33 -45.18 -12.85
CA ASP C 108 -5.42 -44.20 -13.06
C ASP C 108 -5.97 -43.72 -11.70
N GLU C 109 -5.89 -44.60 -10.70
CA GLU C 109 -6.30 -44.32 -9.30
C GLU C 109 -5.44 -43.17 -8.74
N VAL C 110 -4.12 -43.25 -8.98
CA VAL C 110 -3.14 -42.28 -8.46
C VAL C 110 -3.16 -41.01 -9.32
N PHE C 111 -3.34 -41.16 -10.64
CA PHE C 111 -3.33 -40.04 -11.55
C PHE C 111 -4.48 -39.05 -11.24
N LYS C 112 -5.63 -39.56 -10.81
CA LYS C 112 -6.83 -38.74 -10.61
C LYS C 112 -6.78 -38.03 -9.25
N THR C 113 -6.37 -38.78 -8.20
CA THR C 113 -6.52 -38.35 -6.79
C THR C 113 -5.31 -37.54 -6.28
N GLN C 114 -4.10 -37.93 -6.67
CA GLN C 114 -2.87 -37.34 -6.12
C GLN C 114 -2.26 -36.34 -7.13
N LYS C 115 -3.09 -35.38 -7.58
CA LYS C 115 -2.68 -34.39 -8.58
C LYS C 115 -1.59 -33.46 -8.04
N ASN C 116 -1.69 -33.10 -6.75
CA ASN C 116 -0.73 -32.18 -6.12
C ASN C 116 0.67 -32.78 -6.24
N LEU C 117 0.78 -34.10 -6.00
CA LEU C 117 2.06 -34.80 -5.95
C LEU C 117 2.64 -35.00 -7.36
N ILE C 118 1.78 -35.15 -8.37
CA ILE C 118 2.20 -35.30 -9.78
C ILE C 118 2.81 -33.99 -10.28
N ASN C 119 2.12 -32.87 -10.01
CA ASN C 119 2.53 -31.55 -10.48
C ASN C 119 3.88 -31.15 -9.83
N LYS C 120 4.04 -31.50 -8.56
CA LYS C 120 5.26 -31.22 -7.80
C LYS C 120 6.44 -32.02 -8.36
N SER C 121 6.17 -33.27 -8.76
CA SER C 121 7.16 -34.16 -9.38
C SER C 121 7.60 -33.58 -10.72
N ASP C 122 6.64 -33.07 -11.50
CA ASP C 122 6.91 -32.44 -12.79
C ASP C 122 7.80 -31.22 -12.58
N LEU C 123 7.48 -30.39 -11.59
CA LEU C 123 8.27 -29.20 -11.36
C LEU C 123 9.67 -29.61 -10.93
N THR C 124 9.80 -30.70 -10.17
CA THR C 124 11.10 -31.22 -9.75
C THR C 124 11.87 -31.75 -10.96
N LEU C 125 11.16 -32.32 -11.94
CA LEU C 125 11.76 -32.74 -13.22
C LEU C 125 12.31 -31.53 -13.99
N VAL C 126 11.55 -30.44 -14.03
CA VAL C 126 11.89 -29.26 -14.82
C VAL C 126 13.15 -28.59 -14.23
N GLN C 127 13.35 -28.75 -12.91
CA GLN C 127 14.53 -28.19 -12.24
C GLN C 127 15.79 -28.96 -12.67
N ILE C 128 15.61 -30.25 -13.00
CA ILE C 128 16.69 -31.08 -13.54
C ILE C 128 17.00 -30.64 -14.98
N LEU C 129 15.97 -30.43 -15.81
CA LEU C 129 16.15 -29.96 -17.20
C LEU C 129 16.98 -28.66 -17.21
N LYS C 130 16.69 -27.78 -16.27
CA LYS C 130 17.37 -26.49 -16.18
C LYS C 130 18.87 -26.70 -15.94
N GLN C 131 19.23 -27.78 -15.23
CA GLN C 131 20.65 -28.13 -14.98
C GLN C 131 21.24 -28.92 -16.14
N GLU C 132 20.45 -29.82 -16.75
CA GLU C 132 20.95 -30.94 -17.55
C GLU C 132 20.58 -30.86 -19.04
N TRP C 133 19.59 -30.03 -19.42
CA TRP C 133 19.02 -30.07 -20.79
C TRP C 133 19.41 -28.83 -21.58
N PRO C 134 19.69 -28.95 -22.89
CA PRO C 134 19.71 -30.19 -23.67
C PRO C 134 21.09 -30.84 -23.80
N GLN C 135 22.11 -30.21 -23.22
CA GLN C 135 23.52 -30.61 -23.34
C GLN C 135 23.71 -32.09 -22.93
N ASN C 136 23.06 -32.54 -21.85
CA ASN C 136 23.24 -33.90 -21.30
C ASN C 136 21.94 -34.72 -21.38
N TRP C 137 21.02 -34.32 -22.25
CA TRP C 137 19.73 -35.01 -22.37
C TRP C 137 19.07 -34.67 -23.71
N PRO C 138 19.79 -34.79 -24.85
CA PRO C 138 19.32 -34.22 -26.11
C PRO C 138 18.05 -34.91 -26.65
N GLU C 139 17.77 -36.12 -26.15
CA GLU C 139 16.65 -36.95 -26.64
C GLU C 139 15.39 -36.71 -25.79
N PHE C 140 15.42 -35.78 -24.83
CA PHE C 140 14.31 -35.53 -23.91
C PHE C 140 13.02 -35.20 -24.67
N ILE C 141 13.10 -34.30 -25.65
CA ILE C 141 11.92 -33.85 -26.41
C ILE C 141 11.44 -34.95 -27.35
N PRO C 142 12.29 -35.56 -28.21
CA PRO C 142 11.88 -36.74 -28.98
C PRO C 142 11.21 -37.85 -28.16
N GLU C 143 11.76 -38.15 -26.98
CA GLU C 143 11.27 -39.24 -26.10
C GLU C 143 9.94 -38.88 -25.45
N LEU C 144 9.78 -37.60 -25.07
CA LEU C 144 8.52 -37.09 -24.49
C LEU C 144 7.37 -37.18 -25.51
N ILE C 145 7.67 -36.84 -26.78
CA ILE C 145 6.70 -36.88 -27.86
C ILE C 145 6.30 -38.34 -28.14
N GLY C 146 7.27 -39.26 -27.99
CA GLY C 146 7.09 -40.69 -28.26
C GLY C 146 6.21 -41.36 -27.22
N SER C 147 6.46 -41.04 -25.94
CA SER C 147 5.71 -41.61 -24.81
C SER C 147 4.25 -41.13 -24.84
N SER C 148 4.00 -39.95 -25.42
CA SER C 148 2.67 -39.32 -25.50
C SER C 148 1.71 -40.10 -26.40
N SER C 149 2.22 -41.01 -27.25
CA SER C 149 1.36 -41.87 -28.10
C SER C 149 0.70 -42.97 -27.26
N SER C 150 1.48 -43.53 -26.31
CA SER C 150 1.17 -44.81 -25.66
C SER C 150 0.04 -44.68 -24.62
N SER C 151 0.06 -43.62 -23.82
CA SER C 151 -0.85 -43.44 -22.69
C SER C 151 -1.37 -41.99 -22.65
N VAL C 152 -2.70 -41.84 -22.61
CA VAL C 152 -3.37 -40.54 -22.64
C VAL C 152 -3.03 -39.75 -21.37
N ASN C 153 -2.90 -40.45 -20.25
CA ASN C 153 -2.62 -39.82 -18.97
C ASN C 153 -1.19 -39.24 -18.98
N VAL C 154 -0.26 -39.96 -19.63
CA VAL C 154 1.14 -39.53 -19.76
C VAL C 154 1.19 -38.30 -20.67
N CYS C 155 0.47 -38.37 -21.81
CA CYS C 155 0.36 -37.30 -22.82
C CYS C 155 -0.09 -35.98 -22.17
N GLU C 156 -1.10 -36.08 -21.28
CA GLU C 156 -1.67 -34.96 -20.55
C GLU C 156 -0.64 -34.39 -19.59
N ASN C 157 0.08 -35.28 -18.88
CA ASN C 157 1.07 -34.85 -17.89
C ASN C 157 2.30 -34.26 -18.57
N ASN C 158 2.58 -34.66 -19.82
CA ASN C 158 3.68 -34.12 -20.61
C ASN C 158 3.38 -32.67 -20.98
N MET C 159 2.08 -32.33 -21.14
CA MET C 159 1.64 -30.96 -21.40
C MET C 159 1.80 -30.09 -20.15
N ILE C 160 1.70 -30.69 -18.96
CA ILE C 160 1.95 -29.99 -17.70
C ILE C 160 3.46 -29.73 -17.55
N VAL C 161 4.29 -30.70 -17.96
CA VAL C 161 5.75 -30.56 -17.88
C VAL C 161 6.19 -29.43 -18.81
N LEU C 162 5.74 -29.47 -20.06
CA LEU C 162 6.11 -28.49 -21.08
C LEU C 162 5.59 -27.11 -20.70
N LYS C 163 4.44 -27.04 -20.02
CA LYS C 163 3.90 -25.76 -19.54
C LYS C 163 4.88 -25.12 -18.54
N LEU C 164 5.29 -25.92 -17.56
CA LEU C 164 6.18 -25.48 -16.48
C LEU C 164 7.58 -25.17 -17.05
N LEU C 165 8.05 -25.97 -18.02
CA LEU C 165 9.35 -25.73 -18.67
C LEU C 165 9.35 -24.35 -19.33
N SER C 166 8.27 -24.02 -20.06
CA SER C 166 8.11 -22.72 -20.73
C SER C 166 8.08 -21.58 -19.71
N GLU C 167 7.35 -21.78 -18.61
CA GLU C 167 7.26 -20.79 -17.53
C GLU C 167 8.67 -20.51 -16.98
N GLU C 168 9.42 -21.57 -16.63
CA GLU C 168 10.72 -21.43 -15.94
C GLU C 168 11.78 -20.82 -16.88
N VAL C 169 11.65 -21.01 -18.19
CA VAL C 169 12.65 -20.55 -19.16
C VAL C 169 12.35 -19.12 -19.64
N PHE C 170 11.09 -18.81 -19.93
CA PHE C 170 10.74 -17.55 -20.60
C PHE C 170 10.10 -16.54 -19.63
N ASP C 171 9.24 -16.99 -18.71
CA ASP C 171 8.48 -16.11 -17.83
C ASP C 171 9.23 -15.79 -16.53
N PHE C 172 10.04 -16.71 -16.00
CA PHE C 172 10.65 -16.57 -14.65
C PHE C 172 12.17 -16.81 -14.67
N SER C 173 12.82 -16.65 -15.82
CA SER C 173 14.25 -16.81 -15.92
C SER C 173 14.98 -15.53 -15.48
N ALA C 174 14.35 -14.37 -15.70
CA ALA C 174 15.04 -13.08 -15.59
C ALA C 174 15.79 -12.95 -14.26
N GLU C 175 15.13 -13.33 -13.16
CA GLU C 175 15.71 -13.15 -11.82
C GLU C 175 16.54 -14.38 -11.43
N GLN C 176 16.06 -15.57 -11.80
CA GLN C 176 16.44 -16.82 -11.13
C GLN C 176 17.68 -17.47 -11.75
N MET C 177 18.08 -17.06 -12.98
CA MET C 177 19.24 -17.68 -13.65
C MET C 177 20.05 -16.61 -14.39
N THR C 178 21.28 -16.96 -14.76
CA THR C 178 22.19 -16.01 -15.44
C THR C 178 21.62 -15.68 -16.82
N GLN C 179 22.04 -14.52 -17.37
CA GLN C 179 21.72 -14.12 -18.74
C GLN C 179 22.11 -15.20 -19.75
N ALA C 180 23.33 -15.72 -19.62
CA ALA C 180 23.89 -16.70 -20.56
C ALA C 180 23.08 -17.99 -20.54
N LYS C 181 22.72 -18.43 -19.34
CA LYS C 181 22.01 -19.68 -19.16
C LYS C 181 20.55 -19.53 -19.57
N ALA C 182 20.00 -18.32 -19.44
CA ALA C 182 18.64 -18.01 -19.93
C ALA C 182 18.58 -18.16 -21.46
N LEU C 183 19.48 -17.46 -22.15
CA LEU C 183 19.60 -17.49 -23.60
C LEU C 183 19.78 -18.94 -24.10
N HIS C 184 20.63 -19.71 -23.41
CA HIS C 184 20.87 -21.14 -23.70
C HIS C 184 19.55 -21.96 -23.69
N LEU C 185 18.80 -21.85 -22.58
CA LEU C 185 17.57 -22.61 -22.40
C LEU C 185 16.47 -22.08 -23.33
N LYS C 186 16.47 -20.78 -23.61
CA LYS C 186 15.50 -20.16 -24.52
C LYS C 186 15.76 -20.67 -25.95
N ASN C 187 17.01 -20.57 -26.40
CA ASN C 187 17.43 -21.00 -27.73
C ASN C 187 17.11 -22.49 -27.90
N SER C 188 17.26 -23.26 -26.82
CA SER C 188 17.11 -24.71 -26.82
C SER C 188 15.64 -25.11 -27.02
N MET C 189 14.71 -24.38 -26.39
CA MET C 189 13.26 -24.64 -26.54
C MET C 189 12.80 -24.20 -27.93
N SER C 190 13.20 -22.98 -28.30
CA SER C 190 12.96 -22.38 -29.59
C SER C 190 13.38 -23.32 -30.73
N LYS C 191 14.54 -23.96 -30.58
CA LYS C 191 15.12 -24.82 -31.63
C LYS C 191 14.27 -26.07 -31.88
N GLU C 192 13.59 -26.57 -30.83
CA GLU C 192 12.82 -27.83 -30.90
C GLU C 192 11.31 -27.58 -30.79
N PHE C 193 10.85 -26.33 -30.93
CA PHE C 193 9.43 -26.02 -30.72
C PHE C 193 8.60 -26.54 -31.90
N GLU C 194 9.19 -26.63 -33.10
CA GLU C 194 8.51 -27.20 -34.27
C GLU C 194 7.89 -28.57 -33.88
N GLN C 195 8.68 -29.38 -33.17
CA GLN C 195 8.33 -30.76 -32.79
C GLN C 195 7.28 -30.74 -31.66
N ILE C 196 7.38 -29.76 -30.75
CA ILE C 196 6.44 -29.61 -29.63
C ILE C 196 5.09 -29.13 -30.16
N PHE C 197 5.11 -28.24 -31.16
CA PHE C 197 3.88 -27.66 -31.71
C PHE C 197 3.11 -28.70 -32.53
N LYS C 198 3.82 -29.56 -33.27
CA LYS C 198 3.16 -30.63 -34.01
C LYS C 198 2.28 -31.45 -33.06
N LEU C 199 2.86 -31.88 -31.92
CA LEU C 199 2.17 -32.68 -30.90
C LEU C 199 0.98 -31.92 -30.31
N CYS C 200 1.16 -30.61 -30.11
CA CYS C 200 0.15 -29.71 -29.51
C CYS C 200 -1.09 -29.62 -30.41
N PHE C 201 -0.86 -29.23 -31.67
CA PHE C 201 -1.90 -29.03 -32.67
C PHE C 201 -2.58 -30.35 -33.02
N GLN C 202 -1.82 -31.45 -32.93
CA GLN C 202 -2.31 -32.81 -33.17
C GLN C 202 -3.36 -33.18 -32.11
N VAL C 203 -3.02 -32.98 -30.83
CA VAL C 203 -3.90 -33.27 -29.71
C VAL C 203 -5.17 -32.41 -29.78
N LEU C 204 -5.02 -31.12 -30.15
CA LEU C 204 -6.16 -30.17 -30.21
C LEU C 204 -7.10 -30.53 -31.37
N GLU C 205 -6.54 -31.09 -32.45
CA GLU C 205 -7.33 -31.43 -33.62
C GLU C 205 -8.07 -32.75 -33.39
N GLN C 206 -7.37 -33.76 -32.84
CA GLN C 206 -7.81 -35.19 -32.85
C GLN C 206 -8.34 -35.66 -31.49
N GLY C 207 -7.98 -34.98 -30.41
CA GLY C 207 -8.28 -35.44 -29.05
C GLY C 207 -9.75 -35.26 -28.69
N SER C 208 -10.28 -36.20 -27.89
CA SER C 208 -11.64 -36.14 -27.34
C SER C 208 -11.60 -35.79 -25.83
N SER C 209 -10.51 -36.16 -25.15
CA SER C 209 -10.33 -36.00 -23.70
C SER C 209 -10.19 -34.52 -23.34
N SER C 210 -11.23 -33.95 -22.72
CA SER C 210 -11.27 -32.54 -22.37
C SER C 210 -10.23 -32.22 -21.27
N SER C 211 -9.87 -33.19 -20.43
CA SER C 211 -8.81 -32.97 -19.40
C SER C 211 -7.45 -32.77 -20.10
N LEU C 212 -7.19 -33.61 -21.11
CA LEU C 212 -5.99 -33.57 -21.94
C LEU C 212 -6.00 -32.28 -22.78
N ILE C 213 -7.17 -31.92 -23.31
CA ILE C 213 -7.33 -30.73 -24.18
C ILE C 213 -7.09 -29.45 -23.38
N VAL C 214 -7.61 -29.40 -22.14
CA VAL C 214 -7.44 -28.22 -21.27
C VAL C 214 -5.95 -28.02 -20.98
N ALA C 215 -5.27 -29.10 -20.57
CA ALA C 215 -3.83 -29.07 -20.23
C ALA C 215 -2.98 -28.62 -21.44
N THR C 216 -3.41 -29.02 -22.64
CA THR C 216 -2.74 -28.63 -23.87
C THR C 216 -2.93 -27.12 -24.11
N LEU C 217 -4.14 -26.62 -23.89
CA LEU C 217 -4.47 -25.19 -24.04
C LEU C 217 -3.81 -24.37 -22.92
N GLU C 218 -3.65 -24.97 -21.73
CA GLU C 218 -2.92 -24.36 -20.63
C GLU C 218 -1.46 -24.16 -21.07
N SER C 219 -0.89 -25.18 -21.73
CA SER C 219 0.47 -25.10 -22.22
C SER C 219 0.57 -24.04 -23.32
N LEU C 220 -0.44 -23.98 -24.20
CA LEU C 220 -0.44 -23.06 -25.36
C LEU C 220 -0.40 -21.60 -24.89
N LEU C 221 -1.18 -21.30 -23.84
CA LEU C 221 -1.21 -19.96 -23.26
C LEU C 221 0.23 -19.51 -22.98
N ARG C 222 1.02 -20.40 -22.38
CA ARG C 222 2.40 -20.12 -21.99
C ARG C 222 3.31 -19.99 -23.21
N TYR C 223 3.06 -20.80 -24.25
CA TYR C 223 3.84 -20.71 -25.50
C TYR C 223 3.64 -19.34 -26.15
N LEU C 224 2.43 -18.81 -26.11
CA LEU C 224 2.04 -17.60 -26.85
C LEU C 224 2.77 -16.36 -26.34
N HIS C 225 3.43 -16.46 -25.17
CA HIS C 225 4.26 -15.36 -24.60
C HIS C 225 5.48 -15.08 -25.49
N TRP C 226 5.97 -16.09 -26.25
CA TRP C 226 7.32 -16.02 -26.87
C TRP C 226 7.39 -16.58 -28.29
N ILE C 227 6.49 -17.47 -28.70
CA ILE C 227 6.63 -18.16 -30.00
C ILE C 227 6.46 -17.17 -31.14
N PRO C 228 7.04 -17.47 -32.33
CA PRO C 228 6.85 -16.61 -33.51
C PRO C 228 5.39 -16.68 -33.96
N TYR C 229 4.92 -15.59 -34.58
CA TYR C 229 3.51 -15.42 -34.93
C TYR C 229 3.05 -16.47 -35.96
N ARG C 230 3.98 -16.98 -36.78
CA ARG C 230 3.66 -17.83 -37.94
C ARG C 230 2.98 -19.14 -37.50
N TYR C 231 3.31 -19.62 -36.29
CA TYR C 231 2.73 -20.85 -35.73
C TYR C 231 1.22 -20.73 -35.51
N ILE C 232 0.72 -19.50 -35.33
CA ILE C 232 -0.72 -19.24 -35.08
C ILE C 232 -1.45 -18.91 -36.41
N TYR C 233 -0.82 -18.08 -37.24
CA TYR C 233 -1.48 -17.50 -38.42
C TYR C 233 -1.37 -18.44 -39.63
N GLU C 234 -0.28 -19.21 -39.75
CA GLU C 234 -0.06 -20.07 -40.93
C GLU C 234 -0.48 -21.52 -40.66
N THR C 235 -1.35 -21.75 -39.68
CA THR C 235 -1.94 -23.05 -39.41
C THR C 235 -3.44 -22.85 -39.15
N ASN C 236 -4.13 -23.94 -38.86
CA ASN C 236 -5.58 -23.96 -38.70
C ASN C 236 -5.97 -23.48 -37.29
N ILE C 237 -4.99 -23.28 -36.40
CA ILE C 237 -5.22 -23.24 -34.94
C ILE C 237 -6.12 -22.08 -34.51
N LEU C 238 -6.16 -20.99 -35.27
CA LEU C 238 -7.07 -19.88 -34.91
C LEU C 238 -8.54 -20.31 -35.05
N GLU C 239 -8.86 -21.06 -36.10
CA GLU C 239 -10.23 -21.54 -36.34
C GLU C 239 -10.68 -22.42 -35.18
N LEU C 240 -9.76 -23.21 -34.62
CA LEU C 240 -10.05 -24.17 -33.56
C LEU C 240 -10.36 -23.45 -32.24
N LEU C 241 -9.50 -22.48 -31.89
CA LEU C 241 -9.65 -21.71 -30.66
C LEU C 241 -10.96 -20.92 -30.71
N SER C 242 -11.24 -20.32 -31.88
CA SER C 242 -12.31 -19.34 -32.03
C SER C 242 -13.69 -19.99 -32.22
N THR C 243 -13.74 -21.28 -32.58
CA THR C 243 -15.02 -21.96 -32.83
C THR C 243 -15.21 -23.14 -31.87
N LYS C 244 -14.39 -24.17 -32.05
CA LYS C 244 -14.55 -25.46 -31.37
C LYS C 244 -14.46 -25.30 -29.85
N PHE C 245 -13.44 -24.59 -29.37
CA PHE C 245 -13.10 -24.61 -27.95
C PHE C 245 -13.83 -23.53 -27.17
N MET C 246 -14.52 -22.62 -27.87
CA MET C 246 -15.37 -21.62 -27.20
C MET C 246 -16.75 -22.21 -26.86
N THR C 247 -17.11 -23.35 -27.48
CA THR C 247 -18.44 -23.94 -27.28
C THR C 247 -18.53 -24.74 -25.97
N SER C 248 -17.52 -25.56 -25.69
CA SER C 248 -17.47 -26.37 -24.46
C SER C 248 -16.99 -25.49 -23.30
N PRO C 249 -17.62 -25.55 -22.10
CA PRO C 249 -17.34 -24.58 -21.03
C PRO C 249 -16.03 -24.79 -20.27
N ASP C 250 -15.54 -26.03 -20.25
CA ASP C 250 -14.27 -26.38 -19.58
C ASP C 250 -13.10 -25.75 -20.36
N THR C 251 -13.16 -25.80 -21.70
CA THR C 251 -12.10 -25.27 -22.59
C THR C 251 -12.27 -23.77 -22.87
N ARG C 252 -13.46 -23.22 -22.60
CA ARG C 252 -13.83 -21.82 -22.91
C ARG C 252 -12.93 -20.84 -22.17
N ALA C 253 -12.83 -21.03 -20.84
CA ALA C 253 -12.05 -20.19 -19.93
C ALA C 253 -10.62 -19.97 -20.45
N ILE C 254 -9.92 -21.09 -20.74
CA ILE C 254 -8.51 -21.07 -21.12
C ILE C 254 -8.37 -20.57 -22.58
N THR C 255 -9.30 -20.96 -23.46
CA THR C 255 -9.24 -20.57 -24.87
C THR C 255 -9.37 -19.05 -25.00
N LEU C 256 -10.24 -18.48 -24.17
CA LEU C 256 -10.48 -17.05 -24.19
C LEU C 256 -9.19 -16.33 -23.74
N LYS C 257 -8.51 -16.88 -22.72
CA LYS C 257 -7.23 -16.34 -22.22
C LYS C 257 -6.13 -16.51 -23.27
N CYS C 258 -6.21 -17.56 -24.11
CA CYS C 258 -5.27 -17.78 -25.21
C CYS C 258 -5.48 -16.73 -26.31
N LEU C 259 -6.74 -16.46 -26.66
CA LEU C 259 -7.06 -15.51 -27.74
C LEU C 259 -6.72 -14.08 -27.32
N THR C 260 -6.80 -13.79 -26.02
CA THR C 260 -6.39 -12.53 -25.44
C THR C 260 -4.91 -12.30 -25.71
N GLU C 261 -4.10 -13.35 -25.53
CA GLU C 261 -2.66 -13.26 -25.73
C GLU C 261 -2.33 -13.28 -27.23
N VAL C 262 -3.16 -13.95 -28.04
CA VAL C 262 -3.02 -13.93 -29.51
C VAL C 262 -3.14 -12.48 -30.00
N SER C 263 -4.10 -11.74 -29.44
CA SER C 263 -4.39 -10.38 -29.84
C SER C 263 -3.14 -9.49 -29.66
N ASN C 264 -2.27 -9.88 -28.73
CA ASN C 264 -1.04 -9.14 -28.41
C ASN C 264 0.19 -9.64 -29.21
N LEU C 265 0.04 -10.66 -30.06
CA LEU C 265 1.18 -11.22 -30.82
C LEU C 265 1.83 -10.14 -31.70
N LYS C 266 3.12 -10.32 -32.01
CA LYS C 266 3.84 -9.44 -32.93
C LYS C 266 3.54 -9.90 -34.37
N ILE C 267 2.93 -8.97 -35.15
CA ILE C 267 2.27 -9.24 -36.45
C ILE C 267 2.70 -8.20 -37.47
N PRO C 268 2.99 -8.58 -38.75
CA PRO C 268 3.13 -7.60 -39.83
C PRO C 268 1.85 -6.78 -40.04
N GLN C 269 1.99 -5.46 -40.08
CA GLN C 269 0.86 -4.52 -40.06
C GLN C 269 0.48 -4.06 -41.47
N ASP C 270 0.92 -4.78 -42.50
CA ASP C 270 0.71 -4.37 -43.90
C ASP C 270 0.21 -5.53 -44.78
N ASN C 271 -0.06 -6.69 -44.18
CA ASN C 271 -0.45 -7.90 -44.91
C ASN C 271 -1.95 -8.11 -44.80
N ASP C 272 -2.64 -8.15 -45.94
CA ASP C 272 -4.11 -8.17 -46.04
C ASP C 272 -4.69 -9.47 -45.48
N LEU C 273 -3.97 -10.58 -45.68
CA LEU C 273 -4.46 -11.91 -45.29
C LEU C 273 -4.49 -12.04 -43.75
N ILE C 274 -3.47 -11.51 -43.08
CA ILE C 274 -3.37 -11.55 -41.62
C ILE C 274 -4.46 -10.64 -41.01
N LYS C 275 -4.79 -9.55 -41.71
CA LYS C 275 -5.84 -8.64 -41.25
C LYS C 275 -7.20 -9.34 -41.29
N ARG C 276 -7.46 -10.11 -42.35
CA ARG C 276 -8.71 -10.87 -42.45
C ARG C 276 -8.72 -11.99 -41.40
N GLN C 277 -7.56 -12.59 -41.13
CA GLN C 277 -7.46 -13.68 -40.15
C GLN C 277 -7.72 -13.17 -38.73
N THR C 278 -7.20 -11.96 -38.43
CA THR C 278 -7.38 -11.29 -37.16
C THR C 278 -8.87 -10.90 -36.99
N VAL C 279 -9.47 -10.43 -38.08
CA VAL C 279 -10.90 -10.12 -38.10
C VAL C 279 -11.71 -11.39 -37.87
N LEU C 280 -11.31 -12.48 -38.53
CA LEU C 280 -12.08 -13.73 -38.52
C LEU C 280 -12.21 -14.29 -37.10
N PHE C 281 -11.10 -14.45 -36.39
CA PHE C 281 -11.13 -15.14 -35.09
C PHE C 281 -11.98 -14.33 -34.09
N PHE C 282 -11.99 -13.00 -34.24
CA PHE C 282 -12.81 -12.14 -33.40
C PHE C 282 -14.28 -12.41 -33.73
N GLN C 283 -14.61 -12.39 -35.02
CA GLN C 283 -15.98 -12.61 -35.49
C GLN C 283 -16.50 -13.96 -34.97
N ASN C 284 -15.66 -14.99 -35.04
CA ASN C 284 -16.00 -16.34 -34.61
C ASN C 284 -16.26 -16.34 -33.09
N THR C 285 -15.36 -15.70 -32.34
CA THR C 285 -15.42 -15.70 -30.86
C THR C 285 -16.70 -15.00 -30.38
N LEU C 286 -17.02 -13.83 -30.95
CA LEU C 286 -18.24 -13.08 -30.62
C LEU C 286 -19.49 -13.86 -31.05
N GLN C 287 -19.38 -14.69 -32.09
CA GLN C 287 -20.48 -15.49 -32.58
C GLN C 287 -20.82 -16.57 -31.55
N GLN C 288 -19.79 -17.24 -31.03
CA GLN C 288 -19.98 -18.30 -30.02
C GLN C 288 -20.52 -17.73 -28.71
N ILE C 289 -20.05 -16.54 -28.30
CA ILE C 289 -20.52 -15.90 -27.09
C ILE C 289 -22.04 -15.72 -27.18
N ALA C 290 -22.47 -15.19 -28.33
CA ALA C 290 -23.89 -14.87 -28.63
C ALA C 290 -24.77 -16.14 -28.63
N THR C 291 -24.28 -17.24 -29.22
CA THR C 291 -25.09 -18.45 -29.38
C THR C 291 -24.94 -19.39 -28.17
N SER C 292 -23.77 -19.42 -27.52
CA SER C 292 -23.45 -20.47 -26.52
C SER C 292 -23.46 -19.94 -25.08
N VAL C 293 -23.22 -18.64 -24.86
CA VAL C 293 -23.07 -18.12 -23.49
C VAL C 293 -24.21 -17.15 -23.14
N MET C 294 -24.26 -15.99 -23.80
CA MET C 294 -25.40 -15.09 -23.62
C MET C 294 -25.48 -14.09 -24.76
N PRO C 295 -26.70 -13.61 -25.13
CA PRO C 295 -26.84 -12.58 -26.14
C PRO C 295 -26.33 -11.20 -25.69
N VAL C 296 -26.28 -10.27 -26.63
CA VAL C 296 -25.78 -8.93 -26.44
C VAL C 296 -26.60 -8.21 -25.36
N THR C 297 -27.89 -8.54 -25.28
CA THR C 297 -28.85 -7.83 -24.45
C THR C 297 -28.86 -8.36 -23.00
N ALA C 298 -28.13 -9.44 -22.73
CA ALA C 298 -28.15 -10.11 -21.42
C ALA C 298 -27.66 -9.13 -20.34
N ASP C 299 -28.34 -9.17 -19.18
CA ASP C 299 -28.02 -8.28 -18.08
C ASP C 299 -26.83 -8.88 -17.32
N LEU C 300 -25.62 -8.51 -17.75
CA LEU C 300 -24.40 -9.08 -17.19
C LEU C 300 -24.20 -8.63 -15.73
N LYS C 301 -24.75 -7.48 -15.36
CA LYS C 301 -24.72 -7.01 -13.98
C LYS C 301 -25.38 -8.04 -13.04
N ALA C 302 -26.57 -8.50 -13.40
CA ALA C 302 -27.31 -9.51 -12.64
C ALA C 302 -26.54 -10.86 -12.61
N THR C 303 -25.93 -11.25 -13.73
CA THR C 303 -25.25 -12.55 -13.79
C THR C 303 -24.04 -12.52 -12.85
N TYR C 304 -23.26 -11.44 -12.95
CA TYR C 304 -22.04 -11.30 -12.16
C TYR C 304 -22.38 -11.34 -10.66
N ALA C 305 -23.41 -10.58 -10.26
CA ALA C 305 -23.86 -10.46 -8.86
C ALA C 305 -24.23 -11.85 -8.27
N ASN C 306 -24.84 -12.71 -9.10
CA ASN C 306 -25.37 -14.00 -8.66
C ASN C 306 -24.24 -15.02 -8.49
N ALA C 307 -23.15 -14.85 -9.23
CA ALA C 307 -21.86 -15.51 -8.94
C ALA C 307 -21.88 -17.02 -9.23
N ASN C 308 -22.69 -17.46 -10.21
CA ASN C 308 -22.80 -18.90 -10.55
C ASN C 308 -21.48 -19.42 -11.14
N GLY C 309 -21.10 -20.63 -10.71
CA GLY C 309 -19.90 -21.32 -11.17
C GLY C 309 -18.72 -20.37 -11.35
N ASN C 310 -18.26 -20.22 -12.59
CA ASN C 310 -17.11 -19.43 -12.94
C ASN C 310 -17.54 -18.28 -13.85
N ASP C 311 -18.80 -17.85 -13.70
CA ASP C 311 -19.34 -16.74 -14.46
C ASP C 311 -18.54 -15.45 -14.19
N GLN C 312 -18.15 -15.22 -12.93
CA GLN C 312 -17.44 -14.01 -12.56
C GLN C 312 -16.05 -13.99 -13.23
N SER C 313 -15.31 -15.10 -13.13
CA SER C 313 -14.02 -15.24 -13.83
C SER C 313 -14.19 -15.08 -15.34
N PHE C 314 -15.28 -15.64 -15.88
CA PHE C 314 -15.48 -15.67 -17.32
C PHE C 314 -15.72 -14.24 -17.84
N LEU C 315 -16.57 -13.50 -17.14
CA LEU C 315 -16.91 -12.13 -17.52
C LEU C 315 -15.69 -11.20 -17.35
N GLN C 316 -14.85 -11.48 -16.35
CA GLN C 316 -13.58 -10.79 -16.20
C GLN C 316 -12.72 -11.05 -17.44
N ASP C 317 -12.66 -12.31 -17.87
CA ASP C 317 -11.81 -12.72 -18.98
C ASP C 317 -12.36 -12.18 -20.30
N LEU C 318 -13.69 -12.06 -20.40
CA LEU C 318 -14.31 -11.52 -21.61
C LEU C 318 -13.94 -10.04 -21.77
N ALA C 319 -14.03 -9.28 -20.69
CA ALA C 319 -13.65 -7.87 -20.68
C ALA C 319 -12.20 -7.72 -21.15
N MET C 320 -11.31 -8.54 -20.58
CA MET C 320 -9.89 -8.50 -20.89
C MET C 320 -9.67 -8.80 -22.37
N PHE C 321 -10.41 -9.77 -22.92
CA PHE C 321 -10.26 -10.16 -24.31
C PHE C 321 -10.76 -9.05 -25.25
N LEU C 322 -11.93 -8.51 -24.96
CA LEU C 322 -12.52 -7.50 -25.82
C LEU C 322 -11.66 -6.22 -25.81
N THR C 323 -11.34 -5.72 -24.61
CA THR C 323 -10.54 -4.50 -24.45
C THR C 323 -9.19 -4.64 -25.15
N THR C 324 -8.47 -5.73 -24.83
CA THR C 324 -7.14 -6.01 -25.41
C THR C 324 -7.21 -5.96 -26.94
N TYR C 325 -8.18 -6.68 -27.54
CA TYR C 325 -8.26 -6.84 -28.99
C TYR C 325 -8.69 -5.52 -29.63
N LEU C 326 -9.70 -4.87 -29.05
CA LEU C 326 -10.25 -3.65 -29.63
C LEU C 326 -9.28 -2.47 -29.45
N ALA C 327 -8.43 -2.52 -28.41
CA ALA C 327 -7.40 -1.50 -28.24
C ALA C 327 -6.40 -1.54 -29.39
N ARG C 328 -6.09 -2.75 -29.88
CA ARG C 328 -5.08 -2.95 -30.90
C ARG C 328 -5.68 -2.87 -32.31
N ASN C 329 -6.87 -3.47 -32.50
CA ASN C 329 -7.32 -3.93 -33.81
C ASN C 329 -8.62 -3.24 -34.28
N ARG C 330 -9.25 -2.39 -33.48
CA ARG C 330 -10.60 -1.91 -33.83
C ARG C 330 -10.59 -1.17 -35.17
N ALA C 331 -9.44 -0.60 -35.56
CA ALA C 331 -9.26 0.01 -36.89
C ALA C 331 -9.77 -0.94 -37.98
N LEU C 332 -9.53 -2.24 -37.82
CA LEU C 332 -9.84 -3.25 -38.85
C LEU C 332 -11.35 -3.37 -39.09
N LEU C 333 -12.16 -2.98 -38.10
CA LEU C 333 -13.59 -3.18 -38.13
C LEU C 333 -14.35 -1.90 -38.53
N GLU C 334 -13.64 -0.77 -38.62
CA GLU C 334 -14.30 0.56 -38.74
C GLU C 334 -14.60 0.94 -40.20
N SER C 335 -13.96 0.27 -41.16
CA SER C 335 -13.98 0.66 -42.58
C SER C 335 -15.04 -0.15 -43.36
N ASP C 336 -14.93 -1.47 -43.28
CA ASP C 336 -15.82 -2.40 -43.95
C ASP C 336 -17.22 -2.31 -43.31
N GLU C 337 -18.24 -2.05 -44.13
CA GLU C 337 -19.64 -1.89 -43.63
C GLU C 337 -20.24 -3.24 -43.18
N SER C 338 -19.68 -4.35 -43.68
CA SER C 338 -20.11 -5.68 -43.25
C SER C 338 -19.63 -5.99 -41.82
N LEU C 339 -18.52 -5.39 -41.40
CA LEU C 339 -17.93 -5.62 -40.06
C LEU C 339 -18.51 -4.65 -39.01
N ARG C 340 -19.40 -3.73 -39.43
CA ARG C 340 -19.95 -2.67 -38.57
C ARG C 340 -20.76 -3.25 -37.40
N GLU C 341 -21.52 -4.32 -37.66
CA GLU C 341 -22.36 -4.92 -36.64
C GLU C 341 -21.49 -5.62 -35.58
N LEU C 342 -20.41 -6.27 -36.04
CA LEU C 342 -19.47 -6.94 -35.17
C LEU C 342 -18.82 -5.93 -34.22
N LEU C 343 -18.43 -4.78 -34.77
CA LEU C 343 -17.73 -3.76 -34.05
C LEU C 343 -18.61 -3.26 -32.92
N LEU C 344 -19.87 -2.95 -33.25
CA LEU C 344 -20.83 -2.37 -32.28
C LEU C 344 -21.34 -3.43 -31.29
N ASN C 345 -21.46 -4.69 -31.70
CA ASN C 345 -21.87 -5.78 -30.81
C ASN C 345 -20.84 -5.97 -29.69
N ALA C 346 -19.56 -5.98 -30.06
CA ALA C 346 -18.47 -6.19 -29.11
C ALA C 346 -18.39 -5.02 -28.13
N HIS C 347 -18.63 -3.79 -28.62
CA HIS C 347 -18.65 -2.60 -27.77
C HIS C 347 -19.88 -2.63 -26.84
N GLN C 348 -21.00 -3.14 -27.37
CA GLN C 348 -22.24 -3.28 -26.57
C GLN C 348 -22.04 -4.32 -25.46
N TYR C 349 -21.22 -5.35 -25.69
CA TYR C 349 -20.85 -6.28 -24.61
C TYR C 349 -20.08 -5.53 -23.52
N LEU C 350 -19.15 -4.66 -23.93
CA LEU C 350 -18.35 -3.88 -22.97
C LEU C 350 -19.25 -2.93 -22.18
N ILE C 351 -20.23 -2.33 -22.84
CA ILE C 351 -21.17 -1.44 -22.17
C ILE C 351 -21.86 -2.21 -21.05
N GLN C 352 -22.31 -3.44 -21.36
CA GLN C 352 -22.97 -4.31 -20.39
C GLN C 352 -21.98 -4.70 -19.28
N LEU C 353 -20.76 -5.11 -19.66
CA LEU C 353 -19.73 -5.44 -18.67
C LEU C 353 -19.46 -4.25 -17.73
N SER C 354 -19.52 -3.01 -18.26
CA SER C 354 -19.24 -1.77 -17.52
C SER C 354 -20.28 -1.51 -16.40
N LYS C 355 -21.46 -2.09 -16.53
CA LYS C 355 -22.52 -1.90 -15.57
C LYS C 355 -22.33 -2.84 -14.37
N ILE C 356 -21.46 -3.86 -14.52
CA ILE C 356 -21.16 -4.79 -13.41
C ILE C 356 -20.58 -4.02 -12.22
N GLU C 357 -21.14 -4.32 -11.04
CA GLU C 357 -20.77 -3.71 -9.79
C GLU C 357 -19.58 -4.48 -9.25
N GLU C 358 -18.39 -3.99 -9.59
CA GLU C 358 -17.13 -4.64 -9.28
C GLU C 358 -16.03 -3.66 -9.67
N ARG C 359 -15.38 -3.10 -8.66
CA ARG C 359 -14.58 -1.90 -8.81
C ARG C 359 -13.44 -2.16 -9.81
N GLU C 360 -12.70 -3.27 -9.62
CA GLU C 360 -11.45 -3.51 -10.35
C GLU C 360 -11.75 -3.92 -11.79
N LEU C 361 -12.93 -4.47 -12.02
CA LEU C 361 -13.36 -4.80 -13.37
C LEU C 361 -13.70 -3.49 -14.10
N PHE C 362 -14.42 -2.60 -13.41
CA PHE C 362 -14.79 -1.30 -13.94
C PHE C 362 -13.55 -0.52 -14.38
N LYS C 363 -12.49 -0.58 -13.57
CA LYS C 363 -11.26 0.11 -13.88
C LYS C 363 -10.73 -0.37 -15.23
N THR C 364 -10.82 -1.68 -15.45
CA THR C 364 -10.30 -2.31 -16.66
C THR C 364 -11.06 -1.78 -17.87
N THR C 365 -12.39 -1.76 -17.78
CA THR C 365 -13.25 -1.31 -18.88
C THR C 365 -13.09 0.20 -19.09
N LEU C 366 -12.88 0.94 -17.99
CA LEU C 366 -12.72 2.38 -18.04
C LEU C 366 -11.42 2.76 -18.76
N ASP C 367 -10.37 1.96 -18.59
CA ASP C 367 -9.13 2.15 -19.31
C ASP C 367 -9.39 2.09 -20.82
N TYR C 368 -10.25 1.16 -21.25
CA TYR C 368 -10.55 1.03 -22.65
C TYR C 368 -11.39 2.24 -23.12
N TRP C 369 -12.45 2.59 -22.37
CA TRP C 369 -13.32 3.68 -22.79
C TRP C 369 -12.49 4.93 -23.03
N HIS C 370 -11.50 5.13 -22.16
CA HIS C 370 -10.53 6.23 -22.24
C HIS C 370 -9.78 6.19 -23.58
N ASN C 371 -9.18 5.03 -23.86
CA ASN C 371 -8.43 4.80 -25.08
C ASN C 371 -9.31 5.21 -26.27
N LEU C 372 -10.58 4.79 -26.22
CA LEU C 372 -11.51 4.95 -27.32
C LEU C 372 -11.89 6.41 -27.47
N VAL C 373 -12.48 7.00 -26.42
CA VAL C 373 -13.08 8.33 -26.51
C VAL C 373 -11.99 9.36 -26.81
N ALA C 374 -10.76 9.10 -26.33
CA ALA C 374 -9.58 9.88 -26.68
C ALA C 374 -9.38 9.86 -28.18
N ASP C 375 -9.39 8.64 -28.75
CA ASP C 375 -9.23 8.44 -30.18
C ASP C 375 -10.36 9.14 -30.96
N LEU C 376 -11.60 9.12 -30.45
CA LEU C 376 -12.75 9.73 -31.15
C LEU C 376 -12.64 11.27 -31.14
N PHE C 377 -12.02 11.81 -30.08
CA PHE C 377 -11.82 13.25 -29.90
C PHE C 377 -10.77 13.78 -30.89
N TYR C 378 -9.69 13.02 -31.09
CA TYR C 378 -8.59 13.46 -32.00
C TYR C 378 -8.73 12.87 -33.40
N GLU C 379 -9.14 11.61 -33.51
CA GLU C 379 -9.23 10.93 -34.84
C GLU C 379 -10.44 11.44 -35.63
N PRO C 380 -10.24 11.85 -36.91
CA PRO C 380 -11.33 12.35 -37.75
C PRO C 380 -12.25 11.27 -38.34
N LEU C 381 -13.53 11.62 -38.51
CA LEU C 381 -14.58 10.75 -39.11
C LEU C 381 -14.69 9.40 -38.38
N LYS C 382 -14.60 9.41 -37.05
CA LYS C 382 -14.71 8.12 -36.32
C LYS C 382 -15.89 8.17 -35.33
N LYS C 383 -16.09 9.32 -34.69
CA LYS C 383 -17.05 9.45 -33.55
C LYS C 383 -18.50 9.15 -33.96
N HIS C 384 -18.87 9.37 -35.23
CA HIS C 384 -20.25 9.16 -35.73
C HIS C 384 -20.64 7.67 -35.64
N ILE C 385 -19.65 6.78 -35.74
CA ILE C 385 -19.82 5.33 -35.63
C ILE C 385 -20.39 4.99 -34.24
N TYR C 386 -19.81 5.60 -33.20
CA TYR C 386 -19.96 5.14 -31.83
C TYR C 386 -20.97 6.00 -31.06
N GLU C 387 -21.81 6.76 -31.77
CA GLU C 387 -22.72 7.74 -31.15
C GLU C 387 -23.68 7.07 -30.16
N GLU C 388 -24.16 5.87 -30.47
CA GLU C 388 -25.11 5.14 -29.60
C GLU C 388 -24.35 4.49 -28.44
N ILE C 389 -23.10 4.08 -28.69
CA ILE C 389 -22.27 3.50 -27.65
C ILE C 389 -21.91 4.59 -26.61
N CYS C 390 -21.46 5.75 -27.10
CA CYS C 390 -21.02 6.86 -26.26
C CYS C 390 -22.18 7.38 -25.42
N SER C 391 -23.38 7.38 -25.99
CA SER C 391 -24.56 7.89 -25.29
C SER C 391 -24.88 7.00 -24.09
N GLN C 392 -24.74 5.68 -24.25
CA GLN C 392 -24.97 4.73 -23.18
C GLN C 392 -23.89 4.91 -22.13
N LEU C 393 -22.65 5.11 -22.60
CA LEU C 393 -21.46 5.28 -21.73
C LEU C 393 -21.68 6.48 -20.80
N ARG C 394 -22.20 7.58 -21.33
CA ARG C 394 -22.46 8.76 -20.54
C ARG C 394 -23.26 8.38 -19.30
N LEU C 395 -24.35 7.63 -19.48
CA LEU C 395 -25.20 7.24 -18.36
C LEU C 395 -24.44 6.30 -17.40
N VAL C 396 -23.63 5.38 -17.94
CA VAL C 396 -22.89 4.41 -17.13
C VAL C 396 -21.86 5.13 -16.21
N ILE C 397 -21.15 6.14 -16.73
CA ILE C 397 -20.14 6.88 -15.97
C ILE C 397 -20.81 7.70 -14.85
N ILE C 398 -21.87 8.43 -15.21
CA ILE C 398 -22.58 9.33 -14.29
C ILE C 398 -23.17 8.54 -13.11
N GLU C 399 -23.78 7.38 -13.40
CA GLU C 399 -24.44 6.55 -12.37
C GLU C 399 -23.40 5.84 -11.49
N ASN C 400 -22.15 5.71 -11.96
CA ASN C 400 -21.08 5.04 -11.23
C ASN C 400 -19.96 6.04 -10.86
N MET C 401 -20.25 7.34 -10.95
CA MET C 401 -19.26 8.38 -10.65
C MET C 401 -18.94 8.33 -9.15
N VAL C 402 -17.70 8.66 -8.80
CA VAL C 402 -17.20 8.51 -7.44
C VAL C 402 -16.68 9.86 -6.92
N ARG C 403 -16.58 9.99 -5.59
CA ARG C 403 -16.14 11.24 -4.90
C ARG C 403 -14.71 11.56 -5.31
N PRO C 404 -14.29 12.86 -5.34
CA PRO C 404 -12.93 13.22 -5.71
C PRO C 404 -11.82 12.66 -4.81
N GLU C 405 -12.18 12.28 -3.59
CA GLU C 405 -11.28 11.72 -2.57
C GLU C 405 -10.65 10.44 -3.11
N GLU C 406 -11.43 9.63 -3.84
CA GLU C 406 -10.88 8.41 -4.49
C GLU C 406 -10.20 8.99 -5.74
N ILE C 407 -8.94 9.44 -5.61
CA ILE C 407 -8.22 10.33 -6.57
C ILE C 407 -7.99 9.72 -7.95
N GLN C 408 -7.45 8.51 -8.01
CA GLN C 408 -7.09 7.86 -9.30
C GLN C 408 -8.32 7.45 -10.12
N LEU C 409 -9.34 6.83 -9.44
CA LEU C 409 -10.55 6.39 -10.13
C LEU C 409 -11.34 7.62 -10.61
N TYR C 410 -11.35 8.69 -9.81
CA TYR C 410 -12.09 9.92 -10.12
C TYR C 410 -11.48 10.63 -11.33
N LYS C 411 -10.14 10.68 -11.34
CA LYS C 411 -9.40 11.32 -12.40
C LYS C 411 -9.71 10.66 -13.75
N SER C 412 -9.74 9.31 -13.78
CA SER C 412 -10.00 8.53 -14.98
C SER C 412 -11.43 8.79 -15.47
N GLU C 413 -12.39 8.77 -14.54
CA GLU C 413 -13.79 9.00 -14.82
C GLU C 413 -14.01 10.41 -15.39
N ARG C 414 -13.40 11.42 -14.76
CA ARG C 414 -13.52 12.79 -15.22
C ARG C 414 -12.98 12.88 -16.66
N GLU C 415 -11.77 12.38 -16.89
CA GLU C 415 -11.12 12.46 -18.20
C GLU C 415 -12.06 11.96 -19.30
N VAL C 416 -12.64 10.77 -19.08
CA VAL C 416 -13.51 10.09 -20.05
C VAL C 416 -14.78 10.90 -20.26
N LEU C 417 -15.35 11.41 -19.17
CA LEU C 417 -16.63 12.16 -19.21
C LEU C 417 -16.42 13.53 -19.87
N VAL C 418 -15.24 14.13 -19.69
CA VAL C 418 -14.88 15.38 -20.36
C VAL C 418 -14.85 15.14 -21.88
N TYR C 419 -14.18 14.07 -22.30
CA TYR C 419 -14.14 13.67 -23.71
C TYR C 419 -15.56 13.43 -24.25
N LEU C 420 -16.42 12.76 -23.47
CA LEU C 420 -17.78 12.42 -23.88
C LEU C 420 -18.66 13.68 -23.94
N THR C 421 -18.37 14.64 -23.06
CA THR C 421 -19.10 15.92 -23.06
C THR C 421 -18.76 16.70 -24.33
N HIS C 422 -17.49 16.66 -24.73
CA HIS C 422 -17.04 17.38 -25.89
C HIS C 422 -17.65 16.80 -27.16
N LEU C 423 -17.69 15.46 -27.23
CA LEU C 423 -18.15 14.68 -28.39
C LEU C 423 -19.65 14.91 -28.63
N ASN C 424 -20.44 15.17 -27.58
CA ASN C 424 -21.85 15.57 -27.73
C ASN C 424 -22.34 16.27 -26.44
N VAL C 425 -22.12 17.59 -26.38
CA VAL C 425 -22.46 18.40 -25.20
C VAL C 425 -23.97 18.36 -24.92
N ILE C 426 -24.79 18.29 -25.97
CA ILE C 426 -26.26 18.36 -25.85
C ILE C 426 -26.79 17.10 -25.15
N ASP C 427 -26.25 15.94 -25.54
CA ASP C 427 -26.65 14.65 -24.97
C ASP C 427 -26.24 14.58 -23.49
N THR C 428 -25.03 15.05 -23.17
CA THR C 428 -24.50 15.02 -21.80
C THR C 428 -25.39 15.86 -20.86
N GLU C 429 -25.75 17.06 -21.32
CA GLU C 429 -26.60 17.97 -20.56
C GLU C 429 -27.94 17.29 -20.23
N GLU C 430 -28.55 16.67 -21.25
CA GLU C 430 -29.89 16.09 -21.14
C GLU C 430 -29.87 14.97 -20.12
N ILE C 431 -28.89 14.09 -20.23
CA ILE C 431 -28.76 12.92 -19.37
C ILE C 431 -28.63 13.40 -17.93
N MET C 432 -27.88 14.49 -17.74
CA MET C 432 -27.64 15.07 -16.41
C MET C 432 -28.92 15.74 -15.88
N ILE C 433 -29.55 16.60 -16.70
CA ILE C 433 -30.73 17.39 -16.28
C ILE C 433 -31.87 16.44 -15.91
N SER C 434 -32.08 15.40 -16.72
CA SER C 434 -33.21 14.48 -16.51
C SER C 434 -32.92 13.53 -15.34
N LYS C 435 -31.63 13.22 -15.09
CA LYS C 435 -31.23 12.47 -13.90
C LYS C 435 -31.56 13.29 -12.65
N LEU C 436 -31.40 14.61 -12.75
CA LEU C 436 -31.71 15.55 -11.68
C LEU C 436 -33.23 15.59 -11.44
N ALA C 437 -34.03 15.53 -12.50
CA ALA C 437 -35.51 15.53 -12.41
C ALA C 437 -36.01 14.26 -11.71
N ARG C 438 -35.22 13.17 -11.78
CA ARG C 438 -35.57 11.87 -11.18
C ARG C 438 -35.17 11.87 -9.69
N GLN C 439 -34.32 12.82 -9.28
CA GLN C 439 -34.02 13.08 -7.85
C GLN C 439 -35.16 13.88 -7.21
N ILE C 440 -35.74 14.80 -7.99
CA ILE C 440 -36.83 15.65 -7.54
C ILE C 440 -38.14 14.84 -7.45
N ASP C 441 -38.45 14.03 -8.47
CA ASP C 441 -39.72 13.28 -8.51
C ASP C 441 -39.68 12.06 -7.57
N GLY C 442 -38.52 11.80 -6.94
CA GLY C 442 -38.40 10.86 -5.82
C GLY C 442 -38.18 9.41 -6.23
N SER C 443 -38.09 9.14 -7.55
CA SER C 443 -38.00 7.77 -8.08
C SER C 443 -36.61 7.16 -7.90
N GLU C 444 -35.56 7.99 -7.97
CA GLU C 444 -34.15 7.57 -7.77
C GLU C 444 -33.48 8.41 -6.68
N TRP C 445 -34.24 8.80 -5.64
CA TRP C 445 -33.76 9.69 -4.57
C TRP C 445 -33.07 8.89 -3.45
N SER C 446 -31.80 9.23 -3.21
CA SER C 446 -31.04 8.75 -2.07
C SER C 446 -29.83 9.66 -1.89
N TRP C 447 -29.30 9.70 -0.66
CA TRP C 447 -28.15 10.50 -0.34
C TRP C 447 -27.00 10.17 -1.30
N HIS C 448 -26.78 8.88 -1.56
CA HIS C 448 -25.72 8.42 -2.47
C HIS C 448 -25.99 8.88 -3.91
N ASN C 449 -27.24 8.79 -4.35
CA ASN C 449 -27.61 9.06 -5.74
C ASN C 449 -27.48 10.57 -6.04
N ILE C 450 -27.86 11.44 -5.10
CA ILE C 450 -27.76 12.88 -5.32
C ILE C 450 -26.28 13.31 -5.25
N ASN C 451 -25.49 12.61 -4.43
CA ASN C 451 -24.07 12.87 -4.29
C ASN C 451 -23.32 12.53 -5.58
N THR C 452 -23.59 11.35 -6.15
CA THR C 452 -22.88 10.87 -7.34
C THR C 452 -23.18 11.80 -8.52
N LEU C 453 -24.43 12.27 -8.60
CA LEU C 453 -24.84 13.14 -9.68
C LEU C 453 -24.13 14.50 -9.55
N SER C 454 -24.00 14.96 -8.30
CA SER C 454 -23.30 16.19 -7.98
C SER C 454 -21.82 16.09 -8.36
N TRP C 455 -21.18 14.98 -8.01
CA TRP C 455 -19.77 14.73 -8.40
C TRP C 455 -19.65 14.68 -9.92
N ALA C 456 -20.62 14.07 -10.59
CA ALA C 456 -20.61 13.91 -12.04
C ALA C 456 -20.80 15.26 -12.74
N ILE C 457 -21.79 16.03 -12.28
CA ILE C 457 -22.11 17.34 -12.86
C ILE C 457 -20.91 18.29 -12.67
N GLY C 458 -20.21 18.15 -11.54
CA GLY C 458 -19.05 18.98 -11.21
C GLY C 458 -17.81 18.64 -12.05
N SER C 459 -17.74 17.41 -12.56
CA SER C 459 -16.54 16.90 -13.22
C SER C 459 -16.32 17.54 -14.59
N ILE C 460 -17.40 17.97 -15.26
CA ILE C 460 -17.33 18.38 -16.68
C ILE C 460 -17.16 19.91 -16.82
N SER C 461 -16.74 20.58 -15.74
CA SER C 461 -16.50 22.02 -15.74
C SER C 461 -15.36 22.39 -16.70
N GLY C 462 -15.58 23.43 -17.51
CA GLY C 462 -14.60 23.89 -18.49
C GLY C 462 -14.84 23.37 -19.92
N THR C 463 -15.76 22.42 -20.09
CA THR C 463 -15.89 21.68 -21.36
C THR C 463 -16.92 22.35 -22.26
N MET C 464 -18.06 22.74 -21.69
CA MET C 464 -19.11 23.46 -22.43
C MET C 464 -18.60 24.85 -22.82
N SER C 465 -19.40 25.56 -23.63
CA SER C 465 -19.22 26.99 -23.85
C SER C 465 -19.62 27.74 -22.57
N GLU C 466 -19.15 28.98 -22.44
CA GLU C 466 -19.46 29.78 -21.27
C GLU C 466 -20.97 30.03 -21.19
N ASP C 467 -21.60 30.29 -22.34
CA ASP C 467 -23.04 30.52 -22.45
C ASP C 467 -23.84 29.28 -22.04
N THR C 468 -23.50 28.13 -22.65
CA THR C 468 -24.16 26.87 -22.33
C THR C 468 -23.98 26.61 -20.83
N GLU C 469 -22.73 26.76 -20.36
CA GLU C 469 -22.36 26.50 -18.97
C GLU C 469 -23.22 27.36 -18.04
N LYS C 470 -23.38 28.64 -18.40
CA LYS C 470 -24.17 29.59 -17.61
C LYS C 470 -25.62 29.08 -17.46
N ARG C 471 -26.27 28.76 -18.59
CA ARG C 471 -27.65 28.27 -18.63
C ARG C 471 -27.76 26.94 -17.86
N PHE C 472 -26.73 26.11 -18.02
CA PHE C 472 -26.68 24.79 -17.44
C PHE C 472 -26.58 24.90 -15.91
N VAL C 473 -25.61 25.68 -15.45
CA VAL C 473 -25.36 25.82 -14.02
C VAL C 473 -26.64 26.33 -13.35
N VAL C 474 -27.21 27.40 -13.92
CA VAL C 474 -28.38 28.08 -13.36
C VAL C 474 -29.48 27.04 -13.13
N THR C 475 -29.75 26.25 -14.19
CA THR C 475 -30.81 25.24 -14.18
C THR C 475 -30.54 24.20 -13.08
N VAL C 476 -29.28 23.78 -12.97
CA VAL C 476 -28.89 22.79 -11.97
C VAL C 476 -29.03 23.38 -10.55
N ILE C 477 -28.54 24.60 -10.36
CA ILE C 477 -28.54 25.22 -9.04
C ILE C 477 -29.98 25.51 -8.61
N LYS C 478 -30.80 26.02 -9.54
CA LYS C 478 -32.23 26.28 -9.28
C LYS C 478 -32.92 24.98 -8.82
N ASP C 479 -32.71 23.90 -9.58
CA ASP C 479 -33.36 22.62 -9.32
C ASP C 479 -32.94 22.11 -7.94
N LEU C 480 -31.64 22.22 -7.63
CA LEU C 480 -31.08 21.73 -6.36
C LEU C 480 -31.59 22.57 -5.18
N LEU C 481 -31.67 23.90 -5.33
CA LEU C 481 -32.26 24.80 -4.32
C LEU C 481 -33.72 24.40 -4.05
N GLY C 482 -34.45 24.09 -5.13
CA GLY C 482 -35.83 23.63 -5.05
C GLY C 482 -35.93 22.28 -4.36
N LEU C 483 -34.98 21.39 -4.69
CA LEU C 483 -34.89 20.06 -4.07
C LEU C 483 -34.69 20.19 -2.54
N CYS C 484 -33.94 21.21 -2.13
CA CYS C 484 -33.66 21.46 -0.71
C CYS C 484 -34.94 21.89 0.02
N GLU C 485 -35.65 22.87 -0.55
CA GLU C 485 -36.90 23.38 0.03
C GLU C 485 -37.95 22.28 0.14
N GLN C 486 -38.00 21.41 -0.88
CA GLN C 486 -38.93 20.27 -0.94
C GLN C 486 -38.71 19.34 0.24
N LYS C 487 -37.46 18.90 0.41
CA LYS C 487 -37.12 17.82 1.33
C LYS C 487 -37.34 18.30 2.77
N ARG C 488 -37.75 17.34 3.61
CA ARG C 488 -38.07 17.55 5.03
C ARG C 488 -36.95 16.93 5.88
N GLY C 489 -36.75 17.46 7.10
CA GLY C 489 -35.73 16.96 8.04
C GLY C 489 -34.37 17.58 7.80
N LYS C 490 -33.57 17.69 8.88
CA LYS C 490 -32.31 18.43 8.87
C LYS C 490 -31.20 17.61 8.20
N ASP C 491 -31.31 16.28 8.25
CA ASP C 491 -30.35 15.39 7.58
C ASP C 491 -30.43 15.59 6.05
N ASN C 492 -31.65 15.57 5.51
CA ASN C 492 -31.86 15.63 4.05
C ASN C 492 -31.37 16.98 3.51
N LYS C 493 -31.75 18.07 4.18
CA LYS C 493 -31.42 19.42 3.70
C LYS C 493 -29.91 19.67 3.78
N ALA C 494 -29.23 18.98 4.70
CA ALA C 494 -27.77 19.11 4.86
C ALA C 494 -27.05 18.46 3.67
N VAL C 495 -27.55 17.29 3.27
CA VAL C 495 -26.96 16.52 2.17
C VAL C 495 -27.01 17.36 0.89
N VAL C 496 -28.15 18.03 0.65
CA VAL C 496 -28.41 18.75 -0.58
C VAL C 496 -27.65 20.08 -0.56
N ALA C 497 -27.68 20.77 0.57
CA ALA C 497 -26.94 22.00 0.73
C ALA C 497 -25.46 21.78 0.38
N SER C 498 -24.89 20.67 0.87
CA SER C 498 -23.49 20.30 0.65
C SER C 498 -23.21 20.13 -0.85
N ASP C 499 -24.12 19.41 -1.51
CA ASP C 499 -24.01 19.14 -2.93
C ASP C 499 -24.18 20.45 -3.70
N ILE C 500 -25.15 21.29 -3.29
CA ILE C 500 -25.34 22.61 -3.90
C ILE C 500 -24.00 23.35 -3.86
N MET C 501 -23.38 23.31 -2.70
CA MET C 501 -22.20 24.08 -2.45
C MET C 501 -21.01 23.41 -3.17
N TYR C 502 -21.07 22.08 -3.30
CA TYR C 502 -20.04 21.31 -4.01
C TYR C 502 -19.99 21.68 -5.48
N VAL C 503 -21.15 21.74 -6.14
CA VAL C 503 -21.22 21.99 -7.56
C VAL C 503 -20.74 23.40 -7.85
N VAL C 504 -21.23 24.36 -7.06
CA VAL C 504 -20.84 25.77 -7.15
C VAL C 504 -19.30 25.90 -7.16
N GLY C 505 -18.64 25.21 -6.23
CA GLY C 505 -17.17 25.24 -6.11
C GLY C 505 -16.46 24.70 -7.34
N GLN C 506 -17.14 23.85 -8.11
CA GLN C 506 -16.52 23.17 -9.24
C GLN C 506 -16.68 23.98 -10.53
N TYR C 507 -17.41 25.10 -10.46
CA TYR C 507 -17.64 25.97 -11.64
C TYR C 507 -17.10 27.37 -11.38
N PRO C 508 -15.76 27.56 -11.33
CA PRO C 508 -15.18 28.86 -10.97
C PRO C 508 -15.38 29.93 -12.07
N ARG C 509 -15.37 29.50 -13.33
CA ARG C 509 -15.58 30.40 -14.47
C ARG C 509 -16.88 31.18 -14.29
N PHE C 510 -17.95 30.47 -13.90
CA PHE C 510 -19.28 31.05 -13.66
C PHE C 510 -19.22 32.03 -12.47
N LEU C 511 -18.44 31.69 -11.43
CA LEU C 511 -18.30 32.54 -10.24
C LEU C 511 -17.54 33.83 -10.58
N LYS C 512 -16.53 33.74 -11.45
CA LYS C 512 -15.73 34.91 -11.87
C LYS C 512 -16.58 35.89 -12.69
N ALA C 513 -17.56 35.37 -13.45
CA ALA C 513 -18.34 36.21 -14.37
C ALA C 513 -19.54 36.83 -13.66
N HIS C 514 -19.94 36.32 -12.50
CA HIS C 514 -21.16 36.77 -11.80
C HIS C 514 -20.84 37.08 -10.32
N TRP C 515 -20.45 38.33 -10.05
CA TRP C 515 -19.93 38.71 -8.74
C TRP C 515 -21.05 38.66 -7.69
N ASN C 516 -22.20 39.25 -8.03
CA ASN C 516 -23.30 39.34 -7.08
C ASN C 516 -23.61 37.94 -6.53
N PHE C 517 -23.59 36.93 -7.41
CA PHE C 517 -23.82 35.53 -7.04
C PHE C 517 -22.70 35.03 -6.12
N LEU C 518 -21.44 35.28 -6.52
CA LEU C 518 -20.28 34.80 -5.77
C LEU C 518 -20.35 35.29 -4.31
N ARG C 519 -20.65 36.60 -4.17
CA ARG C 519 -20.78 37.28 -2.86
C ARG C 519 -21.85 36.58 -2.02
N THR C 520 -22.98 36.23 -2.65
CA THR C 520 -24.10 35.55 -1.99
C THR C 520 -23.66 34.18 -1.48
N VAL C 521 -22.87 33.46 -2.29
CA VAL C 521 -22.43 32.10 -1.99
C VAL C 521 -21.51 32.14 -0.77
N ILE C 522 -20.62 33.14 -0.73
CA ILE C 522 -19.62 33.29 0.33
C ILE C 522 -20.32 33.64 1.64
N LEU C 523 -21.30 34.56 1.59
CA LEU C 523 -22.05 34.96 2.77
C LEU C 523 -22.88 33.77 3.29
N LYS C 524 -23.28 32.88 2.38
CA LYS C 524 -24.05 31.71 2.75
C LYS C 524 -23.14 30.67 3.45
N LEU C 525 -21.89 30.57 2.99
CA LEU C 525 -20.88 29.69 3.62
C LEU C 525 -20.64 30.16 5.06
N PHE C 526 -20.54 31.48 5.24
CA PHE C 526 -20.35 32.10 6.56
C PHE C 526 -21.54 31.76 7.50
N GLU C 527 -22.76 31.73 6.96
CA GLU C 527 -23.95 31.28 7.71
C GLU C 527 -23.80 29.80 8.11
N PHE C 528 -23.26 28.98 7.20
CA PHE C 528 -23.07 27.55 7.46
C PHE C 528 -21.88 27.31 8.40
N MET C 529 -21.05 28.33 8.65
CA MET C 529 -19.93 28.22 9.60
C MET C 529 -20.45 28.34 11.05
N HIS C 530 -21.75 28.63 11.22
CA HIS C 530 -22.43 28.67 12.53
C HIS C 530 -23.24 27.40 12.80
N GLU C 531 -23.49 26.58 11.77
CA GLU C 531 -24.34 25.38 11.91
C GLU C 531 -23.57 24.28 12.63
N THR C 532 -24.22 23.60 13.57
CA THR C 532 -23.57 22.63 14.44
C THR C 532 -23.76 21.19 13.94
N HIS C 533 -24.63 21.01 12.92
CA HIS C 533 -24.90 19.70 12.31
C HIS C 533 -23.59 19.12 11.75
N GLU C 534 -23.39 17.80 11.91
CA GLU C 534 -22.11 17.14 11.58
C GLU C 534 -21.73 17.43 10.12
N GLY C 535 -20.48 17.87 9.92
CA GLY C 535 -19.84 17.91 8.61
C GLY C 535 -20.09 19.20 7.87
N VAL C 536 -20.98 20.07 8.40
CA VAL C 536 -21.41 21.28 7.70
C VAL C 536 -20.30 22.33 7.78
N GLN C 537 -19.69 22.46 8.96
CA GLN C 537 -18.69 23.49 9.19
C GLN C 537 -17.46 23.19 8.31
N ASP C 538 -17.01 21.94 8.32
CA ASP C 538 -15.90 21.47 7.47
C ASP C 538 -16.22 21.78 6.00
N MET C 539 -17.42 21.41 5.57
CA MET C 539 -17.90 21.62 4.18
C MET C 539 -17.80 23.11 3.84
N ALA C 540 -18.34 23.96 4.71
CA ALA C 540 -18.32 25.40 4.55
C ALA C 540 -16.87 25.93 4.41
N CYS C 541 -15.94 25.41 5.23
CA CYS C 541 -14.57 25.88 5.20
C CYS C 541 -13.81 25.29 3.99
N ASP C 542 -13.98 23.99 3.75
CA ASP C 542 -13.37 23.33 2.58
C ASP C 542 -13.80 24.02 1.29
N THR C 543 -15.10 24.36 1.20
CA THR C 543 -15.65 25.00 0.04
C THR C 543 -15.12 26.43 -0.08
N PHE C 544 -14.97 27.11 1.05
CA PHE C 544 -14.53 28.53 1.08
C PHE C 544 -13.14 28.65 0.45
N ILE C 545 -12.17 27.91 1.00
CA ILE C 545 -10.76 27.99 0.55
C ILE C 545 -10.67 27.53 -0.90
N LYS C 546 -11.53 26.58 -1.27
CA LYS C 546 -11.56 25.99 -2.60
C LYS C 546 -11.97 27.05 -3.63
N ILE C 547 -13.01 27.83 -3.33
CA ILE C 547 -13.47 28.91 -4.19
C ILE C 547 -12.41 30.01 -4.25
N VAL C 548 -11.78 30.30 -3.10
CA VAL C 548 -10.78 31.34 -2.98
C VAL C 548 -9.56 31.01 -3.86
N GLN C 549 -9.06 29.76 -3.82
CA GLN C 549 -7.89 29.30 -4.62
C GLN C 549 -8.09 29.58 -6.13
N LYS C 550 -9.35 29.53 -6.58
CA LYS C 550 -9.70 29.65 -7.99
C LYS C 550 -10.05 31.11 -8.36
N CYS C 551 -10.84 31.79 -7.52
CA CYS C 551 -11.38 33.10 -7.88
C CYS C 551 -10.68 34.24 -7.12
N LYS C 552 -9.41 34.06 -6.74
CA LYS C 552 -8.75 34.92 -5.69
C LYS C 552 -8.64 36.37 -6.15
N TYR C 553 -8.58 36.62 -7.46
CA TYR C 553 -8.44 37.96 -8.01
C TYR C 553 -9.70 38.79 -7.73
N HIS C 554 -10.87 38.14 -7.64
CA HIS C 554 -12.15 38.83 -7.54
C HIS C 554 -12.46 39.24 -6.09
N PHE C 555 -11.60 38.83 -5.14
CA PHE C 555 -11.70 39.22 -3.73
C PHE C 555 -10.78 40.42 -3.42
N VAL C 556 -9.68 40.56 -4.16
CA VAL C 556 -8.63 41.50 -3.83
C VAL C 556 -8.84 42.87 -4.51
N ILE C 557 -9.56 42.92 -5.64
CA ILE C 557 -9.89 44.19 -6.32
C ILE C 557 -11.30 44.63 -5.90
N GLN C 558 -11.57 45.93 -6.12
CA GLN C 558 -12.87 46.53 -5.92
C GLN C 558 -13.74 46.25 -7.16
N GLN C 559 -14.86 45.56 -6.93
CA GLN C 559 -15.86 45.31 -7.94
C GLN C 559 -16.66 46.59 -8.13
N PRO C 560 -17.32 46.78 -9.29
CA PRO C 560 -18.34 47.82 -9.41
C PRO C 560 -19.47 47.61 -8.38
N ARG C 561 -19.98 48.73 -7.83
CA ARG C 561 -21.12 48.79 -6.90
C ARG C 561 -20.77 48.17 -5.55
N GLU C 562 -19.47 48.23 -5.18
CA GLU C 562 -18.97 47.79 -3.88
C GLU C 562 -18.04 48.87 -3.33
N SER C 563 -18.18 49.17 -2.02
CA SER C 563 -17.44 50.25 -1.36
C SER C 563 -15.94 49.96 -1.36
N GLU C 564 -15.58 48.68 -1.17
CA GLU C 564 -14.19 48.25 -1.01
C GLU C 564 -13.97 46.84 -1.56
N PRO C 565 -12.71 46.42 -1.80
CA PRO C 565 -12.41 45.03 -2.09
C PRO C 565 -12.96 44.11 -0.97
N PHE C 566 -13.55 42.97 -1.37
CA PHE C 566 -14.31 42.14 -0.45
C PHE C 566 -13.40 41.54 0.63
N ILE C 567 -12.08 41.45 0.38
CA ILE C 567 -11.12 40.94 1.37
C ILE C 567 -11.29 41.70 2.69
N GLN C 568 -11.49 43.02 2.59
CA GLN C 568 -11.64 43.91 3.74
C GLN C 568 -12.89 43.54 4.53
N THR C 569 -13.98 43.27 3.80
CA THR C 569 -15.28 42.95 4.40
C THR C 569 -15.24 41.60 5.12
N ILE C 570 -14.35 40.68 4.69
CA ILE C 570 -14.17 39.39 5.35
C ILE C 570 -13.40 39.62 6.64
N ILE C 571 -12.32 40.42 6.54
CA ILE C 571 -11.40 40.66 7.66
C ILE C 571 -12.15 41.30 8.84
N ARG C 572 -13.08 42.21 8.54
CA ARG C 572 -13.83 42.95 9.56
C ARG C 572 -14.62 42.00 10.47
N ASP C 573 -15.45 41.13 9.87
CA ASP C 573 -16.34 40.27 10.65
C ASP C 573 -15.69 38.93 11.00
N ILE C 574 -14.36 38.83 10.86
CA ILE C 574 -13.62 37.55 10.98
C ILE C 574 -13.88 36.89 12.34
N GLN C 575 -14.04 37.71 13.39
CA GLN C 575 -14.30 37.22 14.74
C GLN C 575 -15.66 36.52 14.77
N LYS C 576 -16.69 37.26 14.32
CA LYS C 576 -18.09 36.84 14.38
C LYS C 576 -18.32 35.64 13.46
N THR C 577 -17.65 35.65 12.29
CA THR C 577 -17.77 34.61 11.27
C THR C 577 -17.29 33.25 11.79
N THR C 578 -16.22 33.26 12.60
CA THR C 578 -15.45 32.06 12.93
C THR C 578 -15.63 31.62 14.40
N ALA C 579 -16.46 32.33 15.16
CA ALA C 579 -16.59 32.16 16.63
C ALA C 579 -16.98 30.72 16.99
N ASP C 580 -17.81 30.09 16.13
CA ASP C 580 -18.41 28.78 16.38
C ASP C 580 -17.55 27.64 15.82
N LEU C 581 -16.50 27.98 15.08
CA LEU C 581 -15.64 26.97 14.42
C LEU C 581 -14.70 26.33 15.44
N GLN C 582 -14.16 25.17 15.07
CA GLN C 582 -13.10 24.51 15.80
C GLN C 582 -11.81 25.25 15.50
N PRO C 583 -10.71 25.04 16.26
CA PRO C 583 -9.47 25.78 16.03
C PRO C 583 -8.88 25.55 14.64
N GLN C 584 -8.84 24.30 14.17
CA GLN C 584 -8.19 23.96 12.91
C GLN C 584 -9.04 24.45 11.72
N GLN C 585 -10.36 24.60 11.91
CA GLN C 585 -11.27 25.16 10.89
C GLN C 585 -10.99 26.66 10.74
N VAL C 586 -10.63 27.33 11.84
CA VAL C 586 -10.27 28.74 11.83
C VAL C 586 -8.97 28.92 11.04
N HIS C 587 -8.03 28.00 11.21
CA HIS C 587 -6.71 28.10 10.57
C HIS C 587 -6.86 28.01 9.04
N THR C 588 -7.79 27.17 8.57
CA THR C 588 -8.11 27.09 7.15
C THR C 588 -8.62 28.46 6.67
N PHE C 589 -9.51 29.07 7.47
CA PHE C 589 -10.12 30.36 7.13
C PHE C 589 -9.06 31.45 6.98
N TYR C 590 -8.15 31.50 7.95
CA TYR C 590 -7.03 32.44 7.94
C TYR C 590 -6.11 32.14 6.73
N LYS C 591 -5.87 30.86 6.45
CA LYS C 591 -5.03 30.46 5.30
C LYS C 591 -5.68 30.93 4.00
N ALA C 592 -7.00 30.78 3.92
CA ALA C 592 -7.75 31.25 2.78
C ALA C 592 -7.57 32.76 2.63
N CYS C 593 -7.68 33.49 3.76
CA CYS C 593 -7.54 34.95 3.73
C CYS C 593 -6.13 35.31 3.23
N GLY C 594 -5.13 34.52 3.62
CA GLY C 594 -3.76 34.70 3.16
C GLY C 594 -3.60 34.56 1.64
N ILE C 595 -4.30 33.60 1.05
CA ILE C 595 -4.21 33.38 -0.40
C ILE C 595 -4.58 34.68 -1.13
N ILE C 596 -5.70 35.26 -0.72
CA ILE C 596 -6.26 36.47 -1.31
C ILE C 596 -5.23 37.60 -1.18
N ILE C 597 -4.69 37.78 0.03
CA ILE C 597 -3.86 38.93 0.36
C ILE C 597 -2.57 38.91 -0.48
N SER C 598 -2.10 37.71 -0.84
CA SER C 598 -0.85 37.57 -1.61
C SER C 598 -1.03 38.11 -3.04
N GLU C 599 -2.27 38.12 -3.53
CA GLU C 599 -2.63 38.63 -4.84
C GLU C 599 -2.38 40.14 -4.96
N GLU C 600 -2.66 40.89 -3.87
CA GLU C 600 -2.46 42.34 -3.81
C GLU C 600 -0.97 42.64 -3.97
N ARG C 601 -0.61 43.37 -5.03
CA ARG C 601 0.78 43.58 -5.41
C ARG C 601 1.29 44.94 -4.89
N SER C 602 0.38 45.80 -4.45
CA SER C 602 0.77 47.00 -3.66
C SER C 602 1.30 46.54 -2.30
N VAL C 603 2.55 46.88 -1.99
CA VAL C 603 3.21 46.35 -0.79
C VAL C 603 2.51 46.90 0.46
N ALA C 604 2.23 48.20 0.48
CA ALA C 604 1.64 48.88 1.64
C ALA C 604 0.28 48.27 1.98
N GLU C 605 -0.50 47.94 0.96
CA GLU C 605 -1.84 47.40 1.13
C GLU C 605 -1.77 45.94 1.59
N ARG C 606 -0.84 45.17 1.02
CA ARG C 606 -0.67 43.77 1.39
C ARG C 606 -0.34 43.70 2.89
N ASN C 607 0.60 44.56 3.31
CA ASN C 607 1.06 44.64 4.68
C ASN C 607 -0.08 45.08 5.60
N ARG C 608 -0.86 46.07 5.15
CA ARG C 608 -1.97 46.57 5.95
C ARG C 608 -3.01 45.46 6.13
N LEU C 609 -3.37 44.77 5.03
CA LEU C 609 -4.32 43.63 5.05
C LEU C 609 -3.78 42.51 5.96
N LEU C 610 -2.46 42.29 5.88
CA LEU C 610 -1.80 41.25 6.64
C LEU C 610 -1.98 41.53 8.14
N SER C 611 -1.59 42.74 8.58
CA SER C 611 -1.67 43.06 10.01
C SER C 611 -3.13 43.19 10.45
N ASP C 612 -4.02 43.64 9.56
CA ASP C 612 -5.47 43.67 9.85
C ASP C 612 -5.99 42.23 10.08
N LEU C 613 -5.56 41.30 9.22
CA LEU C 613 -5.98 39.91 9.27
C LEU C 613 -5.50 39.26 10.58
N MET C 614 -4.28 39.61 11.01
CA MET C 614 -3.63 39.01 12.17
C MET C 614 -3.94 39.78 13.46
N GLN C 615 -5.06 40.52 13.48
CA GLN C 615 -5.40 41.42 14.59
C GLN C 615 -5.68 40.60 15.87
N LEU C 616 -6.56 39.60 15.78
CA LEU C 616 -6.95 38.77 16.91
C LEU C 616 -5.75 37.99 17.44
N PRO C 617 -5.04 37.16 16.63
CA PRO C 617 -3.89 36.41 17.15
C PRO C 617 -2.72 37.26 17.66
N ASN C 618 -2.54 38.48 17.15
CA ASN C 618 -1.46 39.35 17.62
C ASN C 618 -1.81 40.01 18.97
N MET C 619 -3.10 40.23 19.25
CA MET C 619 -3.54 40.83 20.52
C MET C 619 -3.55 39.77 21.63
N ALA C 620 -3.98 38.54 21.29
CA ALA C 620 -3.88 37.40 22.20
C ALA C 620 -2.41 37.14 22.54
N TRP C 621 -1.54 37.25 21.52
CA TRP C 621 -0.09 37.01 21.61
C TRP C 621 0.56 38.04 22.54
N ASP C 622 0.24 39.32 22.30
CA ASP C 622 0.86 40.42 23.06
C ASP C 622 0.52 40.27 24.55
N THR C 623 -0.73 39.91 24.87
CA THR C 623 -1.19 39.79 26.27
C THR C 623 -0.57 38.55 26.92
N ILE C 624 -0.22 37.53 26.13
CA ILE C 624 0.38 36.31 26.68
C ILE C 624 1.89 36.53 26.88
N VAL C 625 2.53 37.26 25.97
CA VAL C 625 3.93 37.62 26.12
C VAL C 625 4.09 38.44 27.41
N GLU C 626 3.30 39.53 27.53
CA GLU C 626 3.35 40.45 28.68
C GLU C 626 3.13 39.69 30.00
N GLN C 627 2.17 38.74 29.99
CA GLN C 627 1.89 37.91 31.16
C GLN C 627 3.09 36.98 31.42
N SER C 628 3.36 36.08 30.46
CA SER C 628 4.21 34.91 30.69
C SER C 628 5.69 35.29 30.86
N THR C 629 6.10 36.49 30.40
CA THR C 629 7.49 36.96 30.59
C THR C 629 7.67 37.51 32.00
N ALA C 630 6.61 38.15 32.53
CA ALA C 630 6.58 38.70 33.89
C ALA C 630 6.54 37.58 34.94
N ASN C 631 6.00 36.40 34.57
CA ASN C 631 5.94 35.22 35.45
C ASN C 631 5.80 33.94 34.62
N PRO C 632 6.89 33.18 34.36
CA PRO C 632 6.80 31.88 33.67
C PRO C 632 5.90 30.79 34.29
N THR C 633 5.26 31.07 35.43
CA THR C 633 4.32 30.15 36.09
C THR C 633 3.10 29.87 35.21
N LEU C 634 2.63 30.88 34.47
CA LEU C 634 1.34 30.85 33.73
C LEU C 634 1.35 29.83 32.58
N LEU C 635 2.55 29.39 32.15
CA LEU C 635 2.70 28.42 31.05
C LEU C 635 2.28 27.01 31.47
N LEU C 636 2.21 26.72 32.78
CA LEU C 636 1.77 25.39 33.25
C LEU C 636 0.25 25.24 33.07
N ASP C 637 -0.46 26.38 33.02
CA ASP C 637 -1.88 26.46 32.71
C ASP C 637 -2.12 25.87 31.31
N SER C 638 -2.72 24.67 31.27
CA SER C 638 -2.94 23.94 30.02
C SER C 638 -3.70 24.81 29.02
N GLU C 639 -4.65 25.61 29.52
CA GLU C 639 -5.49 26.48 28.70
C GLU C 639 -4.62 27.49 27.94
N THR C 640 -3.58 28.01 28.60
CA THR C 640 -2.69 29.02 28.00
C THR C 640 -1.82 28.40 26.92
N VAL C 641 -1.41 27.13 27.13
CA VAL C 641 -0.58 26.39 26.16
C VAL C 641 -1.37 26.17 24.85
N LYS C 642 -2.67 25.86 24.98
CA LYS C 642 -3.56 25.63 23.85
C LYS C 642 -3.67 26.91 23.03
N ILE C 643 -3.86 28.04 23.73
CA ILE C 643 -4.06 29.35 23.12
C ILE C 643 -2.79 29.75 22.34
N ILE C 644 -1.62 29.54 22.96
CA ILE C 644 -0.33 29.90 22.35
C ILE C 644 -0.13 29.05 21.09
N ALA C 645 -0.39 27.73 21.19
CA ALA C 645 -0.22 26.81 20.07
C ALA C 645 -1.14 27.22 18.90
N ASN C 646 -2.38 27.60 19.23
CA ASN C 646 -3.36 28.05 18.24
C ASN C 646 -2.91 29.35 17.54
N ILE C 647 -2.27 30.26 18.30
CA ILE C 647 -1.77 31.49 17.71
C ILE C 647 -0.67 31.15 16.71
N ILE C 648 0.24 30.24 17.09
CA ILE C 648 1.38 29.91 16.24
C ILE C 648 0.85 29.18 15.00
N LYS C 649 -0.11 28.26 15.20
CA LYS C 649 -0.75 27.49 14.13
C LYS C 649 -1.49 28.41 13.14
N THR C 650 -2.12 29.48 13.66
CA THR C 650 -2.76 30.49 12.82
C THR C 650 -1.68 31.17 11.95
N ASN C 651 -0.50 31.43 12.51
CA ASN C 651 0.61 32.04 11.78
C ASN C 651 1.11 31.07 10.69
N VAL C 652 1.27 29.79 11.04
CA VAL C 652 1.75 28.75 10.12
C VAL C 652 0.82 28.70 8.91
N ALA C 653 -0.49 28.74 9.19
CA ALA C 653 -1.53 28.65 8.18
C ALA C 653 -1.41 29.81 7.19
N VAL C 654 -1.27 31.03 7.72
CA VAL C 654 -1.15 32.24 6.89
C VAL C 654 0.19 32.25 6.16
N CYS C 655 1.26 31.83 6.82
CA CYS C 655 2.60 31.79 6.22
C CYS C 655 2.64 30.77 5.08
N THR C 656 1.85 29.70 5.21
CA THR C 656 1.79 28.63 4.21
C THR C 656 1.33 29.19 2.86
N SER C 657 0.27 30.01 2.88
CA SER C 657 -0.32 30.58 1.66
C SER C 657 0.40 31.86 1.20
N MET C 658 1.13 32.54 2.08
CA MET C 658 1.73 33.86 1.74
C MET C 658 3.24 33.80 1.50
N GLY C 659 3.91 32.75 2.01
CA GLY C 659 5.35 32.52 1.82
C GLY C 659 6.16 33.76 2.12
N ALA C 660 6.74 34.36 1.08
CA ALA C 660 7.70 35.44 1.23
C ALA C 660 7.02 36.72 1.74
N ASP C 661 5.72 36.83 1.50
CA ASP C 661 4.93 38.00 1.86
C ASP C 661 4.64 38.00 3.36
N PHE C 662 4.97 36.91 4.06
CA PHE C 662 4.67 36.77 5.48
C PHE C 662 5.70 37.47 6.37
N TYR C 663 6.85 37.88 5.81
CA TYR C 663 8.01 38.37 6.56
C TYR C 663 7.64 39.45 7.58
N PRO C 664 6.83 40.48 7.24
CA PRO C 664 6.45 41.50 8.23
C PRO C 664 5.74 40.94 9.48
N GLN C 665 4.82 39.98 9.32
CA GLN C 665 4.11 39.36 10.44
C GLN C 665 5.07 38.49 11.25
N LEU C 666 6.00 37.81 10.58
CA LEU C 666 7.03 37.07 11.29
C LEU C 666 7.84 38.04 12.18
N GLY C 667 8.12 39.24 11.63
CA GLY C 667 8.83 40.30 12.32
C GLY C 667 8.17 40.72 13.63
N HIS C 668 6.85 40.89 13.61
CA HIS C 668 6.11 41.35 14.80
C HIS C 668 6.39 40.41 15.99
N ILE C 669 6.47 39.08 15.72
CA ILE C 669 6.49 38.08 16.79
C ILE C 669 7.86 37.39 16.94
N TYR C 670 8.81 37.60 16.02
CA TYR C 670 9.98 36.69 15.92
C TYR C 670 10.77 36.58 17.22
N TYR C 671 11.20 37.72 17.80
CA TYR C 671 12.14 37.71 18.94
C TYR C 671 11.45 37.18 20.20
N ASN C 672 10.20 37.57 20.42
CA ASN C 672 9.41 37.10 21.56
C ASN C 672 9.11 35.60 21.41
N MET C 673 8.93 35.15 20.16
CA MET C 673 8.60 33.75 19.88
C MET C 673 9.79 32.85 20.23
N LEU C 674 11.00 33.25 19.86
CA LEU C 674 12.19 32.48 20.18
C LEU C 674 12.46 32.51 21.69
N GLN C 675 12.07 33.60 22.37
CA GLN C 675 12.18 33.72 23.82
C GLN C 675 11.19 32.76 24.50
N LEU C 676 10.01 32.63 23.90
CA LEU C 676 9.02 31.65 24.35
C LEU C 676 9.53 30.22 24.16
N TYR C 677 10.20 29.95 23.02
CA TYR C 677 10.81 28.64 22.75
C TYR C 677 11.78 28.23 23.88
N ARG C 678 12.47 29.21 24.46
CA ARG C 678 13.42 28.99 25.56
C ARG C 678 12.66 28.76 26.88
N ALA C 679 11.65 29.59 27.14
CA ALA C 679 10.88 29.47 28.36
C ALA C 679 10.19 28.11 28.40
N VAL C 680 9.67 27.67 27.24
CA VAL C 680 9.00 26.39 27.08
C VAL C 680 10.03 25.25 27.20
N SER C 681 11.22 25.44 26.63
CA SER C 681 12.30 24.48 26.69
C SER C 681 12.67 24.19 28.14
N SER C 682 12.77 25.24 28.95
CA SER C 682 13.07 25.13 30.38
C SER C 682 11.98 24.31 31.07
N MET C 683 10.71 24.64 30.76
CA MET C 683 9.53 24.02 31.34
C MET C 683 9.60 22.50 31.16
N ILE C 684 9.98 22.08 29.94
CA ILE C 684 10.01 20.69 29.54
C ILE C 684 11.14 19.95 30.28
N SER C 685 12.35 20.52 30.25
CA SER C 685 13.53 19.96 30.95
C SER C 685 13.30 19.88 32.47
N ALA C 686 12.49 20.80 33.01
CA ALA C 686 12.13 20.82 34.43
C ALA C 686 11.23 19.63 34.79
N GLN C 687 10.24 19.36 33.94
CA GLN C 687 9.26 18.30 34.18
C GLN C 687 9.90 16.92 34.04
N VAL C 688 10.91 16.79 33.15
CA VAL C 688 11.61 15.51 32.91
C VAL C 688 12.49 15.13 34.12
N ALA C 689 13.18 16.11 34.70
CA ALA C 689 13.97 15.91 35.94
C ALA C 689 13.04 15.58 37.12
N ALA C 690 11.96 16.37 37.27
CA ALA C 690 11.04 16.30 38.41
C ALA C 690 10.22 15.00 38.37
N GLU C 691 9.79 14.59 37.18
CA GLU C 691 8.72 13.62 37.05
C GLU C 691 9.21 12.34 36.33
N GLY C 692 10.39 12.38 35.69
CA GLY C 692 10.97 11.24 34.96
C GLY C 692 10.70 11.31 33.47
N LEU C 693 11.12 10.27 32.73
CA LEU C 693 10.92 10.20 31.26
C LEU C 693 9.42 10.10 30.91
N ILE C 694 8.61 9.61 31.85
CA ILE C 694 7.16 9.47 31.65
C ILE C 694 6.52 10.85 31.44
N ALA C 695 7.20 11.91 31.90
CA ALA C 695 6.77 13.29 31.75
C ALA C 695 6.43 13.61 30.29
N THR C 696 7.22 13.08 29.35
CA THR C 696 7.13 13.44 27.93
C THR C 696 5.83 12.91 27.30
N LYS C 697 5.14 11.99 27.99
CA LYS C 697 3.90 11.39 27.52
C LYS C 697 2.68 12.16 28.05
N THR C 698 2.87 13.00 29.07
CA THR C 698 1.79 13.74 29.72
C THR C 698 1.25 14.83 28.81
N PRO C 699 -0.06 15.16 28.91
CA PRO C 699 -0.67 16.25 28.14
C PRO C 699 0.04 17.62 28.25
N LYS C 700 0.52 17.97 29.45
CA LYS C 700 1.10 19.30 29.67
C LYS C 700 2.45 19.43 28.94
N VAL C 701 3.27 18.37 28.96
CA VAL C 701 4.57 18.38 28.30
C VAL C 701 4.39 18.21 26.79
N ARG C 702 3.43 17.39 26.37
CA ARG C 702 3.12 17.24 24.96
C ARG C 702 2.61 18.59 24.42
N GLY C 703 1.80 19.29 25.21
CA GLY C 703 1.29 20.60 24.86
C GLY C 703 2.42 21.60 24.61
N LEU C 704 3.36 21.68 25.56
CA LEU C 704 4.52 22.57 25.48
C LEU C 704 5.35 22.22 24.24
N ARG C 705 5.53 20.92 23.98
CA ARG C 705 6.35 20.46 22.86
C ARG C 705 5.68 20.85 21.53
N THR C 706 4.34 20.89 21.50
CA THR C 706 3.61 21.33 20.31
C THR C 706 4.03 22.77 19.98
N ILE C 707 4.12 23.61 21.01
CA ILE C 707 4.53 25.01 20.82
C ILE C 707 5.87 25.00 20.06
N LYS C 708 6.86 24.27 20.58
CA LYS C 708 8.19 24.23 20.01
C LYS C 708 8.13 23.79 18.54
N LYS C 709 7.39 22.72 18.27
CA LYS C 709 7.28 22.12 16.94
C LYS C 709 6.57 23.07 15.96
N GLU C 710 5.53 23.76 16.42
CA GLU C 710 4.79 24.74 15.60
C GLU C 710 5.61 26.00 15.35
N ILE C 711 6.46 26.39 16.31
CA ILE C 711 7.42 27.49 16.13
C ILE C 711 8.47 27.10 15.09
N LEU C 712 8.98 25.86 15.18
CA LEU C 712 9.94 25.34 14.20
C LEU C 712 9.29 25.22 12.82
N LYS C 713 8.02 24.79 12.80
CA LYS C 713 7.32 24.60 11.56
C LYS C 713 7.12 25.94 10.85
N LEU C 714 6.79 26.99 11.63
CA LEU C 714 6.55 28.32 11.07
C LEU C 714 7.84 28.85 10.41
N VAL C 715 8.98 28.63 11.06
CA VAL C 715 10.26 29.17 10.59
C VAL C 715 10.67 28.43 9.31
N GLU C 716 10.53 27.10 9.33
CA GLU C 716 10.81 26.24 8.17
C GLU C 716 9.97 26.71 6.98
N THR C 717 8.68 26.94 7.23
CA THR C 717 7.73 27.28 6.21
C THR C 717 8.09 28.63 5.58
N TYR C 718 8.51 29.61 6.39
CA TYR C 718 8.82 30.91 5.82
C TYR C 718 10.13 30.80 5.02
N ILE C 719 11.16 30.19 5.62
CA ILE C 719 12.48 30.13 5.01
C ILE C 719 12.43 29.31 3.70
N SER C 720 11.57 28.29 3.68
CA SER C 720 11.44 27.42 2.49
C SER C 720 10.99 28.22 1.26
N LYS C 721 10.25 29.32 1.49
CA LYS C 721 9.57 30.07 0.44
C LYS C 721 10.11 31.50 0.33
N ALA C 722 11.18 31.82 1.08
CA ALA C 722 11.64 33.20 1.23
C ALA C 722 12.43 33.66 0.00
N ARG C 723 12.20 34.90 -0.42
CA ARG C 723 12.83 35.53 -1.58
C ARG C 723 14.05 36.36 -1.15
N ASN C 724 14.00 36.94 0.06
CA ASN C 724 15.05 37.83 0.52
C ASN C 724 15.98 37.07 1.47
N LEU C 725 16.98 36.40 0.88
CA LEU C 725 17.86 35.50 1.61
C LEU C 725 18.83 36.26 2.52
N ASP C 726 19.14 37.51 2.16
CA ASP C 726 20.05 38.36 2.95
C ASP C 726 19.45 38.61 4.34
N ASP C 727 18.14 38.91 4.37
CA ASP C 727 17.39 39.13 5.61
C ASP C 727 17.31 37.82 6.42
N VAL C 728 17.15 36.68 5.73
CA VAL C 728 17.06 35.39 6.42
C VAL C 728 18.36 35.16 7.19
N VAL C 729 19.51 35.45 6.57
CA VAL C 729 20.79 35.20 7.20
C VAL C 729 20.96 36.16 8.38
N LYS C 730 20.83 37.47 8.14
CA LYS C 730 21.31 38.48 9.11
C LYS C 730 20.33 38.63 10.28
N VAL C 731 19.03 38.39 10.05
CA VAL C 731 17.98 38.67 11.04
C VAL C 731 17.50 37.39 11.73
N LEU C 732 17.13 36.36 10.94
CA LEU C 732 16.42 35.16 11.45
C LEU C 732 17.37 34.10 12.03
N VAL C 733 18.43 33.76 11.29
CA VAL C 733 19.24 32.56 11.51
C VAL C 733 19.91 32.60 12.89
N GLU C 734 20.71 33.63 13.16
CA GLU C 734 21.54 33.60 14.38
C GLU C 734 20.67 33.41 15.61
N PRO C 735 19.60 34.22 15.81
CA PRO C 735 18.64 33.97 16.88
C PRO C 735 18.11 32.53 16.92
N LEU C 736 17.79 31.96 15.75
CA LEU C 736 17.25 30.60 15.67
C LEU C 736 18.27 29.57 16.18
N LEU C 737 19.52 29.67 15.71
CA LEU C 737 20.54 28.68 16.06
C LEU C 737 20.83 28.76 17.55
N ASN C 738 20.78 29.96 18.12
CA ASN C 738 20.99 30.16 19.55
C ASN C 738 19.88 29.47 20.34
N ALA C 739 18.64 29.66 19.90
CA ALA C 739 17.45 29.21 20.61
C ALA C 739 17.32 27.67 20.58
N VAL C 740 17.70 27.01 19.47
CA VAL C 740 17.25 25.62 19.21
C VAL C 740 18.39 24.59 19.35
N LEU C 741 19.64 24.94 18.99
CA LEU C 741 20.69 23.93 18.83
C LEU C 741 21.13 23.38 20.19
N GLU C 742 21.31 24.27 21.16
CA GLU C 742 21.86 23.89 22.45
C GLU C 742 20.82 23.09 23.21
N ASP C 743 19.56 23.55 23.15
CA ASP C 743 18.42 22.93 23.79
C ASP C 743 18.32 21.48 23.33
N TYR C 744 18.52 21.26 22.02
CA TYR C 744 18.43 19.96 21.39
C TYR C 744 19.55 19.08 21.93
N MET C 745 20.78 19.60 21.85
CA MET C 745 21.98 18.88 22.26
C MET C 745 21.90 18.44 23.72
N ASN C 746 21.38 19.32 24.58
CA ASN C 746 21.51 19.20 26.02
C ASN C 746 20.29 18.54 26.66
N ASN C 747 19.25 18.28 25.86
CA ASN C 747 18.10 17.48 26.31
C ASN C 747 18.44 15.99 26.20
N VAL C 748 17.78 15.18 27.02
CA VAL C 748 17.84 13.72 26.93
C VAL C 748 17.18 13.31 25.60
N PRO C 749 17.58 12.16 24.99
CA PRO C 749 17.04 11.76 23.67
C PRO C 749 15.51 11.84 23.50
N ASP C 750 14.75 11.43 24.53
CA ASP C 750 13.27 11.35 24.46
C ASP C 750 12.61 12.74 24.50
N ALA C 751 13.40 13.80 24.76
CA ALA C 751 12.86 15.17 24.78
C ALA C 751 13.36 15.97 23.58
N ARG C 752 14.17 15.35 22.72
CA ARG C 752 14.68 16.00 21.50
C ARG C 752 13.59 15.95 20.43
N ASP C 753 13.25 17.12 19.87
CA ASP C 753 12.27 17.22 18.78
C ASP C 753 13.00 17.01 17.46
N ALA C 754 12.58 15.98 16.71
CA ALA C 754 13.14 15.66 15.40
C ALA C 754 12.90 16.81 14.41
N GLU C 755 11.85 17.59 14.67
CA GLU C 755 11.49 18.79 13.92
C GLU C 755 12.63 19.82 13.91
N VAL C 756 13.52 19.80 14.92
CA VAL C 756 14.72 20.64 14.94
C VAL C 756 15.56 20.30 13.72
N LEU C 757 15.83 19.01 13.50
CA LEU C 757 16.66 18.55 12.39
C LEU C 757 16.01 18.99 11.07
N ASN C 758 14.70 18.75 10.97
CA ASN C 758 13.91 19.10 9.81
C ASN C 758 14.07 20.58 9.48
N CYS C 759 13.93 21.43 10.51
CA CYS C 759 14.01 22.87 10.34
C CYS C 759 15.39 23.23 9.78
N MET C 760 16.45 22.64 10.36
CA MET C 760 17.84 22.94 10.01
C MET C 760 18.13 22.51 8.56
N THR C 761 17.50 21.42 8.11
CA THR C 761 17.64 20.96 6.74
C THR C 761 17.25 22.07 5.77
N THR C 762 16.10 22.69 6.01
CA THR C 762 15.58 23.74 5.15
C THR C 762 16.50 24.96 5.20
N VAL C 763 17.05 25.26 6.38
CA VAL C 763 17.95 26.40 6.55
C VAL C 763 19.19 26.17 5.68
N VAL C 764 19.78 24.97 5.77
CA VAL C 764 20.98 24.64 4.98
C VAL C 764 20.64 24.63 3.48
N GLU C 765 19.44 24.15 3.13
CA GLU C 765 19.00 24.08 1.73
C GLU C 765 19.05 25.48 1.10
N LYS C 766 18.40 26.45 1.73
CA LYS C 766 18.18 27.75 1.14
C LYS C 766 19.40 28.66 1.30
N VAL C 767 20.03 28.67 2.49
CA VAL C 767 21.09 29.64 2.77
C VAL C 767 22.36 28.98 3.33
N GLY C 768 22.48 27.65 3.21
CA GLY C 768 23.65 26.90 3.67
C GLY C 768 24.94 27.48 3.14
N HIS C 769 24.92 27.82 1.84
CA HIS C 769 26.08 28.37 1.13
C HIS C 769 26.52 29.71 1.76
N MET C 770 25.58 30.46 2.33
CA MET C 770 25.85 31.80 2.88
C MET C 770 26.30 31.75 4.34
N ILE C 771 26.23 30.60 5.02
CA ILE C 771 26.54 30.51 6.47
C ILE C 771 27.45 29.30 6.77
N PRO C 772 28.72 29.29 6.30
CA PRO C 772 29.62 28.17 6.52
C PRO C 772 29.90 27.87 8.01
N GLN C 773 30.03 28.94 8.80
CA GLN C 773 30.32 28.85 10.24
C GLN C 773 29.05 28.43 10.99
N GLY C 774 27.88 28.78 10.44
CA GLY C 774 26.58 28.42 10.99
C GLY C 774 26.23 26.95 10.78
N VAL C 775 26.68 26.39 9.65
CA VAL C 775 26.47 24.96 9.36
C VAL C 775 27.35 24.09 10.26
N ILE C 776 28.60 24.49 10.47
CA ILE C 776 29.53 23.81 11.38
C ILE C 776 28.90 23.70 12.78
N LEU C 777 28.20 24.76 13.19
CA LEU C 777 27.57 24.84 14.50
C LEU C 777 26.41 23.85 14.56
N ILE C 778 25.69 23.71 13.42
CA ILE C 778 24.56 22.79 13.32
C ILE C 778 25.08 21.36 13.47
N LEU C 779 26.18 21.01 12.78
CA LEU C 779 26.75 19.66 12.90
C LEU C 779 27.13 19.38 14.36
N GLN C 780 27.99 20.23 14.93
CA GLN C 780 28.51 20.04 16.27
C GLN C 780 27.37 19.75 17.25
N SER C 781 26.25 20.48 17.11
CA SER C 781 25.16 20.43 18.07
C SER C 781 24.26 19.19 17.89
N VAL C 782 24.10 18.69 16.66
CA VAL C 782 23.06 17.64 16.35
C VAL C 782 23.69 16.31 15.92
N PHE C 783 24.91 16.31 15.37
CA PHE C 783 25.47 15.15 14.67
C PHE C 783 25.71 13.97 15.60
N GLU C 784 26.72 14.07 16.47
CA GLU C 784 27.15 12.94 17.31
C GLU C 784 26.00 12.46 18.21
N CYS C 785 25.25 13.40 18.81
CA CYS C 785 24.24 13.06 19.80
C CYS C 785 23.03 12.42 19.13
N THR C 786 22.75 12.76 17.86
CA THR C 786 21.64 12.12 17.09
C THR C 786 22.08 10.74 16.58
N LEU C 787 23.31 10.63 16.08
CA LEU C 787 23.88 9.36 15.60
C LEU C 787 23.81 8.30 16.69
N ASP C 788 23.99 8.71 17.96
CA ASP C 788 24.04 7.77 19.07
C ASP C 788 22.63 7.26 19.39
N MET C 789 21.62 8.09 19.12
CA MET C 789 20.23 7.71 19.31
C MET C 789 19.83 6.59 18.34
N ILE C 790 20.46 6.52 17.16
CA ILE C 790 19.97 5.71 16.03
C ILE C 790 21.00 4.66 15.56
N ASN C 791 22.10 4.43 16.29
CA ASN C 791 23.14 3.50 15.79
C ASN C 791 23.21 2.23 16.64
N LYS C 792 22.17 1.96 17.45
CA LYS C 792 22.10 0.73 18.29
C LYS C 792 21.17 -0.31 17.65
N ASP C 793 20.07 0.14 17.01
CA ASP C 793 19.17 -0.71 16.18
C ASP C 793 18.62 0.13 15.02
N PHE C 794 17.78 -0.47 14.16
CA PHE C 794 17.22 0.19 12.96
C PHE C 794 15.79 0.71 13.22
N THR C 795 15.31 0.57 14.46
CA THR C 795 13.90 0.76 14.81
C THR C 795 13.69 2.10 15.53
N GLU C 796 14.50 2.37 16.57
CA GLU C 796 14.26 3.46 17.52
C GLU C 796 14.46 4.84 16.87
N TYR C 797 13.57 5.77 17.26
CA TYR C 797 13.60 7.18 16.88
C TYR C 797 13.52 7.30 15.37
N PRO C 798 12.39 6.83 14.76
CA PRO C 798 12.24 6.79 13.30
C PRO C 798 12.22 8.17 12.63
N GLU C 799 11.61 9.17 13.27
CA GLU C 799 11.60 10.51 12.69
C GLU C 799 13.04 11.05 12.71
N HIS C 800 13.68 10.98 13.89
CA HIS C 800 15.03 11.49 14.10
C HIS C 800 15.98 10.89 13.06
N ARG C 801 15.84 9.59 12.86
CA ARG C 801 16.68 8.80 11.98
C ARG C 801 16.55 9.29 10.54
N VAL C 802 15.30 9.53 10.13
CA VAL C 802 14.97 9.88 8.78
C VAL C 802 15.42 11.31 8.51
N GLU C 803 15.06 12.22 9.42
CA GLU C 803 15.42 13.64 9.30
C GLU C 803 16.94 13.81 9.41
N PHE C 804 17.59 12.94 10.17
CA PHE C 804 19.05 12.96 10.37
C PHE C 804 19.78 12.79 9.03
N TYR C 805 19.33 11.87 8.17
CA TYR C 805 20.07 11.57 6.91
C TYR C 805 19.70 12.59 5.82
N LYS C 806 18.53 13.20 5.94
CA LYS C 806 18.17 14.35 5.08
C LYS C 806 19.10 15.55 5.37
N LEU C 807 19.41 15.78 6.65
CA LEU C 807 20.23 16.94 7.07
C LEU C 807 21.67 16.77 6.55
N LEU C 808 22.24 15.58 6.73
CA LEU C 808 23.59 15.28 6.27
C LEU C 808 23.68 15.34 4.74
N LYS C 809 22.62 14.90 4.04
CA LYS C 809 22.58 14.89 2.58
C LYS C 809 22.75 16.33 2.06
N VAL C 810 21.93 17.24 2.57
CA VAL C 810 21.88 18.62 2.07
C VAL C 810 23.14 19.39 2.49
N ILE C 811 23.74 19.03 3.63
CA ILE C 811 25.01 19.63 4.02
C ILE C 811 26.10 19.19 3.03
N ASN C 812 26.16 17.88 2.77
CA ASN C 812 27.13 17.30 1.87
C ASN C 812 26.96 17.88 0.46
N GLU C 813 25.72 18.25 0.09
CA GLU C 813 25.44 18.91 -1.18
C GLU C 813 25.92 20.37 -1.18
N LYS C 814 25.46 21.15 -0.19
CA LYS C 814 25.50 22.61 -0.23
C LYS C 814 26.78 23.16 0.43
N SER C 815 27.10 22.65 1.61
CA SER C 815 28.13 23.23 2.44
C SER C 815 29.11 22.14 2.90
N PHE C 816 29.69 21.42 1.93
CA PHE C 816 30.62 20.29 2.17
C PHE C 816 31.83 20.72 3.03
N ALA C 817 32.23 21.99 2.95
CA ALA C 817 33.37 22.55 3.74
C ALA C 817 33.23 22.20 5.22
N ALA C 818 31.98 22.07 5.70
CA ALA C 818 31.67 21.77 7.10
C ALA C 818 32.26 20.41 7.49
N PHE C 819 32.20 19.43 6.59
CA PHE C 819 32.73 18.10 6.85
C PHE C 819 34.26 18.11 6.85
N LEU C 820 34.88 18.99 6.06
CA LEU C 820 36.34 19.13 6.06
C LEU C 820 36.82 19.58 7.45
N GLU C 821 36.09 20.53 8.07
CA GLU C 821 36.49 21.11 9.35
C GLU C 821 36.18 20.15 10.52
N LEU C 822 35.50 19.02 10.27
CA LEU C 822 35.32 18.01 11.33
C LEU C 822 36.67 17.40 11.69
N PRO C 823 37.00 17.25 13.00
CA PRO C 823 38.20 16.51 13.40
C PRO C 823 38.19 15.08 12.85
N PRO C 824 39.36 14.44 12.63
CA PRO C 824 39.41 13.14 11.96
C PRO C 824 38.52 12.06 12.60
N ALA C 825 38.35 12.12 13.93
CA ALA C 825 37.56 11.13 14.69
C ALA C 825 36.07 11.25 14.34
N ALA C 826 35.60 12.49 14.21
CA ALA C 826 34.20 12.74 13.91
C ALA C 826 33.92 12.47 12.43
N PHE C 827 34.90 12.75 11.57
CA PHE C 827 34.82 12.47 10.14
C PHE C 827 34.72 10.95 9.91
N LYS C 828 35.31 10.19 10.83
CA LYS C 828 35.24 8.73 10.83
C LYS C 828 33.81 8.27 11.15
N LEU C 829 33.13 8.96 12.06
CA LEU C 829 31.76 8.65 12.44
C LEU C 829 30.81 9.03 11.29
N PHE C 830 31.15 10.07 10.53
CA PHE C 830 30.38 10.46 9.35
C PHE C 830 30.33 9.29 8.38
N VAL C 831 31.49 8.66 8.11
CA VAL C 831 31.61 7.55 7.20
C VAL C 831 30.84 6.35 7.76
N ASP C 832 30.99 6.11 9.06
CA ASP C 832 30.30 5.02 9.75
C ASP C 832 28.78 5.22 9.65
N ALA C 833 28.33 6.48 9.70
CA ALA C 833 26.91 6.80 9.68
C ALA C 833 26.31 6.54 8.29
N ILE C 834 27.09 6.81 7.24
CA ILE C 834 26.65 6.63 5.85
C ILE C 834 26.42 5.14 5.58
N CYS C 835 27.43 4.32 5.87
CA CYS C 835 27.34 2.88 5.65
C CYS C 835 26.21 2.28 6.51
N TRP C 836 26.03 2.83 7.71
CA TRP C 836 24.93 2.44 8.59
C TRP C 836 23.58 2.67 7.89
N ALA C 837 23.48 3.73 7.10
CA ALA C 837 22.26 4.03 6.34
C ALA C 837 22.00 2.97 5.26
N PHE C 838 23.07 2.45 4.62
CA PHE C 838 22.93 1.38 3.61
C PHE C 838 22.15 0.20 4.18
N LYS C 839 22.54 -0.23 5.38
CA LYS C 839 22.05 -1.46 6.03
C LYS C 839 20.58 -1.35 6.47
N HIS C 840 19.94 -0.20 6.26
CA HIS C 840 18.52 0.00 6.59
C HIS C 840 17.63 -0.64 5.52
N ASN C 841 16.48 -1.16 5.96
CA ASN C 841 15.38 -1.56 5.05
C ASN C 841 14.50 -0.35 4.72
N ASN C 842 14.28 0.52 5.71
CA ASN C 842 13.53 1.76 5.57
C ASN C 842 14.07 2.54 4.37
N ARG C 843 13.18 2.82 3.41
CA ARG C 843 13.54 3.34 2.09
C ARG C 843 14.04 4.78 2.20
N ASP C 844 13.52 5.52 3.17
CA ASP C 844 13.82 6.95 3.26
C ASP C 844 15.29 7.13 3.68
N VAL C 845 15.77 6.24 4.58
CA VAL C 845 17.14 6.27 5.08
C VAL C 845 18.10 5.69 4.03
N GLU C 846 17.75 4.52 3.45
CA GLU C 846 18.61 3.78 2.50
C GLU C 846 18.96 4.64 1.27
N VAL C 847 17.95 5.31 0.70
CA VAL C 847 18.12 6.04 -0.55
C VAL C 847 19.09 7.20 -0.31
N ASN C 848 18.95 7.84 0.86
CA ASN C 848 19.78 8.99 1.25
C ASN C 848 21.20 8.51 1.62
N GLY C 849 21.28 7.38 2.34
CA GLY C 849 22.54 6.70 2.66
C GLY C 849 23.44 6.56 1.44
N LEU C 850 22.87 5.96 0.37
CA LEU C 850 23.59 5.66 -0.86
C LEU C 850 23.84 6.95 -1.65
N GLN C 851 22.94 7.92 -1.52
CA GLN C 851 23.07 9.18 -2.21
C GLN C 851 24.22 10.00 -1.58
N ILE C 852 24.27 10.04 -0.25
CA ILE C 852 25.30 10.77 0.47
C ILE C 852 26.67 10.21 0.07
N ALA C 853 26.80 8.88 0.07
CA ALA C 853 28.04 8.20 -0.25
C ALA C 853 28.50 8.60 -1.64
N LEU C 854 27.55 8.59 -2.58
CA LEU C 854 27.78 8.90 -3.97
C LEU C 854 28.28 10.36 -4.10
N ASP C 855 27.59 11.28 -3.45
CA ASP C 855 27.91 12.71 -3.50
C ASP C 855 29.27 12.97 -2.80
N LEU C 856 29.52 12.28 -1.69
CA LEU C 856 30.78 12.39 -0.91
C LEU C 856 31.98 11.99 -1.77
N VAL C 857 31.80 10.95 -2.60
CA VAL C 857 32.84 10.51 -3.53
C VAL C 857 33.08 11.60 -4.57
N LYS C 858 32.01 12.14 -5.15
CA LYS C 858 32.11 13.22 -6.13
C LYS C 858 32.81 14.44 -5.50
N ASN C 859 32.52 14.73 -4.22
CA ASN C 859 33.11 15.87 -3.51
C ASN C 859 34.62 15.69 -3.35
N ILE C 860 35.07 14.46 -3.08
CA ILE C 860 36.48 14.13 -2.89
C ILE C 860 37.21 14.15 -4.23
N GLU C 861 36.54 13.67 -5.28
CA GLU C 861 37.07 13.69 -6.63
C GLU C 861 37.37 15.15 -7.04
N ARG C 862 36.44 16.04 -6.68
CA ARG C 862 36.42 17.45 -7.09
C ARG C 862 37.53 18.23 -6.36
N MET C 863 38.04 17.69 -5.25
CA MET C 863 39.15 18.29 -4.49
C MET C 863 40.49 18.13 -5.23
N GLY C 864 40.59 17.13 -6.12
CA GLY C 864 41.77 16.91 -6.92
C GLY C 864 42.86 16.18 -6.13
N ASN C 865 44.12 16.57 -6.34
CA ASN C 865 45.29 15.81 -5.89
C ASN C 865 45.89 16.48 -4.64
N VAL C 866 45.04 16.68 -3.61
CA VAL C 866 45.45 17.33 -2.35
C VAL C 866 45.45 16.29 -1.23
N PRO C 867 46.22 16.51 -0.13
CA PRO C 867 46.33 15.54 0.95
C PRO C 867 45.04 15.00 1.61
N PHE C 868 43.93 15.75 1.58
CA PHE C 868 42.72 15.29 2.25
C PHE C 868 42.04 14.18 1.43
N ALA C 869 41.98 14.35 0.11
CA ALA C 869 41.38 13.40 -0.82
C ALA C 869 42.20 12.09 -0.87
N ASN C 870 43.52 12.21 -0.80
CA ASN C 870 44.40 11.06 -0.78
C ASN C 870 44.22 10.27 0.53
N GLU C 871 44.13 10.99 1.65
CA GLU C 871 43.95 10.38 2.97
C GLU C 871 42.54 9.79 3.10
N PHE C 872 41.57 10.29 2.32
CA PHE C 872 40.21 9.74 2.32
C PHE C 872 40.21 8.36 1.64
N HIS C 873 40.95 8.25 0.54
CA HIS C 873 41.03 7.03 -0.22
C HIS C 873 41.81 5.96 0.56
N LYS C 874 42.91 6.37 1.20
CA LYS C 874 43.70 5.45 2.03
C LYS C 874 42.86 4.90 3.18
N ASN C 875 41.94 5.72 3.68
CA ASN C 875 41.16 5.42 4.87
C ASN C 875 39.86 4.70 4.54
N TYR C 876 39.17 5.13 3.47
CA TYR C 876 37.73 4.87 3.36
C TYR C 876 37.31 4.24 2.02
N PHE C 877 38.21 4.14 1.03
CA PHE C 877 37.86 3.59 -0.30
C PHE C 877 37.36 2.16 -0.17
N PHE C 878 38.18 1.29 0.43
CA PHE C 878 37.89 -0.12 0.53
C PHE C 878 36.82 -0.39 1.61
N ILE C 879 36.52 0.61 2.45
CA ILE C 879 35.36 0.52 3.30
C ILE C 879 34.11 0.65 2.43
N PHE C 880 34.05 1.68 1.58
CA PHE C 880 32.87 1.94 0.76
C PHE C 880 32.64 0.79 -0.24
N VAL C 881 33.72 0.25 -0.80
CA VAL C 881 33.59 -0.82 -1.78
C VAL C 881 33.03 -2.06 -1.09
N SER C 882 33.58 -2.40 0.07
CA SER C 882 33.26 -3.64 0.75
C SER C 882 31.87 -3.58 1.39
N GLU C 883 31.48 -2.41 1.88
CA GLU C 883 30.18 -2.21 2.54
C GLU C 883 29.07 -2.17 1.49
N THR C 884 29.39 -1.60 0.32
CA THR C 884 28.50 -1.61 -0.85
C THR C 884 28.28 -3.05 -1.34
N PHE C 885 29.37 -3.83 -1.41
CA PHE C 885 29.29 -5.25 -1.81
C PHE C 885 28.46 -6.07 -0.82
N PHE C 886 28.62 -5.81 0.48
CA PHE C 886 27.88 -6.51 1.53
C PHE C 886 26.37 -6.36 1.30
N VAL C 887 25.91 -5.13 1.03
CA VAL C 887 24.46 -4.90 0.89
C VAL C 887 23.98 -5.40 -0.49
N LEU C 888 24.89 -5.45 -1.49
CA LEU C 888 24.53 -5.95 -2.83
C LEU C 888 24.22 -7.45 -2.78
N THR C 889 24.94 -8.19 -1.93
CA THR C 889 24.99 -9.64 -2.00
C THR C 889 24.25 -10.34 -0.84
N ASP C 890 23.68 -9.60 0.12
CA ASP C 890 23.16 -10.20 1.37
C ASP C 890 21.67 -10.51 1.24
N SER C 891 21.06 -10.15 0.12
CA SER C 891 19.71 -10.63 -0.23
C SER C 891 18.63 -9.91 0.58
N ASP C 892 18.99 -8.87 1.34
CA ASP C 892 18.04 -8.20 2.23
C ASP C 892 18.05 -6.69 2.00
N HIS C 893 18.67 -6.24 0.91
CA HIS C 893 18.65 -4.80 0.48
C HIS C 893 18.43 -4.71 -1.03
N LYS C 894 17.47 -5.52 -1.53
CA LYS C 894 17.24 -5.70 -2.96
C LYS C 894 16.47 -4.49 -3.52
N SER C 895 15.79 -3.75 -2.63
CA SER C 895 15.12 -2.50 -3.01
C SER C 895 16.14 -1.44 -3.46
N GLY C 896 17.37 -1.51 -2.93
CA GLY C 896 18.41 -0.49 -3.16
C GLY C 896 19.43 -0.86 -4.24
N PHE C 897 19.13 -1.88 -5.06
CA PHE C 897 20.09 -2.46 -6.01
C PHE C 897 20.66 -1.39 -6.97
N SER C 898 19.81 -0.47 -7.45
CA SER C 898 20.21 0.46 -8.50
C SER C 898 21.25 1.46 -8.00
N LYS C 899 20.97 2.09 -6.84
CA LYS C 899 21.87 3.07 -6.26
C LYS C 899 23.17 2.40 -5.82
N GLN C 900 23.06 1.14 -5.36
CA GLN C 900 24.21 0.31 -4.96
C GLN C 900 25.11 0.03 -6.17
N ALA C 901 24.48 -0.42 -7.26
CA ALA C 901 25.20 -0.69 -8.51
C ALA C 901 25.90 0.59 -9.01
N LEU C 902 25.20 1.72 -8.95
CA LEU C 902 25.75 3.00 -9.43
C LEU C 902 26.91 3.44 -8.52
N LEU C 903 26.73 3.32 -7.20
CA LEU C 903 27.77 3.69 -6.25
C LEU C 903 29.00 2.82 -6.47
N LEU C 904 28.78 1.52 -6.65
CA LEU C 904 29.87 0.56 -6.81
C LEU C 904 30.61 0.85 -8.12
N MET C 905 29.88 1.22 -9.18
CA MET C 905 30.50 1.47 -10.47
C MET C 905 31.40 2.71 -10.38
N LYS C 906 30.92 3.75 -9.70
CA LYS C 906 31.67 4.98 -9.54
C LYS C 906 32.98 4.70 -8.79
N LEU C 907 32.88 3.91 -7.72
CA LEU C 907 34.05 3.53 -6.91
C LEU C 907 35.10 2.82 -7.76
N ILE C 908 34.65 1.92 -8.66
CA ILE C 908 35.56 1.12 -9.50
C ILE C 908 36.15 2.00 -10.60
N SER C 909 35.33 2.90 -11.15
CA SER C 909 35.73 3.77 -12.27
C SER C 909 36.89 4.69 -11.86
N LEU C 910 36.96 5.06 -10.57
CA LEU C 910 38.03 5.92 -10.07
C LEU C 910 39.40 5.27 -10.28
N VAL C 911 39.47 3.95 -10.12
CA VAL C 911 40.72 3.22 -10.24
C VAL C 911 40.99 2.88 -11.71
N TYR C 912 39.93 2.70 -12.50
CA TYR C 912 40.06 2.39 -13.92
C TYR C 912 40.63 3.61 -14.68
N ASP C 913 40.22 4.83 -14.28
CA ASP C 913 40.66 6.08 -14.90
C ASP C 913 41.90 6.65 -14.21
N ASN C 914 42.27 6.09 -13.06
CA ASN C 914 43.45 6.50 -12.28
C ASN C 914 43.22 7.89 -11.67
N LYS C 915 42.04 8.08 -11.04
CA LYS C 915 41.67 9.37 -10.46
C LYS C 915 42.05 9.38 -8.98
N ILE C 916 42.45 8.23 -8.43
CA ILE C 916 43.09 8.15 -7.10
C ILE C 916 44.60 8.21 -7.32
N SER C 917 45.23 9.26 -6.78
CA SER C 917 46.60 9.63 -7.11
C SER C 917 47.61 8.74 -6.36
N VAL C 918 47.38 8.57 -5.04
CA VAL C 918 48.26 7.78 -4.18
C VAL C 918 47.98 6.28 -4.39
N PRO C 919 48.89 5.38 -3.98
CA PRO C 919 48.59 3.95 -3.86
C PRO C 919 47.55 3.65 -2.77
N LEU C 920 46.72 2.63 -3.00
CA LEU C 920 45.64 2.24 -2.09
C LEU C 920 46.13 1.19 -1.09
N TYR C 921 47.38 0.74 -1.22
CA TYR C 921 48.00 -0.26 -0.36
C TYR C 921 49.09 0.40 0.49
N GLN C 922 49.24 -0.04 1.75
CA GLN C 922 50.36 0.41 2.62
C GLN C 922 51.66 -0.22 2.12
N GLU C 923 52.79 0.44 2.40
CA GLU C 923 54.10 0.08 1.86
C GLU C 923 54.44 -1.37 2.25
N ALA C 924 55.11 -2.07 1.32
CA ALA C 924 55.67 -3.42 1.51
C ALA C 924 54.56 -4.49 1.59
N GLU C 925 53.35 -4.15 1.15
CA GLU C 925 52.23 -5.10 1.12
C GLU C 925 52.20 -5.81 -0.25
N VAL C 926 52.58 -5.07 -1.30
CA VAL C 926 52.63 -5.53 -2.67
C VAL C 926 53.92 -4.97 -3.28
N PRO C 927 54.50 -5.60 -4.33
CA PRO C 927 55.53 -4.96 -5.16
C PRO C 927 55.33 -3.45 -5.41
N GLN C 928 56.44 -2.74 -5.66
CA GLN C 928 56.48 -1.29 -5.49
C GLN C 928 55.72 -0.58 -6.62
N GLY C 929 56.17 -0.75 -7.87
CA GLY C 929 55.54 -0.08 -9.01
C GLY C 929 54.27 -0.77 -9.46
N THR C 930 53.22 -0.76 -8.62
CA THR C 930 51.98 -1.53 -8.86
C THR C 930 50.78 -0.59 -8.98
N SER C 931 50.07 -0.68 -10.12
CA SER C 931 48.86 0.08 -10.35
C SER C 931 47.77 -0.33 -9.35
N ASN C 932 46.86 0.60 -9.08
CA ASN C 932 45.72 0.37 -8.19
C ASN C 932 44.75 -0.62 -8.84
N GLN C 933 44.74 -0.71 -10.18
CA GLN C 933 43.89 -1.68 -10.90
C GLN C 933 44.19 -3.10 -10.43
N VAL C 934 45.49 -3.43 -10.35
CA VAL C 934 45.95 -4.78 -10.05
C VAL C 934 45.59 -5.12 -8.60
N TYR C 935 45.87 -4.20 -7.68
CA TYR C 935 45.62 -4.41 -6.25
C TYR C 935 44.12 -4.38 -5.93
N LEU C 936 43.34 -3.67 -6.75
CA LEU C 936 41.88 -3.68 -6.63
C LEU C 936 41.36 -5.09 -6.95
N SER C 937 41.88 -5.69 -8.02
CA SER C 937 41.48 -7.04 -8.46
C SER C 937 41.85 -8.08 -7.40
N GLN C 938 42.95 -7.87 -6.68
CA GLN C 938 43.46 -8.80 -5.68
C GLN C 938 42.66 -8.67 -4.37
N TYR C 939 42.40 -7.44 -3.93
CA TYR C 939 41.63 -7.18 -2.72
C TYR C 939 40.24 -7.80 -2.86
N LEU C 940 39.59 -7.57 -4.01
CA LEU C 940 38.24 -8.07 -4.30
C LEU C 940 38.24 -9.59 -4.45
N ALA C 941 39.24 -10.13 -5.17
CA ALA C 941 39.39 -11.58 -5.33
C ALA C 941 39.46 -12.23 -3.95
N ASN C 942 40.20 -11.60 -3.04
CA ASN C 942 40.39 -12.11 -1.69
C ASN C 942 39.08 -11.95 -0.92
N MET C 943 38.50 -10.76 -0.99
CA MET C 943 37.34 -10.40 -0.22
C MET C 943 36.20 -11.36 -0.54
N LEU C 944 36.00 -11.62 -1.85
CA LEU C 944 34.88 -12.43 -2.33
C LEU C 944 35.13 -13.91 -2.01
N SER C 945 36.39 -14.34 -2.10
CA SER C 945 36.79 -15.72 -1.77
C SER C 945 36.37 -16.05 -0.34
N ASN C 946 36.55 -15.09 0.58
CA ASN C 946 36.28 -15.31 2.01
C ASN C 946 34.78 -15.24 2.28
N ALA C 947 34.09 -14.34 1.57
CA ALA C 947 32.64 -14.12 1.73
C ALA C 947 31.82 -15.25 1.08
N PHE C 948 32.33 -15.81 -0.03
CA PHE C 948 31.65 -16.85 -0.81
C PHE C 948 32.66 -17.94 -1.12
N PRO C 949 32.98 -18.82 -0.15
CA PRO C 949 34.08 -19.79 -0.31
C PRO C 949 33.73 -20.93 -1.28
N HIS C 950 32.44 -21.11 -1.57
CA HIS C 950 31.95 -22.16 -2.48
C HIS C 950 32.15 -21.76 -3.94
N LEU C 951 32.47 -20.48 -4.18
CA LEU C 951 32.87 -20.02 -5.50
C LEU C 951 34.27 -20.54 -5.82
N THR C 952 34.54 -20.80 -7.10
CA THR C 952 35.88 -21.15 -7.56
C THR C 952 36.69 -19.87 -7.73
N SER C 953 38.02 -20.03 -7.81
CA SER C 953 38.92 -18.92 -8.08
C SER C 953 38.67 -18.39 -9.50
N GLU C 954 38.38 -19.30 -10.43
CA GLU C 954 38.12 -18.99 -11.83
C GLU C 954 36.85 -18.12 -11.95
N GLN C 955 35.79 -18.51 -11.21
CA GLN C 955 34.51 -17.80 -11.16
C GLN C 955 34.74 -16.35 -10.73
N ILE C 956 35.48 -16.17 -9.63
CA ILE C 956 35.69 -14.85 -9.00
C ILE C 956 36.52 -13.96 -9.93
N ALA C 957 37.57 -14.53 -10.54
CA ALA C 957 38.45 -13.79 -11.43
C ALA C 957 37.69 -13.34 -12.69
N SER C 958 36.81 -14.21 -13.20
CA SER C 958 36.06 -13.95 -14.44
C SER C 958 35.02 -12.85 -14.22
N PHE C 959 34.30 -12.92 -13.09
CA PHE C 959 33.29 -11.93 -12.67
C PHE C 959 33.90 -10.54 -12.59
N LEU C 960 35.12 -10.45 -12.05
CA LEU C 960 35.77 -9.17 -11.76
C LEU C 960 36.36 -8.57 -13.05
N SER C 961 36.87 -9.43 -13.96
CA SER C 961 37.34 -8.98 -15.29
C SER C 961 36.19 -8.26 -16.01
N ALA C 962 35.04 -8.94 -16.04
CA ALA C 962 33.84 -8.40 -16.62
C ALA C 962 33.47 -7.08 -15.93
N LEU C 963 33.27 -7.13 -14.61
CA LEU C 963 32.74 -6.02 -13.83
C LEU C 963 33.57 -4.74 -14.06
N THR C 964 34.90 -4.86 -14.10
CA THR C 964 35.80 -3.70 -14.24
C THR C 964 35.83 -3.18 -15.69
N LYS C 965 35.77 -4.09 -16.67
CA LYS C 965 35.74 -3.70 -18.09
C LYS C 965 34.41 -2.98 -18.39
N GLN C 966 33.36 -3.32 -17.64
CA GLN C 966 32.00 -2.83 -17.88
C GLN C 966 31.63 -1.68 -16.93
N CYS C 967 32.60 -0.95 -16.39
CA CYS C 967 32.33 0.08 -15.37
C CYS C 967 32.09 1.48 -16.00
N LYS C 968 31.90 1.51 -17.32
CA LYS C 968 31.46 2.71 -18.04
C LYS C 968 29.99 2.55 -18.43
N ASP C 969 29.60 1.35 -18.90
CA ASP C 969 28.21 1.07 -19.24
C ASP C 969 27.49 0.54 -18.00
N LEU C 970 26.49 1.28 -17.51
CA LEU C 970 25.83 1.01 -16.24
C LEU C 970 24.92 -0.22 -16.35
N VAL C 971 24.16 -0.33 -17.44
CA VAL C 971 23.11 -1.36 -17.54
C VAL C 971 23.77 -2.76 -17.67
N VAL C 972 24.95 -2.80 -18.29
CA VAL C 972 25.69 -4.04 -18.52
C VAL C 972 26.32 -4.46 -17.20
N PHE C 973 26.97 -3.50 -16.54
CA PHE C 973 27.47 -3.62 -15.15
C PHE C 973 26.37 -4.19 -14.23
N LYS C 974 25.17 -3.60 -14.27
CA LYS C 974 24.05 -4.06 -13.48
C LYS C 974 23.73 -5.51 -13.84
N GLY C 975 23.87 -5.87 -15.13
CA GLY C 975 23.61 -7.23 -15.59
C GLY C 975 24.60 -8.24 -15.02
N THR C 976 25.88 -7.85 -14.99
CA THR C 976 26.96 -8.65 -14.49
C THR C 976 26.84 -8.82 -12.96
N LEU C 977 26.33 -7.82 -12.25
CA LEU C 977 26.07 -7.95 -10.84
C LEU C 977 24.96 -9.00 -10.61
N ARG C 978 23.88 -8.93 -11.40
CA ARG C 978 22.71 -9.83 -11.28
C ARG C 978 23.12 -11.29 -11.52
N ASP C 979 24.10 -11.50 -12.42
CA ASP C 979 24.62 -12.82 -12.74
C ASP C 979 25.41 -13.36 -11.53
N PHE C 980 26.16 -12.47 -10.86
CA PHE C 980 26.87 -12.81 -9.63
C PHE C 980 25.87 -13.18 -8.53
N LEU C 981 24.74 -12.48 -8.41
CA LEU C 981 23.74 -12.77 -7.37
C LEU C 981 23.09 -14.15 -7.58
N VAL C 982 23.09 -14.66 -8.82
CA VAL C 982 22.60 -16.03 -9.11
C VAL C 982 23.65 -17.05 -8.68
N GLN C 983 24.88 -16.85 -9.13
CA GLN C 983 25.94 -17.84 -8.99
C GLN C 983 26.35 -18.03 -7.52
N ILE C 984 26.16 -17.03 -6.66
CA ILE C 984 26.48 -17.16 -5.22
C ILE C 984 25.41 -18.03 -4.52
N LYS C 985 24.21 -18.15 -5.12
CA LYS C 985 23.11 -18.95 -4.57
C LYS C 985 23.28 -20.44 -4.91
N GLU C 986 24.24 -20.78 -5.77
CA GLU C 986 24.43 -22.19 -6.19
C GLU C 986 25.92 -22.53 -6.22
N VAL C 987 26.21 -23.83 -6.38
CA VAL C 987 27.56 -24.32 -6.56
C VAL C 987 27.80 -24.65 -8.04
N GLY C 988 29.02 -24.38 -8.51
CA GLY C 988 29.51 -24.84 -9.81
C GLY C 988 28.93 -24.04 -10.97
N GLY C 989 28.70 -22.75 -10.74
CA GLY C 989 28.26 -21.83 -11.79
C GLY C 989 29.33 -21.67 -12.84
N ASP C 990 28.91 -21.50 -14.10
CA ASP C 990 29.82 -21.42 -15.24
C ASP C 990 30.51 -20.06 -15.21
N PRO C 991 31.86 -20.00 -15.13
CA PRO C 991 32.58 -18.73 -15.12
C PRO C 991 32.52 -17.96 -16.45
N THR C 992 32.25 -18.68 -17.55
CA THR C 992 32.18 -18.11 -18.88
C THR C 992 30.92 -17.24 -19.01
N ASP C 993 29.91 -17.47 -18.17
CA ASP C 993 28.65 -16.70 -18.16
C ASP C 993 28.90 -15.18 -18.11
N TYR C 994 30.04 -14.74 -17.56
CA TYR C 994 30.38 -13.31 -17.39
C TYR C 994 30.97 -12.70 -18.67
N LEU C 995 31.10 -13.48 -19.76
CA LEU C 995 31.53 -12.95 -21.07
C LEU C 995 30.32 -12.64 -21.96
N PHE C 996 29.10 -12.73 -21.42
CA PHE C 996 27.83 -12.57 -22.16
C PHE C 996 27.81 -11.30 -23.02
N ALA C 997 28.17 -10.17 -22.42
CA ALA C 997 28.34 -8.89 -23.08
C ALA C 997 29.80 -8.71 -23.52
N ASP D 4 -28.19 37.36 -16.78
CA ASP D 4 -28.54 38.59 -16.04
C ASP D 4 -29.87 38.42 -15.30
N ASP D 5 -30.96 38.20 -16.06
CA ASP D 5 -32.34 38.19 -15.54
C ASP D 5 -32.55 36.91 -14.73
N THR D 6 -32.12 35.78 -15.34
CA THR D 6 -32.17 34.44 -14.72
C THR D 6 -31.16 34.31 -13.56
N VAL D 7 -30.07 35.10 -13.63
CA VAL D 7 -28.93 35.04 -12.68
C VAL D 7 -29.33 35.70 -11.36
N ASP D 8 -30.07 36.81 -11.45
CA ASP D 8 -30.45 37.61 -10.30
C ASP D 8 -31.52 36.87 -9.48
N GLU D 9 -32.40 36.13 -10.18
CA GLU D 9 -33.52 35.41 -9.55
C GLU D 9 -33.01 34.09 -8.95
N LEU D 10 -31.84 33.65 -9.41
CA LEU D 10 -31.07 32.54 -8.81
C LEU D 10 -30.40 33.00 -7.50
N THR D 11 -29.74 34.16 -7.56
CA THR D 11 -29.06 34.78 -6.43
C THR D 11 -30.03 34.94 -5.25
N LYS D 12 -31.25 35.42 -5.53
CA LYS D 12 -32.30 35.64 -4.51
C LYS D 12 -32.74 34.30 -3.90
N LYS D 13 -32.85 33.26 -4.75
CA LYS D 13 -33.22 31.91 -4.29
C LYS D 13 -32.10 31.32 -3.44
N PHE D 14 -30.84 31.67 -3.77
CA PHE D 14 -29.67 31.15 -3.06
C PHE D 14 -29.65 31.70 -1.62
N GLY D 15 -29.92 33.01 -1.49
CA GLY D 15 -29.96 33.71 -0.22
C GLY D 15 -30.88 33.05 0.79
N THR D 16 -32.00 32.50 0.32
CA THR D 16 -33.06 31.92 1.18
C THR D 16 -32.75 30.47 1.58
N LEU D 17 -31.64 29.89 1.10
CA LEU D 17 -31.26 28.46 1.35
C LEU D 17 -31.02 28.24 2.84
N THR D 18 -31.68 27.23 3.44
CA THR D 18 -31.48 26.90 4.86
C THR D 18 -31.45 25.37 5.06
N ILE D 19 -31.05 24.96 6.26
CA ILE D 19 -31.05 23.57 6.69
C ILE D 19 -32.19 23.33 7.69
N HIS D 20 -32.84 24.42 8.15
CA HIS D 20 -33.93 24.37 9.11
C HIS D 20 -35.26 24.18 8.36
N ASP D 21 -36.17 23.39 8.94
CA ASP D 21 -37.52 23.17 8.39
C ASP D 21 -38.39 24.43 8.56
N ASP D 22 -38.38 25.00 9.78
CA ASP D 22 -39.20 26.16 10.14
C ASP D 22 -38.31 27.41 10.17
#